data_2KQ8
#
_entry.id   2KQ8
#
_entity_poly.entity_id   1
_entity_poly.type   'polypeptide(L)'
_entity_poly.pdbx_seq_one_letter_code
;MIGDYYINASALNVRSGEGTNYRIIGALPQGQKVQVISENSGWSKINYNGQTGYIGTRYLSKLEHHHHHH
;
_entity_poly.pdbx_strand_id   A
#
# COMPACT_ATOMS: atom_id res chain seq x y z
N MET A 1 1.56 16.45 12.78
CA MET A 1 0.56 15.50 13.29
C MET A 1 -0.84 16.06 13.06
N ILE A 2 -1.81 15.15 12.84
CA ILE A 2 -3.19 15.52 12.54
C ILE A 2 -3.25 16.18 11.15
N GLY A 3 -2.19 15.98 10.38
CA GLY A 3 -2.14 16.50 9.02
C GLY A 3 -2.46 15.42 8.01
N ASP A 4 -2.85 14.27 8.53
CA ASP A 4 -3.22 13.15 7.69
C ASP A 4 -4.57 13.44 7.01
N TYR A 5 -4.49 13.85 5.76
CA TYR A 5 -5.68 14.15 4.97
C TYR A 5 -5.55 13.46 3.62
N TYR A 6 -4.85 12.33 3.62
CA TYR A 6 -4.64 11.56 2.41
C TYR A 6 -5.94 10.94 1.94
N ILE A 7 -6.06 10.76 0.62
CA ILE A 7 -7.23 10.13 0.05
C ILE A 7 -7.35 8.71 0.60
N ASN A 8 -6.22 8.00 0.59
CA ASN A 8 -6.12 6.66 1.16
C ASN A 8 -6.95 5.65 0.37
N ALA A 9 -8.27 5.71 0.53
CA ALA A 9 -9.19 4.87 -0.21
C ALA A 9 -8.90 3.38 0.00
N SER A 10 -9.27 2.57 -0.98
CA SER A 10 -8.99 1.15 -0.95
C SER A 10 -8.67 0.65 -2.35
N ALA A 11 -7.37 0.53 -2.64
CA ALA A 11 -6.92 0.08 -3.94
C ALA A 11 -5.69 -0.82 -3.77
N LEU A 12 -4.86 -0.90 -4.81
CA LEU A 12 -3.61 -1.64 -4.73
C LEU A 12 -2.63 -0.87 -3.85
N ASN A 13 -2.65 -1.18 -2.56
CA ASN A 13 -1.95 -0.38 -1.55
C ASN A 13 -0.60 -0.99 -1.19
N VAL A 14 -0.49 -2.31 -1.28
CA VAL A 14 0.76 -3.00 -0.93
C VAL A 14 1.85 -2.59 -1.91
N ARG A 15 1.54 -2.70 -3.19
CA ARG A 15 2.35 -2.18 -4.27
C ARG A 15 1.47 -1.92 -5.47
N SER A 16 2.07 -1.49 -6.58
CA SER A 16 1.35 -1.23 -7.83
C SER A 16 0.56 0.07 -7.72
N GLY A 17 0.72 0.77 -6.59
CA GLY A 17 0.05 2.03 -6.40
C GLY A 17 1.00 3.20 -6.43
N GLU A 18 2.19 2.96 -6.96
CA GLU A 18 3.21 4.00 -7.05
C GLU A 18 3.21 4.58 -8.45
N GLY A 19 3.19 3.68 -9.42
CA GLY A 19 3.31 4.06 -10.80
C GLY A 19 4.70 3.78 -11.31
N THR A 20 5.50 3.16 -10.45
CA THR A 20 6.89 2.85 -10.77
C THR A 20 7.04 1.39 -11.17
N ASN A 21 6.52 0.50 -10.32
CA ASN A 21 6.58 -0.93 -10.57
C ASN A 21 5.26 -1.58 -10.15
N TYR A 22 4.31 -1.63 -11.07
CA TYR A 22 2.94 -2.00 -10.71
C TYR A 22 2.65 -3.47 -10.95
N ARG A 23 3.65 -4.25 -11.32
CA ARG A 23 3.42 -5.66 -11.63
C ARG A 23 3.96 -6.56 -10.53
N ILE A 24 4.56 -5.96 -9.52
CA ILE A 24 5.22 -6.73 -8.47
C ILE A 24 4.22 -7.34 -7.48
N ILE A 25 3.36 -6.51 -6.88
CA ILE A 25 2.39 -7.00 -5.90
C ILE A 25 1.07 -6.28 -6.09
N GLY A 26 0.06 -6.64 -5.29
CA GLY A 26 -1.25 -6.04 -5.44
C GLY A 26 -1.76 -5.44 -4.13
N ALA A 27 -2.86 -5.96 -3.63
CA ALA A 27 -3.49 -5.41 -2.44
C ALA A 27 -4.01 -6.50 -1.51
N LEU A 28 -3.30 -6.72 -0.42
CA LEU A 28 -3.76 -7.62 0.63
C LEU A 28 -3.19 -7.21 1.99
N PRO A 29 -3.46 -5.96 2.44
CA PRO A 29 -2.96 -5.44 3.69
C PRO A 29 -3.97 -5.60 4.83
N GLN A 30 -3.51 -5.41 6.07
CA GLN A 30 -4.37 -5.47 7.26
C GLN A 30 -4.98 -6.86 7.44
N GLY A 31 -4.42 -7.60 8.38
CA GLY A 31 -4.89 -8.95 8.64
C GLY A 31 -3.92 -9.98 8.10
N GLN A 32 -3.26 -9.63 7.01
CA GLN A 32 -2.26 -10.50 6.41
C GLN A 32 -0.87 -10.09 6.87
N LYS A 33 0.15 -10.70 6.28
CA LYS A 33 1.53 -10.42 6.67
C LYS A 33 2.05 -9.21 5.89
N VAL A 34 3.10 -8.57 6.43
CA VAL A 34 3.73 -7.40 5.81
C VAL A 34 2.90 -6.13 5.97
N GLN A 35 3.53 -5.10 6.51
CA GLN A 35 2.90 -3.80 6.69
C GLN A 35 3.87 -2.69 6.30
N VAL A 36 3.40 -1.45 6.33
CA VAL A 36 4.26 -0.31 6.07
C VAL A 36 5.13 -0.03 7.29
N ILE A 37 6.44 0.02 7.08
CA ILE A 37 7.36 0.24 8.19
C ILE A 37 7.45 1.72 8.52
N SER A 38 7.80 2.52 7.53
CA SER A 38 7.93 3.97 7.70
C SER A 38 8.12 4.65 6.37
N GLU A 39 7.66 5.90 6.30
CA GLU A 39 7.77 6.70 5.10
C GLU A 39 9.18 7.29 4.98
N ASN A 40 9.77 7.16 3.82
CA ASN A 40 11.12 7.67 3.59
C ASN A 40 11.21 8.41 2.26
N SER A 41 11.46 9.71 2.35
CA SER A 41 11.68 10.56 1.18
C SER A 41 10.40 10.79 0.38
N GLY A 42 9.28 10.31 0.90
CA GLY A 42 8.00 10.49 0.22
C GLY A 42 7.25 9.18 0.08
N TRP A 43 7.95 8.16 -0.40
CA TRP A 43 7.38 6.83 -0.51
C TRP A 43 7.49 6.08 0.81
N SER A 44 6.69 5.05 0.98
CA SER A 44 6.70 4.26 2.20
C SER A 44 7.57 3.02 2.03
N LYS A 45 8.32 2.70 3.07
CA LYS A 45 9.17 1.53 3.10
C LYS A 45 8.38 0.28 3.46
N ILE A 46 8.36 -0.68 2.54
CA ILE A 46 7.76 -1.98 2.81
C ILE A 46 8.67 -3.09 2.33
N ASN A 47 8.68 -4.19 3.07
CA ASN A 47 9.41 -5.38 2.68
C ASN A 47 8.43 -6.53 2.58
N TYR A 48 8.22 -7.01 1.39
CA TYR A 48 7.16 -7.97 1.13
C TYR A 48 7.71 -9.37 0.95
N ASN A 49 7.90 -10.07 2.05
CA ASN A 49 8.32 -11.48 2.01
C ASN A 49 9.70 -11.61 1.35
N GLY A 50 10.63 -10.76 1.76
CA GLY A 50 12.00 -10.88 1.29
C GLY A 50 12.30 -10.01 0.08
N GLN A 51 11.27 -9.55 -0.61
CA GLN A 51 11.47 -8.63 -1.73
C GLN A 51 11.12 -7.21 -1.32
N THR A 52 12.05 -6.31 -1.57
CA THR A 52 11.95 -4.94 -1.10
C THR A 52 11.21 -4.06 -2.11
N GLY A 53 10.56 -3.01 -1.62
CA GLY A 53 9.86 -2.11 -2.52
C GLY A 53 9.53 -0.77 -1.88
N TYR A 54 9.01 0.14 -2.69
CA TYR A 54 8.52 1.43 -2.23
C TYR A 54 7.16 1.70 -2.83
N ILE A 55 6.28 2.36 -2.08
CA ILE A 55 4.96 2.71 -2.60
C ILE A 55 4.60 4.13 -2.21
N GLY A 56 3.63 4.70 -2.91
CA GLY A 56 3.22 6.05 -2.63
C GLY A 56 2.33 6.13 -1.41
N THR A 57 2.74 6.94 -0.45
CA THR A 57 2.02 7.08 0.82
C THR A 57 0.62 7.70 0.61
N ARG A 58 0.35 8.14 -0.61
CA ARG A 58 -0.92 8.75 -0.95
C ARG A 58 -2.07 7.73 -0.84
N TYR A 59 -1.80 6.49 -1.23
CA TYR A 59 -2.82 5.46 -1.24
C TYR A 59 -2.39 4.24 -0.42
N LEU A 60 -3.20 3.96 0.58
CA LEU A 60 -3.01 2.85 1.50
C LEU A 60 -4.37 2.48 2.07
N SER A 61 -4.46 1.44 2.87
CA SER A 61 -5.74 1.13 3.49
C SER A 61 -5.71 1.36 4.99
N LYS A 62 -6.56 2.27 5.43
CA LYS A 62 -6.75 2.56 6.85
C LYS A 62 -8.01 3.40 7.02
N LEU A 63 -8.40 4.09 5.94
CA LEU A 63 -9.64 4.85 5.90
C LEU A 63 -10.80 3.93 5.57
N GLU A 64 -10.71 2.69 6.04
CA GLU A 64 -11.79 1.73 5.87
C GLU A 64 -12.97 2.11 6.75
N HIS A 65 -14.06 1.34 6.67
CA HIS A 65 -15.33 1.72 7.25
C HIS A 65 -15.94 2.89 6.47
N HIS A 66 -15.51 3.00 5.21
CA HIS A 66 -15.98 4.07 4.33
C HIS A 66 -17.21 3.61 3.56
N HIS A 67 -18.22 4.47 3.51
CA HIS A 67 -19.47 4.13 2.87
C HIS A 67 -19.42 4.42 1.37
N HIS A 68 -20.12 3.60 0.61
CA HIS A 68 -20.23 3.80 -0.84
C HIS A 68 -21.52 4.56 -1.15
N HIS A 69 -21.85 5.49 -0.26
CA HIS A 69 -23.15 6.15 -0.27
C HIS A 69 -24.23 5.14 0.08
N HIS A 70 -24.47 5.00 1.38
CA HIS A 70 -25.38 4.00 1.92
C HIS A 70 -24.90 2.59 1.59
N MET A 1 2.76 9.68 -9.77
CA MET A 1 1.74 10.01 -10.80
C MET A 1 1.80 11.50 -11.12
N ILE A 2 1.01 11.94 -12.08
CA ILE A 2 0.96 13.35 -12.43
C ILE A 2 -0.25 14.01 -11.77
N GLY A 3 -1.43 13.48 -12.03
CA GLY A 3 -2.64 14.00 -11.45
C GLY A 3 -3.75 12.99 -11.53
N ASP A 4 -3.34 11.73 -11.62
CA ASP A 4 -4.25 10.60 -11.74
C ASP A 4 -5.19 10.54 -10.54
N TYR A 5 -6.45 10.84 -10.77
CA TYR A 5 -7.42 10.95 -9.69
C TYR A 5 -8.27 9.69 -9.60
N TYR A 6 -7.86 8.79 -8.73
CA TYR A 6 -8.63 7.59 -8.42
C TYR A 6 -8.97 7.58 -6.95
N ILE A 7 -7.93 7.60 -6.13
CA ILE A 7 -8.03 7.46 -4.69
C ILE A 7 -8.73 6.15 -4.33
N ASN A 8 -7.95 5.07 -4.34
CA ASN A 8 -8.46 3.71 -4.11
C ASN A 8 -9.37 3.26 -5.27
N ALA A 9 -9.89 2.05 -5.16
CA ALA A 9 -10.80 1.49 -6.17
C ALA A 9 -10.10 1.30 -7.51
N SER A 10 -8.81 0.98 -7.45
CA SER A 10 -8.00 0.78 -8.64
C SER A 10 -6.82 -0.14 -8.30
N ALA A 11 -5.94 -0.37 -9.26
CA ALA A 11 -4.75 -1.18 -9.03
C ALA A 11 -3.86 -0.54 -7.97
N LEU A 12 -3.73 0.78 -8.05
CA LEU A 12 -3.01 1.55 -7.05
C LEU A 12 -3.89 1.75 -5.83
N ASN A 13 -4.14 0.66 -5.13
CA ASN A 13 -5.01 0.66 -3.96
C ASN A 13 -4.24 0.27 -2.71
N VAL A 14 -3.42 -0.78 -2.83
CA VAL A 14 -2.68 -1.29 -1.68
C VAL A 14 -1.18 -1.33 -1.97
N ARG A 15 -0.78 -2.20 -2.89
CA ARG A 15 0.64 -2.34 -3.24
C ARG A 15 0.83 -2.28 -4.74
N SER A 16 1.92 -1.66 -5.16
CA SER A 16 2.35 -1.63 -6.56
C SER A 16 1.22 -1.34 -7.53
N GLY A 17 0.79 -0.09 -7.57
CA GLY A 17 -0.22 0.31 -8.52
C GLY A 17 0.22 1.52 -9.33
N GLU A 18 1.26 2.18 -8.86
CA GLU A 18 1.75 3.38 -9.50
C GLU A 18 3.17 3.68 -9.00
N GLY A 19 4.14 3.61 -9.89
CA GLY A 19 5.50 3.91 -9.51
C GLY A 19 6.50 3.07 -10.27
N THR A 20 7.66 2.84 -9.66
CA THR A 20 8.73 2.09 -10.29
C THR A 20 8.36 0.61 -10.45
N ASN A 21 7.58 0.09 -9.52
CA ASN A 21 7.13 -1.30 -9.58
C ASN A 21 5.63 -1.36 -9.32
N TYR A 22 4.90 -1.94 -10.26
CA TYR A 22 3.45 -1.91 -10.21
C TYR A 22 2.82 -3.30 -10.39
N ARG A 23 3.62 -4.36 -10.39
CA ARG A 23 3.08 -5.68 -10.69
C ARG A 23 3.19 -6.66 -9.51
N ILE A 24 3.96 -6.29 -8.47
CA ILE A 24 4.33 -7.27 -7.44
C ILE A 24 3.16 -7.77 -6.59
N ILE A 25 2.41 -6.90 -5.93
CA ILE A 25 1.34 -7.38 -5.05
C ILE A 25 -0.04 -7.04 -5.62
N GLY A 26 -0.36 -5.75 -5.73
CA GLY A 26 -1.63 -5.36 -6.29
C GLY A 26 -2.60 -4.81 -5.25
N ALA A 27 -3.88 -4.97 -5.50
CA ALA A 27 -4.92 -4.42 -4.65
C ALA A 27 -5.68 -5.52 -3.91
N LEU A 28 -5.28 -5.77 -2.67
CA LEU A 28 -5.95 -6.75 -1.83
C LEU A 28 -5.61 -6.50 -0.36
N PRO A 29 -6.40 -5.63 0.31
CA PRO A 29 -6.15 -5.28 1.71
C PRO A 29 -6.75 -6.32 2.65
N GLN A 30 -6.01 -7.41 2.86
CA GLN A 30 -6.50 -8.50 3.68
C GLN A 30 -5.81 -8.49 5.04
N GLY A 31 -4.49 -8.36 5.02
CA GLY A 31 -3.74 -8.35 6.25
C GLY A 31 -2.59 -7.35 6.21
N GLN A 32 -2.78 -6.23 6.89
CA GLN A 32 -1.76 -5.19 6.90
C GLN A 32 -0.84 -5.36 8.11
N LYS A 33 0.30 -5.97 7.89
CA LYS A 33 1.32 -6.09 8.92
C LYS A 33 2.70 -6.11 8.25
N VAL A 34 2.87 -5.23 7.27
CA VAL A 34 4.12 -5.19 6.51
C VAL A 34 4.77 -3.81 6.57
N GLN A 35 3.99 -2.76 6.37
CA GLN A 35 4.54 -1.41 6.40
C GLN A 35 4.60 -0.90 7.83
N VAL A 36 5.60 -1.40 8.55
CA VAL A 36 5.87 -0.95 9.90
C VAL A 36 7.34 -0.56 10.02
N ILE A 37 8.05 -0.64 8.89
CA ILE A 37 9.48 -0.35 8.87
C ILE A 37 9.72 1.16 8.92
N SER A 38 9.17 1.88 7.96
CA SER A 38 9.27 3.34 7.93
C SER A 38 8.53 3.93 6.75
N GLU A 39 8.04 5.14 6.93
CA GLU A 39 7.39 5.88 5.88
C GLU A 39 8.25 7.08 5.53
N ASN A 40 8.56 7.23 4.25
CA ASN A 40 9.43 8.32 3.84
C ASN A 40 8.63 9.46 3.24
N SER A 41 9.31 10.56 2.99
CA SER A 41 8.69 11.75 2.44
C SER A 41 8.17 11.50 1.02
N GLY A 42 8.72 10.48 0.37
CA GLY A 42 8.30 10.12 -0.97
C GLY A 42 7.41 8.90 -0.97
N TRP A 43 8.01 7.73 -0.75
CA TRP A 43 7.28 6.47 -0.71
C TRP A 43 7.39 5.82 0.66
N SER A 44 6.49 4.90 0.93
CA SER A 44 6.53 4.13 2.16
C SER A 44 7.40 2.90 1.94
N LYS A 45 8.39 2.70 2.80
CA LYS A 45 9.34 1.63 2.66
C LYS A 45 8.80 0.34 3.25
N ILE A 46 8.76 -0.69 2.40
CA ILE A 46 8.20 -1.98 2.81
C ILE A 46 9.04 -3.11 2.25
N ASN A 47 8.96 -4.27 2.89
CA ASN A 47 9.59 -5.48 2.39
C ASN A 47 8.54 -6.58 2.30
N TYR A 48 8.24 -7.01 1.09
CA TYR A 48 7.24 -8.03 0.91
C TYR A 48 7.88 -9.39 0.67
N ASN A 49 8.22 -10.05 1.78
CA ASN A 49 8.77 -11.41 1.76
C ASN A 49 10.09 -11.49 1.01
N GLY A 50 11.05 -10.68 1.43
CA GLY A 50 12.40 -10.78 0.90
C GLY A 50 12.69 -9.83 -0.23
N GLN A 51 11.66 -9.31 -0.88
CA GLN A 51 11.86 -8.31 -1.91
C GLN A 51 11.42 -6.95 -1.43
N THR A 52 12.31 -5.97 -1.59
CA THR A 52 12.05 -4.61 -1.15
C THR A 52 11.06 -3.94 -2.09
N GLY A 53 10.06 -3.28 -1.51
CA GLY A 53 9.08 -2.58 -2.30
C GLY A 53 8.84 -1.18 -1.79
N TYR A 54 8.30 -0.33 -2.65
CA TYR A 54 7.97 1.03 -2.25
C TYR A 54 6.64 1.42 -2.86
N ILE A 55 5.82 2.12 -2.09
CA ILE A 55 4.52 2.59 -2.56
C ILE A 55 4.27 4.02 -2.11
N GLY A 56 3.54 4.77 -2.92
CA GLY A 56 3.25 6.15 -2.58
C GLY A 56 2.25 6.26 -1.46
N THR A 57 2.63 6.94 -0.38
CA THR A 57 1.78 7.09 0.79
C THR A 57 0.48 7.83 0.47
N ARG A 58 0.48 8.54 -0.65
CA ARG A 58 -0.70 9.26 -1.11
C ARG A 58 -1.85 8.31 -1.42
N TYR A 59 -1.52 7.11 -1.89
CA TYR A 59 -2.54 6.10 -2.15
C TYR A 59 -2.38 4.93 -1.21
N LEU A 60 -3.37 4.73 -0.35
CA LEU A 60 -3.36 3.64 0.61
C LEU A 60 -4.78 3.33 1.11
N SER A 61 -5.00 2.09 1.47
CA SER A 61 -6.16 1.73 2.27
C SER A 61 -5.71 1.66 3.73
N LYS A 62 -6.30 2.49 4.57
CA LYS A 62 -5.85 2.60 5.94
C LYS A 62 -6.73 1.78 6.88
N LEU A 63 -6.22 1.52 8.07
CA LEU A 63 -6.91 0.66 9.03
C LEU A 63 -7.87 1.47 9.89
N GLU A 64 -8.20 2.67 9.43
CA GLU A 64 -9.09 3.54 10.17
C GLU A 64 -10.55 3.23 9.84
N HIS A 65 -10.99 2.05 10.24
CA HIS A 65 -12.40 1.69 10.17
C HIS A 65 -12.84 1.19 11.53
N HIS A 66 -12.90 2.13 12.47
CA HIS A 66 -13.13 1.83 13.87
C HIS A 66 -13.21 3.12 14.66
N HIS A 67 -12.64 4.17 14.07
CA HIS A 67 -12.48 5.47 14.72
C HIS A 67 -11.61 5.33 15.96
N HIS A 68 -10.30 5.35 15.73
CA HIS A 68 -9.33 5.26 16.82
C HIS A 68 -9.51 6.41 17.79
N HIS A 69 -9.71 6.08 19.05
CA HIS A 69 -9.89 7.09 20.08
C HIS A 69 -8.54 7.70 20.45
N HIS A 70 -8.42 9.00 20.21
CA HIS A 70 -7.18 9.70 20.46
C HIS A 70 -7.43 11.20 20.44
N MET A 1 -8.47 5.05 -23.01
CA MET A 1 -8.52 4.36 -21.70
C MET A 1 -7.37 3.37 -21.58
N ILE A 2 -7.44 2.50 -20.57
CA ILE A 2 -6.40 1.52 -20.29
C ILE A 2 -5.15 2.24 -19.78
N GLY A 3 -5.36 3.05 -18.77
CA GLY A 3 -4.29 3.76 -18.10
C GLY A 3 -4.81 4.27 -16.77
N ASP A 4 -5.63 3.43 -16.16
CA ASP A 4 -6.42 3.83 -15.02
C ASP A 4 -5.93 3.15 -13.74
N TYR A 5 -4.64 3.24 -13.50
CA TYR A 5 -4.07 2.68 -12.27
C TYR A 5 -4.43 3.58 -11.09
N TYR A 6 -5.31 3.10 -10.24
CA TYR A 6 -5.75 3.87 -9.09
C TYR A 6 -5.15 3.34 -7.80
N ILE A 7 -4.02 3.93 -7.42
CA ILE A 7 -3.39 3.64 -6.14
C ILE A 7 -4.17 4.33 -5.03
N ASN A 8 -4.95 5.31 -5.43
CA ASN A 8 -5.82 6.06 -4.52
C ASN A 8 -7.19 5.40 -4.42
N ALA A 9 -7.23 4.11 -4.70
CA ALA A 9 -8.46 3.33 -4.62
C ALA A 9 -8.40 2.41 -3.40
N SER A 10 -9.25 1.40 -3.39
CA SER A 10 -9.28 0.45 -2.29
C SER A 10 -8.76 -0.92 -2.73
N ALA A 11 -7.88 -0.93 -3.73
CA ALA A 11 -7.36 -2.18 -4.26
C ALA A 11 -5.89 -2.06 -4.66
N LEU A 12 -5.63 -1.26 -5.70
CA LEU A 12 -4.27 -1.15 -6.26
C LEU A 12 -3.40 -0.20 -5.44
N ASN A 13 -3.46 -0.34 -4.13
CA ASN A 13 -2.75 0.57 -3.24
C ASN A 13 -1.26 0.29 -3.23
N VAL A 14 -0.90 -0.97 -3.42
CA VAL A 14 0.50 -1.37 -3.40
C VAL A 14 1.10 -1.40 -4.81
N ARG A 15 0.61 -0.54 -5.69
CA ARG A 15 1.05 -0.55 -7.08
C ARG A 15 2.39 0.16 -7.26
N SER A 16 3.35 -0.17 -6.39
CA SER A 16 4.72 0.32 -6.47
C SER A 16 4.81 1.84 -6.26
N GLY A 17 3.70 2.47 -5.95
CA GLY A 17 3.70 3.92 -5.78
C GLY A 17 3.68 4.63 -7.12
N GLU A 18 2.49 4.72 -7.71
CA GLU A 18 2.30 5.30 -9.04
C GLU A 18 2.88 4.37 -10.10
N GLY A 19 2.71 4.72 -11.37
CA GLY A 19 3.14 3.84 -12.45
C GLY A 19 4.63 3.92 -12.70
N THR A 20 5.42 3.60 -11.69
CA THR A 20 6.86 3.58 -11.83
C THR A 20 7.33 2.17 -12.18
N ASN A 21 6.63 1.19 -11.64
CA ASN A 21 6.87 -0.22 -11.96
C ASN A 21 5.57 -0.98 -11.74
N TYR A 22 5.31 -1.99 -12.56
CA TYR A 22 4.00 -2.65 -12.49
C TYR A 22 4.15 -4.15 -12.20
N ARG A 23 5.36 -4.60 -11.91
CA ARG A 23 5.57 -6.03 -11.73
C ARG A 23 6.01 -6.40 -10.32
N ILE A 24 6.77 -5.51 -9.66
CA ILE A 24 7.30 -5.79 -8.33
C ILE A 24 6.17 -6.01 -7.33
N ILE A 25 5.28 -5.04 -7.21
CA ILE A 25 4.15 -5.14 -6.31
C ILE A 25 2.87 -4.79 -7.07
N GLY A 26 1.71 -5.22 -6.57
CA GLY A 26 0.49 -5.06 -7.34
C GLY A 26 -0.65 -4.47 -6.56
N ALA A 27 -1.60 -5.32 -6.20
CA ALA A 27 -2.78 -4.90 -5.47
C ALA A 27 -3.23 -6.01 -4.54
N LEU A 28 -2.77 -5.96 -3.30
CA LEU A 28 -3.10 -6.97 -2.32
C LEU A 28 -3.01 -6.37 -0.92
N PRO A 29 -4.06 -5.64 -0.50
CA PRO A 29 -4.13 -5.04 0.83
C PRO A 29 -4.42 -6.07 1.92
N GLN A 30 -3.36 -6.65 2.46
CA GLN A 30 -3.49 -7.61 3.54
C GLN A 30 -2.80 -7.08 4.78
N GLY A 31 -1.56 -6.62 4.60
CA GLY A 31 -0.86 -5.91 5.65
C GLY A 31 -0.37 -6.79 6.79
N GLN A 32 -0.31 -8.10 6.57
CA GLN A 32 0.16 -9.00 7.62
C GLN A 32 1.68 -9.02 7.65
N LYS A 33 2.28 -9.46 6.55
CA LYS A 33 3.74 -9.45 6.44
C LYS A 33 4.19 -8.26 5.60
N VAL A 34 3.22 -7.48 5.16
CA VAL A 34 3.49 -6.25 4.45
C VAL A 34 3.51 -5.10 5.44
N GLN A 35 4.69 -4.79 5.96
CA GLN A 35 4.82 -3.79 7.00
C GLN A 35 5.57 -2.57 6.48
N VAL A 36 5.13 -1.40 6.91
CA VAL A 36 5.81 -0.16 6.58
C VAL A 36 6.95 0.09 7.57
N ILE A 37 8.15 0.30 7.04
CA ILE A 37 9.31 0.55 7.89
C ILE A 37 9.50 2.04 8.08
N SER A 38 9.49 2.77 6.98
CA SER A 38 9.64 4.21 6.99
C SER A 38 9.18 4.77 5.66
N GLU A 39 9.03 6.08 5.58
CA GLU A 39 8.56 6.71 4.37
C GLU A 39 9.32 8.00 4.09
N ASN A 40 9.43 8.37 2.83
CA ASN A 40 10.17 9.55 2.42
C ASN A 40 9.65 10.04 1.08
N SER A 41 9.35 11.33 1.01
CA SER A 41 8.92 11.98 -0.24
C SER A 41 7.51 11.56 -0.66
N GLY A 42 6.88 10.68 0.12
CA GLY A 42 5.56 10.20 -0.22
C GLY A 42 5.54 8.71 -0.45
N TRP A 43 6.70 8.16 -0.76
CA TRP A 43 6.85 6.72 -0.93
C TRP A 43 7.34 6.10 0.37
N SER A 44 6.97 4.85 0.61
CA SER A 44 7.35 4.19 1.85
C SER A 44 8.22 2.97 1.55
N LYS A 45 9.24 2.79 2.39
CA LYS A 45 10.06 1.61 2.37
C LYS A 45 9.37 0.51 3.14
N ILE A 46 8.88 -0.49 2.44
CA ILE A 46 8.10 -1.54 3.08
C ILE A 46 8.60 -2.92 2.70
N ASN A 47 8.20 -3.91 3.48
CA ASN A 47 8.47 -5.29 3.16
C ASN A 47 7.22 -5.92 2.58
N TYR A 48 7.27 -6.27 1.31
CA TYR A 48 6.12 -6.82 0.62
C TYR A 48 6.29 -8.32 0.42
N ASN A 49 5.68 -9.10 1.30
CA ASN A 49 5.69 -10.55 1.19
C ASN A 49 7.12 -11.09 1.14
N GLY A 50 8.03 -10.43 1.85
CA GLY A 50 9.39 -10.92 1.95
C GLY A 50 10.35 -10.30 0.95
N GLN A 51 9.87 -9.34 0.17
CA GLN A 51 10.74 -8.61 -0.75
C GLN A 51 10.65 -7.11 -0.48
N THR A 52 11.68 -6.38 -0.84
CA THR A 52 11.74 -4.94 -0.59
C THR A 52 11.15 -4.16 -1.78
N GLY A 53 10.43 -3.09 -1.48
CA GLY A 53 9.87 -2.28 -2.54
C GLY A 53 9.46 -0.91 -2.05
N TYR A 54 8.73 -0.18 -2.88
CA TYR A 54 8.22 1.14 -2.53
C TYR A 54 6.73 1.21 -2.83
N ILE A 55 5.99 1.96 -2.03
CA ILE A 55 4.57 2.19 -2.26
C ILE A 55 4.18 3.61 -1.85
N GLY A 56 2.96 4.01 -2.16
CA GLY A 56 2.50 5.32 -1.79
C GLY A 56 1.89 5.33 -0.40
N THR A 57 2.57 5.97 0.54
CA THR A 57 2.15 5.98 1.94
C THR A 57 0.82 6.70 2.13
N ARG A 58 0.48 7.59 1.19
CA ARG A 58 -0.71 8.41 1.30
C ARG A 58 -1.98 7.58 1.18
N TYR A 59 -2.02 6.66 0.22
CA TYR A 59 -3.20 5.85 0.01
C TYR A 59 -2.87 4.38 0.12
N LEU A 60 -3.49 3.75 1.10
CA LEU A 60 -3.27 2.34 1.39
C LEU A 60 -4.48 1.75 2.08
N SER A 61 -4.67 0.45 1.93
CA SER A 61 -5.68 -0.26 2.68
C SER A 61 -4.98 -1.15 3.71
N LYS A 62 -5.29 -0.92 4.98
CA LYS A 62 -4.53 -1.53 6.06
C LYS A 62 -5.27 -2.75 6.63
N LEU A 63 -4.66 -3.38 7.63
CA LEU A 63 -5.18 -4.62 8.21
C LEU A 63 -6.12 -4.35 9.37
N GLU A 64 -6.56 -3.10 9.51
CA GLU A 64 -7.51 -2.76 10.57
C GLU A 64 -8.94 -3.11 10.17
N HIS A 65 -9.08 -3.54 8.92
CA HIS A 65 -10.35 -4.07 8.43
C HIS A 65 -10.19 -5.55 8.08
N HIS A 66 -11.31 -6.24 7.97
CA HIS A 66 -11.29 -7.65 7.62
C HIS A 66 -10.64 -7.89 6.27
N HIS A 67 -9.79 -8.89 6.21
CA HIS A 67 -8.93 -9.12 5.06
C HIS A 67 -9.70 -9.78 3.93
N HIS A 68 -10.15 -8.98 2.98
CA HIS A 68 -10.90 -9.48 1.84
C HIS A 68 -9.95 -10.06 0.79
N HIS A 69 -9.88 -11.38 0.74
CA HIS A 69 -9.07 -12.06 -0.27
C HIS A 69 -9.94 -12.38 -1.48
N HIS A 70 -9.33 -12.51 -2.64
CA HIS A 70 -10.08 -12.77 -3.87
C HIS A 70 -9.40 -13.88 -4.68
N MET A 1 -16.53 16.73 -8.03
CA MET A 1 -15.10 17.12 -8.12
C MET A 1 -14.23 15.89 -8.30
N ILE A 2 -13.39 15.93 -9.32
CA ILE A 2 -12.51 14.81 -9.65
C ILE A 2 -11.48 14.57 -8.54
N GLY A 3 -11.24 13.31 -8.25
CA GLY A 3 -10.29 12.95 -7.22
C GLY A 3 -10.97 12.58 -5.92
N ASP A 4 -12.23 13.01 -5.79
CA ASP A 4 -13.05 12.74 -4.60
C ASP A 4 -12.50 13.46 -3.38
N TYR A 5 -13.20 13.33 -2.26
CA TYR A 5 -12.79 13.96 -1.02
C TYR A 5 -12.09 12.97 -0.11
N TYR A 6 -12.52 11.71 -0.18
CA TYR A 6 -11.93 10.68 0.66
C TYR A 6 -11.10 9.70 -0.16
N ILE A 7 -9.80 9.87 -0.07
CA ILE A 7 -8.85 8.96 -0.69
C ILE A 7 -7.96 8.36 0.38
N ASN A 8 -6.90 7.67 -0.04
CA ASN A 8 -5.96 7.04 0.89
C ASN A 8 -6.71 6.02 1.77
N ALA A 9 -7.49 5.18 1.11
CA ALA A 9 -8.29 4.16 1.78
C ALA A 9 -8.96 3.26 0.76
N SER A 10 -9.39 3.85 -0.34
CA SER A 10 -10.08 3.12 -1.39
C SER A 10 -9.24 3.11 -2.67
N ALA A 11 -8.94 1.90 -3.15
CA ALA A 11 -8.23 1.67 -4.42
C ALA A 11 -6.77 2.11 -4.36
N LEU A 12 -5.92 1.38 -5.10
CA LEU A 12 -4.50 1.71 -5.24
C LEU A 12 -3.77 1.68 -3.90
N ASN A 13 -4.35 0.97 -2.93
CA ASN A 13 -3.82 0.93 -1.56
C ASN A 13 -2.35 0.53 -1.52
N VAL A 14 -1.99 -0.49 -2.30
CA VAL A 14 -0.61 -0.92 -2.37
C VAL A 14 -0.18 -1.13 -3.82
N ARG A 15 -0.47 -0.14 -4.66
CA ARG A 15 -0.17 -0.22 -6.10
C ARG A 15 1.31 0.11 -6.36
N SER A 16 2.15 -0.15 -5.36
CA SER A 16 3.59 0.06 -5.46
C SER A 16 3.92 1.52 -5.81
N GLY A 17 3.08 2.42 -5.35
CA GLY A 17 3.32 3.84 -5.58
C GLY A 17 2.32 4.42 -6.54
N GLU A 18 2.83 5.02 -7.60
CA GLU A 18 1.98 5.68 -8.60
C GLU A 18 1.51 4.68 -9.64
N GLY A 19 1.72 3.40 -9.34
CA GLY A 19 1.50 2.37 -10.34
C GLY A 19 2.75 2.17 -11.17
N THR A 20 3.86 2.69 -10.66
CA THR A 20 5.15 2.62 -11.34
C THR A 20 5.59 1.18 -11.52
N ASN A 21 5.63 0.43 -10.42
CA ASN A 21 5.95 -0.99 -10.49
C ASN A 21 4.67 -1.80 -10.36
N TYR A 22 4.17 -2.27 -11.49
CA TYR A 22 2.88 -2.93 -11.54
C TYR A 22 3.02 -4.44 -11.41
N ARG A 23 4.24 -4.90 -11.17
CA ARG A 23 4.50 -6.34 -11.11
C ARG A 23 4.61 -6.85 -9.67
N ILE A 24 5.20 -6.08 -8.78
CA ILE A 24 5.54 -6.58 -7.45
C ILE A 24 4.35 -6.51 -6.48
N ILE A 25 3.76 -5.35 -6.28
CA ILE A 25 2.70 -5.17 -5.29
C ILE A 25 1.46 -4.55 -5.95
N GLY A 26 0.29 -4.91 -5.43
CA GLY A 26 -0.95 -4.44 -5.99
C GLY A 26 -2.02 -4.32 -4.93
N ALA A 27 -3.05 -3.52 -5.20
CA ALA A 27 -4.06 -3.25 -4.19
C ALA A 27 -5.01 -4.42 -4.02
N LEU A 28 -4.74 -5.24 -3.02
CA LEU A 28 -5.62 -6.33 -2.66
C LEU A 28 -5.53 -6.61 -1.16
N PRO A 29 -6.08 -5.71 -0.33
CA PRO A 29 -6.04 -5.84 1.12
C PRO A 29 -6.95 -6.95 1.63
N GLN A 30 -6.40 -8.15 1.73
CA GLN A 30 -7.16 -9.32 2.16
C GLN A 30 -6.94 -9.57 3.64
N GLY A 31 -7.29 -8.58 4.45
CA GLY A 31 -6.99 -8.64 5.87
C GLY A 31 -5.54 -8.27 6.11
N GLN A 32 -4.66 -9.21 5.86
CA GLN A 32 -3.23 -8.95 5.89
C GLN A 32 -2.84 -8.12 4.68
N LYS A 33 -2.01 -7.11 4.89
CA LYS A 33 -1.65 -6.19 3.84
C LYS A 33 -0.16 -6.30 3.54
N VAL A 34 0.64 -5.72 4.43
CA VAL A 34 2.10 -5.72 4.34
C VAL A 34 2.67 -4.85 5.44
N GLN A 35 1.86 -3.84 5.81
CA GLN A 35 2.15 -2.94 6.93
C GLN A 35 3.28 -1.97 6.58
N VAL A 36 3.01 -0.68 6.77
CA VAL A 36 3.97 0.36 6.44
C VAL A 36 4.99 0.53 7.56
N ILE A 37 6.20 0.09 7.29
CA ILE A 37 7.26 0.13 8.30
C ILE A 37 7.78 1.54 8.51
N SER A 38 8.12 2.22 7.40
CA SER A 38 8.62 3.58 7.49
C SER A 38 8.31 4.36 6.23
N GLU A 39 8.16 5.66 6.37
CA GLU A 39 7.89 6.54 5.25
C GLU A 39 9.03 7.54 5.09
N ASN A 40 9.64 7.57 3.92
CA ASN A 40 10.79 8.44 3.69
C ASN A 40 10.79 8.95 2.26
N SER A 41 11.16 10.23 2.09
CA SER A 41 11.33 10.84 0.77
C SER A 41 9.98 11.16 0.12
N GLY A 42 9.12 10.15 0.01
CA GLY A 42 7.82 10.35 -0.59
C GLY A 42 6.99 9.09 -0.53
N TRP A 43 7.56 7.99 -0.99
CA TRP A 43 6.92 6.69 -0.92
C TRP A 43 7.22 6.01 0.41
N SER A 44 6.39 5.05 0.76
CA SER A 44 6.59 4.27 1.96
C SER A 44 7.41 3.03 1.61
N LYS A 45 8.32 2.66 2.50
CA LYS A 45 9.19 1.52 2.26
C LYS A 45 8.75 0.34 3.11
N ILE A 46 8.60 -0.80 2.45
CA ILE A 46 8.14 -2.01 3.11
C ILE A 46 8.86 -3.23 2.56
N ASN A 47 8.67 -4.37 3.20
CA ASN A 47 9.23 -5.62 2.71
C ASN A 47 8.11 -6.49 2.17
N TYR A 48 8.14 -6.76 0.88
CA TYR A 48 7.09 -7.50 0.23
C TYR A 48 7.60 -8.84 -0.26
N ASN A 49 7.30 -9.89 0.50
CA ASN A 49 7.69 -11.25 0.15
C ASN A 49 9.21 -11.39 0.11
N GLY A 50 9.86 -10.77 1.10
CA GLY A 50 11.30 -10.91 1.24
C GLY A 50 12.09 -9.81 0.56
N GLN A 51 11.47 -9.10 -0.37
CA GLN A 51 12.18 -8.06 -1.12
C GLN A 51 11.67 -6.68 -0.76
N THR A 52 12.58 -5.70 -0.78
CA THR A 52 12.24 -4.34 -0.43
C THR A 52 11.42 -3.67 -1.53
N GLY A 53 10.24 -3.19 -1.16
CA GLY A 53 9.38 -2.54 -2.12
C GLY A 53 8.96 -1.16 -1.64
N TYR A 54 8.37 -0.39 -2.54
CA TYR A 54 7.90 0.94 -2.21
C TYR A 54 6.45 1.11 -2.66
N ILE A 55 5.69 1.84 -1.87
CA ILE A 55 4.30 2.12 -2.16
C ILE A 55 3.99 3.58 -1.86
N GLY A 56 2.96 4.13 -2.50
CA GLY A 56 2.66 5.53 -2.33
C GLY A 56 2.06 5.83 -0.98
N THR A 57 2.61 6.81 -0.29
CA THR A 57 2.12 7.16 1.04
C THR A 57 0.82 7.96 0.93
N ARG A 58 0.53 8.44 -0.28
CA ARG A 58 -0.68 9.21 -0.50
C ARG A 58 -1.87 8.30 -0.78
N TYR A 59 -1.59 7.04 -1.12
CA TYR A 59 -2.64 6.03 -1.22
C TYR A 59 -2.25 4.83 -0.37
N LEU A 60 -3.04 4.56 0.65
CA LEU A 60 -2.71 3.50 1.60
C LEU A 60 -3.95 2.73 2.00
N SER A 61 -3.75 1.67 2.78
CA SER A 61 -4.84 0.90 3.31
C SER A 61 -4.94 1.15 4.81
N LYS A 62 -6.13 1.50 5.28
CA LYS A 62 -6.33 1.82 6.68
C LYS A 62 -6.49 0.55 7.51
N LEU A 63 -6.24 0.67 8.81
CA LEU A 63 -6.33 -0.48 9.71
C LEU A 63 -7.69 -0.52 10.38
N GLU A 64 -8.50 0.53 10.13
CA GLU A 64 -9.88 0.63 10.62
C GLU A 64 -9.91 0.94 12.12
N HIS A 65 -10.86 1.77 12.52
CA HIS A 65 -10.89 2.27 13.89
C HIS A 65 -12.04 1.67 14.70
N HIS A 66 -12.89 0.87 14.07
CA HIS A 66 -14.01 0.26 14.79
C HIS A 66 -13.49 -0.83 15.74
N HIS A 67 -14.18 -0.99 16.86
CA HIS A 67 -13.85 -2.03 17.82
C HIS A 67 -15.13 -2.71 18.28
N HIS A 68 -15.05 -3.97 18.68
CA HIS A 68 -16.23 -4.72 19.07
C HIS A 68 -16.49 -4.66 20.57
N HIS A 69 -17.55 -3.96 20.94
CA HIS A 69 -18.04 -3.99 22.31
C HIS A 69 -18.91 -5.23 22.47
N HIS A 70 -19.51 -5.64 21.36
CA HIS A 70 -20.28 -6.87 21.28
C HIS A 70 -20.39 -7.31 19.82
N MET A 1 -5.60 13.81 8.74
CA MET A 1 -6.81 14.57 8.37
C MET A 1 -7.73 13.71 7.53
N ILE A 2 -8.91 13.40 8.10
CA ILE A 2 -9.92 12.52 7.50
C ILE A 2 -9.33 11.23 6.94
N GLY A 3 -10.13 10.47 6.19
CA GLY A 3 -9.65 9.24 5.61
C GLY A 3 -10.70 8.15 5.63
N ASP A 4 -11.53 8.11 4.60
CA ASP A 4 -12.55 7.06 4.46
C ASP A 4 -13.12 7.05 3.04
N TYR A 5 -13.25 8.22 2.45
CA TYR A 5 -13.78 8.33 1.09
C TYR A 5 -12.73 8.87 0.13
N TYR A 6 -12.59 8.17 -1.01
CA TYR A 6 -11.77 8.62 -2.13
C TYR A 6 -10.28 8.73 -1.76
N ILE A 7 -9.89 8.08 -0.69
CA ILE A 7 -8.51 8.03 -0.27
C ILE A 7 -8.21 6.67 0.36
N ASN A 8 -6.97 6.19 0.18
CA ASN A 8 -6.56 4.87 0.65
C ASN A 8 -7.17 3.77 -0.21
N ALA A 9 -8.50 3.75 -0.25
CA ALA A 9 -9.24 2.80 -1.09
C ALA A 9 -8.93 1.35 -0.69
N SER A 10 -9.18 0.44 -1.61
CA SER A 10 -8.84 -0.96 -1.42
C SER A 10 -8.11 -1.50 -2.65
N ALA A 11 -7.44 -0.60 -3.34
CA ALA A 11 -6.66 -0.94 -4.52
C ALA A 11 -5.36 -0.15 -4.50
N LEU A 12 -4.27 -0.76 -5.00
CA LEU A 12 -2.94 -0.15 -4.97
C LEU A 12 -2.45 -0.02 -3.53
N ASN A 13 -2.92 -0.93 -2.68
CA ASN A 13 -2.64 -0.89 -1.25
C ASN A 13 -1.16 -1.05 -0.96
N VAL A 14 -0.53 -2.06 -1.56
CA VAL A 14 0.88 -2.31 -1.35
C VAL A 14 1.58 -2.41 -2.69
N ARG A 15 0.84 -2.14 -3.76
CA ARG A 15 1.34 -2.34 -5.12
C ARG A 15 2.42 -1.33 -5.45
N SER A 16 2.99 -1.48 -6.65
CA SER A 16 4.03 -0.58 -7.13
C SER A 16 5.33 -0.77 -6.36
N GLY A 17 5.70 -2.03 -6.15
CA GLY A 17 6.88 -2.36 -5.37
C GLY A 17 8.16 -1.72 -5.87
N GLU A 18 8.31 -1.60 -7.19
CA GLU A 18 9.51 -0.99 -7.75
C GLU A 18 9.31 0.51 -7.91
N GLY A 19 8.22 1.03 -7.34
CA GLY A 19 7.91 2.44 -7.45
C GLY A 19 7.35 2.80 -8.80
N THR A 20 8.17 2.67 -9.82
CA THR A 20 7.77 2.98 -11.18
C THR A 20 7.01 1.82 -11.81
N ASN A 21 7.30 0.61 -11.35
CA ASN A 21 6.62 -0.59 -11.80
C ASN A 21 5.58 -0.99 -10.78
N TYR A 22 4.32 -0.99 -11.19
CA TYR A 22 3.21 -1.16 -10.27
C TYR A 22 2.77 -2.63 -10.18
N ARG A 23 2.82 -3.32 -11.31
CA ARG A 23 2.22 -4.65 -11.43
C ARG A 23 3.02 -5.74 -10.71
N ILE A 24 4.19 -5.39 -10.18
CA ILE A 24 5.06 -6.37 -9.55
C ILE A 24 4.49 -6.85 -8.19
N ILE A 25 3.85 -5.96 -7.47
CA ILE A 25 3.37 -6.26 -6.13
C ILE A 25 1.86 -6.01 -6.01
N GLY A 26 1.19 -6.66 -5.07
CA GLY A 26 -0.25 -6.60 -4.99
C GLY A 26 -0.73 -5.90 -3.73
N ALA A 27 -1.73 -6.46 -3.07
CA ALA A 27 -2.32 -5.83 -1.91
C ALA A 27 -2.84 -6.84 -0.90
N LEU A 28 -2.06 -7.11 0.14
CA LEU A 28 -2.49 -7.98 1.22
C LEU A 28 -1.70 -7.69 2.50
N PRO A 29 -1.94 -6.53 3.12
CA PRO A 29 -1.26 -6.12 4.35
C PRO A 29 -2.10 -6.40 5.60
N GLN A 30 -2.37 -7.68 5.86
CA GLN A 30 -3.19 -8.06 7.00
C GLN A 30 -2.74 -9.42 7.53
N GLY A 31 -3.15 -10.47 6.83
CA GLY A 31 -2.74 -11.82 7.21
C GLY A 31 -1.41 -12.19 6.59
N GLN A 32 -0.47 -11.28 6.67
CA GLN A 32 0.85 -11.44 6.08
C GLN A 32 1.78 -10.42 6.70
N LYS A 33 3.07 -10.71 6.75
CA LYS A 33 4.03 -9.76 7.34
C LYS A 33 4.38 -8.64 6.36
N VAL A 34 3.58 -8.51 5.31
CA VAL A 34 3.74 -7.43 4.35
C VAL A 34 3.21 -6.13 4.94
N GLN A 35 4.12 -5.34 5.48
CA GLN A 35 3.75 -4.07 6.12
C GLN A 35 4.74 -2.98 5.76
N VAL A 36 4.38 -1.75 6.11
CA VAL A 36 5.28 -0.61 5.94
C VAL A 36 5.97 -0.31 7.26
N ILE A 37 7.30 -0.26 7.25
CA ILE A 37 8.06 0.00 8.46
C ILE A 37 8.03 1.48 8.78
N SER A 38 8.45 2.27 7.81
CA SER A 38 8.41 3.71 7.92
C SER A 38 8.15 4.31 6.56
N GLU A 39 7.61 5.50 6.54
CA GLU A 39 7.24 6.15 5.31
C GLU A 39 7.83 7.55 5.20
N ASN A 40 7.92 8.05 3.98
CA ASN A 40 8.41 9.38 3.72
C ASN A 40 7.48 10.08 2.76
N SER A 41 7.74 11.35 2.52
CA SER A 41 6.90 12.18 1.68
C SER A 41 7.11 11.83 0.21
N GLY A 42 6.49 10.74 -0.20
CA GLY A 42 6.55 10.32 -1.59
C GLY A 42 6.46 8.82 -1.71
N TRP A 43 7.53 8.14 -1.31
CA TRP A 43 7.55 6.68 -1.29
C TRP A 43 7.68 6.17 0.13
N SER A 44 7.06 5.03 0.39
CA SER A 44 7.10 4.40 1.71
C SER A 44 7.81 3.06 1.62
N LYS A 45 8.69 2.79 2.58
CA LYS A 45 9.47 1.58 2.60
C LYS A 45 8.67 0.43 3.21
N ILE A 46 8.58 -0.65 2.44
CA ILE A 46 7.80 -1.80 2.85
C ILE A 46 8.62 -3.08 2.77
N ASN A 47 8.06 -4.16 3.28
CA ASN A 47 8.65 -5.48 3.10
C ASN A 47 7.60 -6.42 2.54
N TYR A 48 7.80 -6.87 1.31
CA TYR A 48 6.82 -7.70 0.64
C TYR A 48 7.26 -9.15 0.65
N ASN A 49 7.09 -9.80 1.79
CA ASN A 49 7.46 -11.21 1.94
C ASN A 49 8.94 -11.45 1.64
N GLY A 50 9.80 -10.62 2.24
CA GLY A 50 11.22 -10.82 2.12
C GLY A 50 11.86 -10.04 0.98
N GLN A 51 11.06 -9.56 0.05
CA GLN A 51 11.60 -8.78 -1.06
C GLN A 51 11.38 -7.29 -0.81
N THR A 52 12.31 -6.49 -1.30
CA THR A 52 12.32 -5.06 -1.02
C THR A 52 11.45 -4.29 -2.00
N GLY A 53 10.74 -3.29 -1.49
CA GLY A 53 9.91 -2.46 -2.34
C GLY A 53 9.60 -1.12 -1.71
N TYR A 54 9.20 -0.17 -2.53
CA TYR A 54 8.77 1.14 -2.05
C TYR A 54 7.45 1.49 -2.71
N ILE A 55 6.51 2.06 -1.98
CA ILE A 55 5.19 2.33 -2.53
C ILE A 55 4.85 3.82 -2.45
N GLY A 56 3.79 4.22 -3.14
CA GLY A 56 3.35 5.59 -3.10
C GLY A 56 2.58 5.89 -1.84
N THR A 57 3.09 6.83 -1.04
CA THR A 57 2.54 7.15 0.27
C THR A 57 1.07 7.59 0.20
N ARG A 58 0.61 7.97 -0.98
CA ARG A 58 -0.76 8.41 -1.15
C ARG A 58 -1.75 7.26 -1.05
N TYR A 59 -1.31 6.03 -1.35
CA TYR A 59 -2.17 4.87 -1.26
C TYR A 59 -1.57 3.85 -0.30
N LEU A 60 -2.33 3.56 0.75
CA LEU A 60 -1.93 2.58 1.75
C LEU A 60 -3.16 2.04 2.47
N SER A 61 -3.02 0.90 3.12
CA SER A 61 -4.09 0.33 3.89
C SER A 61 -3.90 0.61 5.37
N LYS A 62 -4.86 1.31 5.96
CA LYS A 62 -4.85 1.56 7.39
C LYS A 62 -6.00 0.80 8.01
N LEU A 63 -5.79 0.26 9.21
CA LEU A 63 -6.80 -0.56 9.85
C LEU A 63 -8.02 0.26 10.23
N GLU A 64 -7.77 1.41 10.89
CA GLU A 64 -8.78 2.37 11.35
C GLU A 64 -9.98 1.67 11.99
N HIS A 65 -11.10 2.35 12.16
CA HIS A 65 -12.32 1.69 12.57
C HIS A 65 -13.51 2.20 11.76
N HIS A 66 -13.48 1.88 10.47
CA HIS A 66 -14.58 2.20 9.56
C HIS A 66 -14.99 0.97 8.78
N HIS A 67 -13.99 0.18 8.38
CA HIS A 67 -14.18 -0.93 7.44
C HIS A 67 -14.53 -0.37 6.08
N HIS A 68 -13.52 -0.25 5.24
CA HIS A 68 -13.64 0.41 3.94
C HIS A 68 -14.87 -0.04 3.17
N HIS A 69 -15.58 0.95 2.63
CA HIS A 69 -16.92 0.74 2.08
C HIS A 69 -16.95 -0.27 0.94
N HIS A 70 -15.94 -0.21 0.08
CA HIS A 70 -15.90 -1.04 -1.13
C HIS A 70 -16.97 -0.59 -2.11
N MET A 1 -21.88 -2.40 2.39
CA MET A 1 -22.25 -1.14 1.73
C MET A 1 -21.05 -0.21 1.63
N ILE A 2 -20.74 0.22 0.41
CA ILE A 2 -19.62 1.11 0.18
C ILE A 2 -20.08 2.34 -0.59
N GLY A 3 -19.31 3.40 -0.48
CA GLY A 3 -19.65 4.65 -1.16
C GLY A 3 -18.73 5.78 -0.77
N ASP A 4 -18.01 5.60 0.34
CA ASP A 4 -17.07 6.61 0.82
C ASP A 4 -15.69 6.38 0.23
N TYR A 5 -15.43 6.98 -0.92
CA TYR A 5 -14.12 6.89 -1.55
C TYR A 5 -13.28 8.09 -1.15
N TYR A 6 -13.03 8.23 0.14
CA TYR A 6 -12.31 9.37 0.70
C TYR A 6 -10.80 9.18 0.57
N ILE A 7 -10.37 8.56 -0.53
CA ILE A 7 -8.96 8.22 -0.75
C ILE A 7 -8.56 7.01 0.12
N ASN A 8 -7.66 6.19 -0.40
CA ASN A 8 -7.16 4.98 0.28
C ASN A 8 -8.19 3.84 0.23
N ALA A 9 -9.46 4.20 0.36
CA ALA A 9 -10.55 3.22 0.43
C ALA A 9 -10.79 2.52 -0.91
N SER A 10 -9.98 2.85 -1.92
CA SER A 10 -10.07 2.19 -3.21
C SER A 10 -9.50 0.78 -3.12
N ALA A 11 -8.50 0.60 -2.25
CA ALA A 11 -7.89 -0.71 -1.97
C ALA A 11 -7.03 -1.22 -3.14
N LEU A 12 -7.49 -1.01 -4.36
CA LEU A 12 -6.84 -1.56 -5.55
C LEU A 12 -5.69 -0.67 -6.02
N ASN A 13 -5.13 0.14 -5.13
CA ASN A 13 -4.11 1.11 -5.54
C ASN A 13 -2.78 0.85 -4.84
N VAL A 14 -2.66 -0.24 -4.11
CA VAL A 14 -1.47 -0.51 -3.33
C VAL A 14 -0.38 -1.15 -4.20
N ARG A 15 -0.12 -0.54 -5.36
CA ARG A 15 0.83 -1.10 -6.31
C ARG A 15 1.98 -0.14 -6.58
N SER A 16 2.98 -0.18 -5.70
CA SER A 16 4.21 0.60 -5.85
C SER A 16 3.91 2.11 -5.92
N GLY A 17 2.79 2.51 -5.33
CA GLY A 17 2.40 3.91 -5.38
C GLY A 17 1.13 4.10 -6.19
N GLU A 18 1.06 5.21 -6.92
CA GLU A 18 -0.09 5.48 -7.78
C GLU A 18 -0.24 4.40 -8.85
N GLY A 19 0.87 3.78 -9.20
CA GLY A 19 0.86 2.73 -10.20
C GLY A 19 2.16 2.67 -10.96
N THR A 20 3.24 2.37 -10.25
CA THR A 20 4.56 2.37 -10.83
C THR A 20 4.89 1.02 -11.46
N ASN A 21 4.92 -0.02 -10.64
CA ASN A 21 5.13 -1.38 -11.12
C ASN A 21 3.98 -2.25 -10.68
N TYR A 22 3.38 -2.95 -11.63
CA TYR A 22 2.13 -3.65 -11.40
C TYR A 22 2.37 -5.13 -11.11
N ARG A 23 3.63 -5.50 -10.97
CA ARG A 23 3.99 -6.89 -10.74
C ARG A 23 4.46 -7.13 -9.31
N ILE A 24 5.46 -6.36 -8.89
CA ILE A 24 6.06 -6.53 -7.57
C ILE A 24 5.04 -6.35 -6.45
N ILE A 25 4.19 -5.35 -6.59
CA ILE A 25 3.18 -5.03 -5.59
C ILE A 25 1.86 -4.73 -6.32
N GLY A 26 0.73 -4.73 -5.59
CA GLY A 26 -0.55 -4.64 -6.24
C GLY A 26 -1.69 -4.65 -5.25
N ALA A 27 -2.90 -4.86 -5.75
CA ALA A 27 -4.09 -4.77 -4.92
C ALA A 27 -4.31 -6.05 -4.11
N LEU A 28 -3.77 -6.07 -2.91
CA LEU A 28 -4.01 -7.14 -1.95
C LEU A 28 -3.37 -6.78 -0.60
N PRO A 29 -4.01 -5.89 0.16
CA PRO A 29 -3.50 -5.41 1.43
C PRO A 29 -3.92 -6.30 2.60
N GLN A 30 -3.15 -7.35 2.84
CA GLN A 30 -3.47 -8.30 3.88
C GLN A 30 -2.26 -9.17 4.16
N GLY A 31 -2.21 -9.72 5.38
CA GLY A 31 -1.18 -10.69 5.70
C GLY A 31 0.12 -10.05 6.15
N GLN A 32 1.05 -10.89 6.58
CA GLN A 32 2.35 -10.44 7.06
C GLN A 32 3.36 -10.41 5.92
N LYS A 33 2.87 -10.65 4.70
CA LYS A 33 3.74 -10.63 3.52
C LYS A 33 4.24 -9.22 3.24
N VAL A 34 3.62 -8.24 3.86
CA VAL A 34 4.02 -6.86 3.72
C VAL A 34 3.78 -6.08 5.01
N GLN A 35 4.84 -5.49 5.53
CA GLN A 35 4.73 -4.67 6.72
C GLN A 35 5.42 -3.34 6.48
N VAL A 36 4.76 -2.25 6.81
CA VAL A 36 5.32 -0.92 6.66
C VAL A 36 6.35 -0.65 7.74
N ILE A 37 7.55 -0.25 7.33
CA ILE A 37 8.60 0.08 8.27
C ILE A 37 8.48 1.55 8.67
N SER A 38 8.52 2.42 7.66
CA SER A 38 8.36 3.85 7.85
C SER A 38 8.43 4.56 6.52
N GLU A 39 7.90 5.76 6.48
CA GLU A 39 7.87 6.55 5.26
C GLU A 39 9.18 7.32 5.13
N ASN A 40 9.65 7.48 3.90
CA ASN A 40 10.87 8.24 3.66
C ASN A 40 10.80 8.98 2.34
N SER A 41 10.76 10.30 2.43
CA SER A 41 10.79 11.16 1.25
C SER A 41 9.62 10.84 0.30
N GLY A 42 8.41 11.05 0.78
CA GLY A 42 7.23 10.88 -0.05
C GLY A 42 6.69 9.46 -0.02
N TRP A 43 7.53 8.50 -0.42
CA TRP A 43 7.14 7.11 -0.44
C TRP A 43 7.47 6.43 0.87
N SER A 44 6.81 5.31 1.13
CA SER A 44 7.03 4.57 2.36
C SER A 44 7.86 3.32 2.09
N LYS A 45 8.76 2.99 3.01
CA LYS A 45 9.61 1.83 2.86
C LYS A 45 8.93 0.59 3.42
N ILE A 46 8.87 -0.44 2.61
CA ILE A 46 8.20 -1.67 2.99
C ILE A 46 8.94 -2.89 2.45
N ASN A 47 8.61 -4.04 3.01
CA ASN A 47 9.09 -5.31 2.47
C ASN A 47 7.91 -6.08 1.91
N TYR A 48 7.93 -6.32 0.61
CA TYR A 48 6.80 -6.97 -0.04
C TYR A 48 7.17 -8.39 -0.46
N ASN A 49 6.67 -9.36 0.28
CA ASN A 49 6.85 -10.77 -0.04
C ASN A 49 8.32 -11.15 0.02
N GLY A 50 9.06 -10.54 0.93
CA GLY A 50 10.46 -10.86 1.10
C GLY A 50 11.39 -9.94 0.34
N GLN A 51 10.86 -9.22 -0.64
CA GLN A 51 11.67 -8.27 -1.37
C GLN A 51 11.29 -6.84 -1.00
N THR A 52 12.29 -6.02 -0.76
CA THR A 52 12.08 -4.67 -0.28
C THR A 52 11.56 -3.77 -1.41
N GLY A 53 10.49 -3.03 -1.14
CA GLY A 53 9.89 -2.20 -2.15
C GLY A 53 9.44 -0.86 -1.61
N TYR A 54 8.73 -0.10 -2.43
CA TYR A 54 8.25 1.21 -2.03
C TYR A 54 6.81 1.39 -2.47
N ILE A 55 6.03 2.10 -1.66
CA ILE A 55 4.66 2.44 -2.03
C ILE A 55 4.38 3.89 -1.71
N GLY A 56 3.33 4.43 -2.30
CA GLY A 56 2.98 5.81 -2.06
C GLY A 56 2.24 5.99 -0.76
N THR A 57 2.50 7.10 -0.08
CA THR A 57 1.82 7.41 1.16
C THR A 57 0.50 8.11 0.85
N ARG A 58 0.29 8.38 -0.44
CA ARG A 58 -0.95 8.99 -0.90
C ARG A 58 -2.07 7.96 -0.95
N TYR A 59 -1.74 6.72 -1.27
CA TYR A 59 -2.71 5.65 -1.33
C TYR A 59 -2.20 4.39 -0.67
N LEU A 60 -2.88 3.98 0.38
CA LEU A 60 -2.61 2.72 1.06
C LEU A 60 -3.91 2.06 1.45
N SER A 61 -3.83 0.85 1.96
CA SER A 61 -4.99 0.17 2.48
C SER A 61 -4.61 -0.62 3.73
N LYS A 62 -5.30 -0.34 4.83
CA LYS A 62 -5.00 -0.99 6.09
C LYS A 62 -5.47 -2.44 6.05
N LEU A 63 -4.63 -3.34 6.57
CA LEU A 63 -4.90 -4.78 6.49
C LEU A 63 -6.14 -5.17 7.32
N GLU A 64 -6.61 -4.24 8.14
CA GLU A 64 -7.87 -4.39 8.87
C GLU A 64 -7.91 -5.63 9.76
N HIS A 65 -7.64 -5.46 11.04
CA HIS A 65 -7.83 -6.55 11.98
C HIS A 65 -9.25 -6.46 12.53
N HIS A 66 -10.21 -6.82 11.68
CA HIS A 66 -11.63 -6.74 12.05
C HIS A 66 -11.94 -7.55 13.28
N HIS A 67 -12.80 -7.01 14.13
CA HIS A 67 -13.05 -7.58 15.45
C HIS A 67 -14.18 -8.59 15.40
N HIS A 68 -13.85 -9.80 14.95
CA HIS A 68 -14.80 -10.91 14.85
C HIS A 68 -15.97 -10.53 13.95
N HIS A 69 -15.81 -10.78 12.66
CA HIS A 69 -16.81 -10.40 11.66
C HIS A 69 -16.66 -11.30 10.44
N HIS A 70 -17.76 -11.61 9.79
CA HIS A 70 -17.72 -12.41 8.57
C HIS A 70 -18.44 -11.70 7.44
N MET A 1 -20.11 17.29 -3.97
CA MET A 1 -21.28 16.87 -3.18
C MET A 1 -21.73 15.47 -3.59
N ILE A 2 -21.69 14.54 -2.63
CA ILE A 2 -22.13 13.15 -2.80
C ILE A 2 -21.64 12.55 -4.13
N GLY A 3 -20.43 12.01 -4.10
CA GLY A 3 -19.85 11.46 -5.30
C GLY A 3 -18.39 11.14 -5.11
N ASP A 4 -18.06 10.61 -3.94
CA ASP A 4 -16.69 10.26 -3.63
C ASP A 4 -16.54 8.77 -3.44
N TYR A 5 -15.67 8.17 -4.23
CA TYR A 5 -15.34 6.76 -4.11
C TYR A 5 -13.90 6.54 -4.55
N TYR A 6 -13.18 7.64 -4.73
CA TYR A 6 -11.83 7.60 -5.25
C TYR A 6 -10.84 7.95 -4.15
N ILE A 7 -10.62 6.99 -3.26
CA ILE A 7 -9.71 7.14 -2.13
C ILE A 7 -9.76 5.87 -1.29
N ASN A 8 -8.58 5.41 -0.83
CA ASN A 8 -8.46 4.19 -0.04
C ASN A 8 -8.93 2.95 -0.82
N ALA A 9 -10.24 2.69 -0.78
CA ALA A 9 -10.79 1.48 -1.39
C ALA A 9 -11.40 1.80 -2.76
N SER A 10 -10.54 1.80 -3.77
CA SER A 10 -10.99 2.03 -5.13
C SER A 10 -10.53 0.87 -6.03
N ALA A 11 -9.23 0.59 -6.02
CA ALA A 11 -8.68 -0.52 -6.79
C ALA A 11 -7.23 -0.77 -6.40
N LEU A 12 -6.32 -0.04 -7.03
CA LEU A 12 -4.89 -0.23 -6.80
C LEU A 12 -4.42 0.64 -5.64
N ASN A 13 -3.65 0.05 -4.74
CA ASN A 13 -3.19 0.78 -3.55
C ASN A 13 -1.67 0.89 -3.51
N VAL A 14 -1.00 -0.26 -3.47
CA VAL A 14 0.45 -0.30 -3.28
C VAL A 14 1.20 0.15 -4.53
N ARG A 15 1.08 -0.66 -5.60
CA ARG A 15 1.63 -0.32 -6.92
C ARG A 15 3.14 -0.07 -6.89
N SER A 16 3.82 -0.54 -5.84
CA SER A 16 5.25 -0.35 -5.69
C SER A 16 5.59 1.15 -5.58
N GLY A 17 4.61 1.93 -5.14
CA GLY A 17 4.78 3.36 -5.06
C GLY A 17 3.55 4.08 -5.57
N GLU A 18 3.67 4.71 -6.72
CA GLU A 18 2.52 5.33 -7.38
C GLU A 18 2.26 4.67 -8.73
N GLY A 19 2.87 3.52 -8.93
CA GLY A 19 2.75 2.81 -10.18
C GLY A 19 4.10 2.46 -10.76
N THR A 20 4.95 1.90 -9.93
CA THR A 20 6.31 1.57 -10.33
C THR A 20 6.38 0.13 -10.81
N ASN A 21 5.59 -0.72 -10.18
CA ASN A 21 5.48 -2.11 -10.56
C ASN A 21 4.03 -2.55 -10.47
N TYR A 22 3.62 -3.37 -11.40
CA TYR A 22 2.28 -3.94 -11.38
C TYR A 22 2.36 -5.45 -11.57
N ARG A 23 3.53 -5.91 -11.98
CA ARG A 23 3.80 -7.33 -12.14
C ARG A 23 3.92 -8.03 -10.78
N ILE A 24 4.73 -7.46 -9.89
CA ILE A 24 4.95 -8.05 -8.58
C ILE A 24 4.06 -7.41 -7.52
N ILE A 25 4.14 -6.09 -7.40
CA ILE A 25 3.40 -5.37 -6.39
C ILE A 25 2.16 -4.73 -7.01
N GLY A 26 1.00 -5.00 -6.42
CA GLY A 26 -0.22 -4.43 -6.94
C GLY A 26 -1.09 -3.86 -5.84
N ALA A 27 -2.19 -4.53 -5.55
CA ALA A 27 -3.04 -4.15 -4.45
C ALA A 27 -3.40 -5.37 -3.62
N LEU A 28 -2.59 -5.61 -2.59
CA LEU A 28 -2.80 -6.73 -1.68
C LEU A 28 -1.80 -6.64 -0.53
N PRO A 29 -2.14 -5.88 0.54
CA PRO A 29 -1.29 -5.74 1.72
C PRO A 29 -1.33 -7.02 2.56
N GLN A 30 -0.70 -8.06 2.04
CA GLN A 30 -0.74 -9.38 2.65
C GLN A 30 0.43 -9.57 3.60
N GLY A 31 0.17 -10.23 4.72
CA GLY A 31 1.20 -10.49 5.69
C GLY A 31 1.13 -9.55 6.87
N GLN A 32 2.02 -9.75 7.83
CA GLN A 32 2.08 -8.91 9.01
C GLN A 32 3.04 -7.75 8.79
N LYS A 33 2.83 -7.06 7.67
CA LYS A 33 3.66 -5.93 7.27
C LYS A 33 3.09 -5.30 6.01
N VAL A 34 3.94 -4.60 5.26
CA VAL A 34 3.55 -3.98 3.97
C VAL A 34 2.73 -2.70 4.18
N GLN A 35 2.01 -2.61 5.30
CA GLN A 35 1.21 -1.44 5.61
C GLN A 35 2.09 -0.19 5.70
N VAL A 36 2.96 -0.14 6.70
CA VAL A 36 3.88 0.98 6.85
C VAL A 36 4.85 0.71 8.00
N ILE A 37 6.14 0.80 7.70
CA ILE A 37 7.18 0.64 8.71
C ILE A 37 7.92 1.96 8.92
N SER A 38 8.42 2.51 7.83
CA SER A 38 9.10 3.80 7.85
C SER A 38 8.76 4.55 6.57
N GLU A 39 9.15 5.81 6.50
CA GLU A 39 8.83 6.66 5.36
C GLU A 39 10.04 7.50 4.97
N ASN A 40 10.16 7.83 3.69
CA ASN A 40 11.26 8.65 3.22
C ASN A 40 10.99 9.24 1.84
N SER A 41 10.92 10.57 1.78
CA SER A 41 10.87 11.30 0.52
C SER A 41 9.60 10.99 -0.29
N GLY A 42 8.50 10.73 0.40
CA GLY A 42 7.23 10.53 -0.28
C GLY A 42 6.80 9.08 -0.29
N TRP A 43 7.76 8.17 -0.35
CA TRP A 43 7.48 6.74 -0.33
C TRP A 43 7.74 6.17 1.05
N SER A 44 7.08 5.07 1.36
CA SER A 44 7.27 4.42 2.64
C SER A 44 8.07 3.13 2.47
N LYS A 45 8.92 2.86 3.44
CA LYS A 45 9.80 1.72 3.42
C LYS A 45 9.07 0.46 3.89
N ILE A 46 8.96 -0.52 3.01
CA ILE A 46 8.31 -1.78 3.36
C ILE A 46 9.09 -2.97 2.81
N ASN A 47 8.69 -4.16 3.22
CA ASN A 47 9.21 -5.39 2.64
C ASN A 47 8.08 -6.11 1.91
N TYR A 48 8.20 -6.23 0.60
CA TYR A 48 7.15 -6.81 -0.21
C TYR A 48 7.60 -8.15 -0.77
N ASN A 49 6.95 -9.22 -0.31
CA ASN A 49 7.20 -10.57 -0.83
C ASN A 49 8.67 -10.95 -0.71
N GLY A 50 9.31 -10.50 0.36
CA GLY A 50 10.66 -10.93 0.64
C GLY A 50 11.74 -10.00 0.09
N GLN A 51 11.34 -8.89 -0.52
CA GLN A 51 12.31 -7.92 -1.00
C GLN A 51 11.93 -6.52 -0.55
N THR A 52 12.86 -5.59 -0.72
CA THR A 52 12.63 -4.21 -0.33
C THR A 52 11.63 -3.54 -1.26
N GLY A 53 10.52 -3.08 -0.70
CA GLY A 53 9.49 -2.45 -1.49
C GLY A 53 9.18 -1.05 -0.99
N TYR A 54 8.41 -0.32 -1.78
CA TYR A 54 8.05 1.05 -1.42
C TYR A 54 6.59 1.30 -1.77
N ILE A 55 5.95 2.19 -1.03
CA ILE A 55 4.56 2.53 -1.30
C ILE A 55 4.38 4.05 -1.36
N GLY A 56 3.38 4.48 -2.10
CA GLY A 56 3.02 5.88 -2.10
C GLY A 56 2.01 6.18 -1.02
N THR A 57 2.45 6.89 0.02
CA THR A 57 1.64 7.11 1.22
C THR A 57 0.33 7.84 0.93
N ARG A 58 0.22 8.43 -0.25
CA ARG A 58 -0.98 9.17 -0.64
C ARG A 58 -2.14 8.21 -0.95
N TYR A 59 -1.83 6.94 -1.17
CA TYR A 59 -2.86 5.94 -1.40
C TYR A 59 -2.55 4.68 -0.63
N LEU A 60 -3.44 4.31 0.28
CA LEU A 60 -3.25 3.12 1.12
C LEU A 60 -4.60 2.57 1.56
N SER A 61 -4.62 1.28 1.88
CA SER A 61 -5.80 0.64 2.42
C SER A 61 -5.37 -0.57 3.24
N LYS A 62 -5.74 -0.59 4.51
CA LYS A 62 -5.43 -1.70 5.38
C LYS A 62 -6.55 -2.74 5.31
N LEU A 63 -6.59 -3.63 6.28
CA LEU A 63 -7.68 -4.60 6.38
C LEU A 63 -8.86 -3.98 7.12
N GLU A 64 -9.01 -2.68 6.95
CA GLU A 64 -10.12 -1.95 7.54
C GLU A 64 -11.36 -2.13 6.67
N HIS A 65 -12.53 -1.92 7.27
CA HIS A 65 -13.80 -2.16 6.59
C HIS A 65 -13.89 -3.64 6.22
N HIS A 66 -13.15 -4.44 6.98
CA HIS A 66 -12.92 -5.84 6.66
C HIS A 66 -12.70 -6.61 7.96
N HIS A 67 -13.38 -7.73 8.13
CA HIS A 67 -13.21 -8.53 9.34
C HIS A 67 -11.81 -9.13 9.37
N HIS A 68 -11.21 -9.13 10.55
CA HIS A 68 -9.88 -9.71 10.71
C HIS A 68 -9.99 -11.16 11.12
N HIS A 69 -9.01 -11.95 10.75
CA HIS A 69 -8.91 -13.31 11.27
C HIS A 69 -7.94 -13.29 12.43
N HIS A 70 -8.49 -13.14 13.63
CA HIS A 70 -7.72 -12.87 14.84
C HIS A 70 -7.15 -11.45 14.77
N MET A 1 -10.57 8.84 8.32
CA MET A 1 -11.24 9.86 7.48
C MET A 1 -10.78 9.74 6.04
N ILE A 2 -11.56 9.01 5.24
CA ILE A 2 -11.23 8.81 3.85
C ILE A 2 -12.35 9.30 2.94
N GLY A 3 -12.08 10.39 2.24
CA GLY A 3 -13.00 10.90 1.24
C GLY A 3 -12.32 11.05 -0.09
N ASP A 4 -11.13 10.46 -0.17
CA ASP A 4 -10.30 10.56 -1.36
C ASP A 4 -10.47 9.33 -2.22
N TYR A 5 -11.08 9.51 -3.38
CA TYR A 5 -11.25 8.43 -4.33
C TYR A 5 -10.82 8.89 -5.71
N TYR A 6 -9.51 8.84 -5.96
CA TYR A 6 -8.96 9.29 -7.23
C TYR A 6 -7.61 8.62 -7.46
N ILE A 7 -7.23 8.46 -8.72
CA ILE A 7 -5.98 7.80 -9.11
C ILE A 7 -6.02 6.31 -8.79
N ASN A 8 -5.83 5.97 -7.51
CA ASN A 8 -5.84 4.57 -7.09
C ASN A 8 -7.27 4.14 -6.77
N ALA A 9 -8.02 5.02 -6.11
CA ALA A 9 -9.38 4.73 -5.65
C ALA A 9 -9.37 3.65 -4.57
N SER A 10 -10.50 3.00 -4.36
CA SER A 10 -10.64 2.03 -3.27
C SER A 10 -9.91 0.73 -3.56
N ALA A 11 -9.50 0.52 -4.80
CA ALA A 11 -8.85 -0.72 -5.19
C ALA A 11 -7.45 -0.45 -5.72
N LEU A 12 -6.61 -1.49 -5.74
CA LEU A 12 -5.24 -1.38 -6.23
C LEU A 12 -4.46 -0.30 -5.50
N ASN A 13 -4.65 -0.25 -4.18
CA ASN A 13 -4.02 0.77 -3.37
C ASN A 13 -2.50 0.59 -3.31
N VAL A 14 -2.07 -0.61 -2.94
CA VAL A 14 -0.66 -0.88 -2.73
C VAL A 14 0.01 -1.30 -4.04
N ARG A 15 -0.22 -0.53 -5.10
CA ARG A 15 0.34 -0.85 -6.42
C ARG A 15 1.84 -0.55 -6.53
N SER A 16 2.56 -0.81 -5.43
CA SER A 16 4.00 -0.72 -5.40
C SER A 16 4.53 0.61 -5.97
N GLY A 17 4.36 1.66 -5.20
CA GLY A 17 4.86 2.96 -5.60
C GLY A 17 3.77 3.84 -6.14
N GLU A 18 4.07 4.56 -7.20
CA GLU A 18 3.08 5.38 -7.86
C GLU A 18 2.78 4.76 -9.23
N GLY A 19 2.73 3.44 -9.25
CA GLY A 19 2.59 2.71 -10.49
C GLY A 19 3.93 2.35 -11.07
N THR A 20 4.93 2.32 -10.20
CA THR A 20 6.31 2.12 -10.60
C THR A 20 6.67 0.62 -10.67
N ASN A 21 6.55 -0.05 -9.52
CA ASN A 21 6.88 -1.47 -9.43
C ASN A 21 5.60 -2.27 -9.25
N TYR A 22 4.54 -1.79 -9.90
CA TYR A 22 3.16 -2.26 -9.67
C TYR A 22 3.01 -3.77 -9.74
N ARG A 23 3.93 -4.46 -10.41
CA ARG A 23 3.87 -5.90 -10.57
C ARG A 23 3.83 -6.65 -9.22
N ILE A 24 4.54 -6.12 -8.23
CA ILE A 24 4.75 -6.84 -6.97
C ILE A 24 3.47 -6.92 -6.15
N ILE A 25 2.90 -5.76 -5.84
CA ILE A 25 1.71 -5.68 -5.00
C ILE A 25 0.65 -4.84 -5.72
N GLY A 26 -0.62 -5.02 -5.37
CA GLY A 26 -1.66 -4.28 -6.04
C GLY A 26 -2.82 -3.89 -5.14
N ALA A 27 -3.71 -4.84 -4.87
CA ALA A 27 -4.99 -4.56 -4.23
C ALA A 27 -4.87 -4.41 -2.71
N LEU A 28 -5.98 -4.71 -2.03
CA LEU A 28 -6.09 -4.60 -0.58
C LEU A 28 -5.72 -5.94 0.09
N PRO A 29 -4.43 -6.15 0.42
CA PRO A 29 -3.94 -7.41 0.94
C PRO A 29 -4.13 -7.54 2.45
N GLN A 30 -4.54 -6.44 3.08
CA GLN A 30 -4.72 -6.38 4.54
C GLN A 30 -3.36 -6.48 5.25
N GLY A 31 -3.34 -6.15 6.54
CA GLY A 31 -2.11 -6.22 7.31
C GLY A 31 -1.73 -7.65 7.67
N GLN A 32 -1.36 -8.43 6.65
CA GLN A 32 -0.89 -9.80 6.84
C GLN A 32 0.35 -9.80 7.74
N LYS A 33 1.42 -9.25 7.20
CA LYS A 33 2.67 -9.11 7.94
C LYS A 33 3.27 -7.75 7.61
N VAL A 34 3.12 -7.34 6.36
CA VAL A 34 3.58 -6.05 5.88
C VAL A 34 2.62 -4.94 6.32
N GLN A 35 3.10 -4.03 7.17
CA GLN A 35 2.27 -2.93 7.65
C GLN A 35 2.92 -1.59 7.33
N VAL A 36 3.91 -1.63 6.42
CA VAL A 36 4.76 -0.47 6.13
C VAL A 36 5.72 -0.22 7.27
N ILE A 37 7.01 -0.30 6.98
CA ILE A 37 8.04 -0.12 8.01
C ILE A 37 8.08 1.33 8.45
N SER A 38 8.19 2.22 7.47
CA SER A 38 8.20 3.65 7.72
C SER A 38 8.04 4.42 6.43
N GLU A 39 7.45 5.59 6.53
CA GLU A 39 7.23 6.43 5.38
C GLU A 39 8.41 7.37 5.18
N ASN A 40 8.98 7.34 3.99
CA ASN A 40 10.13 8.15 3.66
C ASN A 40 9.70 9.42 2.95
N SER A 41 10.67 10.25 2.65
CA SER A 41 10.48 11.45 1.87
C SER A 41 9.99 11.13 0.46
N GLY A 42 8.71 10.80 0.37
CA GLY A 42 8.10 10.54 -0.92
C GLY A 42 7.31 9.24 -0.93
N TRP A 43 8.02 8.13 -0.83
CA TRP A 43 7.40 6.82 -0.82
C TRP A 43 7.57 6.16 0.54
N SER A 44 6.74 5.18 0.82
CA SER A 44 6.80 4.45 2.06
C SER A 44 7.44 3.09 1.83
N LYS A 45 8.44 2.75 2.63
CA LYS A 45 9.19 1.54 2.44
C LYS A 45 8.51 0.34 3.06
N ILE A 46 8.43 -0.74 2.28
CA ILE A 46 7.85 -1.99 2.76
C ILE A 46 8.66 -3.16 2.24
N ASN A 47 8.64 -4.26 2.97
CA ASN A 47 9.26 -5.48 2.51
C ASN A 47 8.16 -6.50 2.23
N TYR A 48 8.00 -6.86 0.97
CA TYR A 48 6.88 -7.69 0.56
C TYR A 48 7.40 -9.03 0.03
N ASN A 49 7.13 -10.09 0.77
CA ASN A 49 7.53 -11.45 0.40
C ASN A 49 9.05 -11.56 0.30
N GLY A 50 9.74 -10.82 1.16
CA GLY A 50 11.18 -10.90 1.21
C GLY A 50 11.90 -9.92 0.30
N GLN A 51 11.15 -9.26 -0.58
CA GLN A 51 11.78 -8.31 -1.51
C GLN A 51 11.46 -6.87 -1.11
N THR A 52 12.41 -5.99 -1.37
CA THR A 52 12.29 -4.59 -0.97
C THR A 52 11.50 -3.78 -2.00
N GLY A 53 10.54 -3.01 -1.53
CA GLY A 53 9.77 -2.17 -2.42
C GLY A 53 9.35 -0.89 -1.74
N TYR A 54 8.74 0.01 -2.51
CA TYR A 54 8.23 1.26 -1.98
C TYR A 54 6.83 1.50 -2.51
N ILE A 55 5.98 2.15 -1.71
CA ILE A 55 4.63 2.49 -2.17
C ILE A 55 4.37 3.97 -1.96
N GLY A 56 3.47 4.53 -2.75
CA GLY A 56 3.15 5.93 -2.64
C GLY A 56 2.28 6.21 -1.42
N THR A 57 2.68 7.19 -0.64
CA THR A 57 1.96 7.54 0.59
C THR A 57 0.59 8.16 0.27
N ARG A 58 0.36 8.45 -1.01
CA ARG A 58 -0.92 8.97 -1.46
C ARG A 58 -2.04 7.98 -1.15
N TYR A 59 -1.79 6.72 -1.48
CA TYR A 59 -2.76 5.66 -1.25
C TYR A 59 -2.10 4.49 -0.55
N LEU A 60 -2.60 4.20 0.64
CA LEU A 60 -2.02 3.16 1.47
C LEU A 60 -3.16 2.35 2.10
N SER A 61 -3.04 1.04 2.09
CA SER A 61 -4.10 0.19 2.59
C SER A 61 -4.00 0.03 4.09
N LYS A 62 -5.04 0.45 4.77
CA LYS A 62 -5.16 0.26 6.20
C LYS A 62 -6.28 -0.76 6.45
N LEU A 63 -6.48 -1.14 7.69
CA LEU A 63 -7.48 -2.15 8.02
C LEU A 63 -8.89 -1.66 7.76
N GLU A 64 -9.31 -0.65 8.52
CA GLU A 64 -10.67 -0.11 8.44
C GLU A 64 -11.66 -1.22 8.82
N HIS A 65 -12.94 -0.92 8.76
CA HIS A 65 -13.94 -1.91 9.06
C HIS A 65 -14.85 -2.12 7.85
N HIS A 66 -14.35 -2.85 6.88
CA HIS A 66 -15.13 -3.21 5.70
C HIS A 66 -15.64 -4.64 5.83
N HIS A 67 -16.86 -4.77 6.29
CA HIS A 67 -17.49 -6.09 6.40
C HIS A 67 -17.94 -6.53 5.03
N HIS A 68 -17.64 -7.78 4.67
CA HIS A 68 -18.08 -8.36 3.40
C HIS A 68 -17.32 -7.72 2.22
N HIS A 69 -16.24 -7.00 2.54
CA HIS A 69 -15.48 -6.21 1.56
C HIS A 69 -16.30 -5.01 1.10
N HIS A 70 -17.38 -5.29 0.40
CA HIS A 70 -18.32 -4.26 -0.05
C HIS A 70 -19.71 -4.87 -0.24
N MET A 1 -5.50 15.49 7.63
CA MET A 1 -6.34 14.28 7.71
C MET A 1 -7.37 14.27 6.57
N ILE A 2 -7.05 13.53 5.52
CA ILE A 2 -7.93 13.46 4.35
C ILE A 2 -8.12 12.01 3.90
N GLY A 3 -9.38 11.58 3.90
CA GLY A 3 -9.74 10.32 3.31
C GLY A 3 -10.90 10.50 2.36
N ASP A 4 -12.10 10.69 2.94
CA ASP A 4 -13.30 11.12 2.21
C ASP A 4 -13.49 10.39 0.89
N TYR A 5 -13.61 9.06 0.97
CA TYR A 5 -13.93 8.16 -0.16
C TYR A 5 -13.05 8.40 -1.41
N TYR A 6 -11.94 9.08 -1.25
CA TYR A 6 -10.98 9.23 -2.34
C TYR A 6 -9.77 8.34 -2.08
N ILE A 7 -9.32 8.35 -0.84
CA ILE A 7 -8.22 7.51 -0.42
C ILE A 7 -8.65 6.04 -0.39
N ASN A 8 -7.87 5.19 -1.05
CA ASN A 8 -8.17 3.76 -1.14
C ASN A 8 -9.35 3.50 -2.07
N ALA A 9 -9.08 3.04 -3.27
CA ALA A 9 -10.14 2.69 -4.20
C ALA A 9 -10.62 1.26 -3.93
N SER A 10 -9.88 0.29 -4.42
CA SER A 10 -10.21 -1.11 -4.18
C SER A 10 -8.93 -1.93 -3.95
N ALA A 11 -8.15 -2.12 -5.02
CA ALA A 11 -6.92 -2.87 -4.92
C ALA A 11 -5.71 -1.97 -5.15
N LEU A 12 -5.97 -0.67 -5.16
CA LEU A 12 -4.91 0.31 -5.38
C LEU A 12 -4.28 0.71 -4.05
N ASN A 13 -3.54 -0.21 -3.44
CA ASN A 13 -2.88 0.06 -2.17
C ASN A 13 -1.36 -0.08 -2.29
N VAL A 14 -0.91 -1.26 -2.67
CA VAL A 14 0.51 -1.54 -2.72
C VAL A 14 1.02 -1.51 -4.17
N ARG A 15 0.66 -0.45 -4.88
CA ARG A 15 0.91 -0.35 -6.32
C ARG A 15 2.36 0.06 -6.64
N SER A 16 3.31 -0.51 -5.91
CA SER A 16 4.76 -0.29 -6.14
C SER A 16 5.14 1.20 -6.12
N GLY A 17 4.32 2.02 -5.49
CA GLY A 17 4.59 3.45 -5.45
C GLY A 17 3.60 4.22 -6.30
N GLU A 18 4.09 4.88 -7.34
CA GLU A 18 3.23 5.57 -8.28
C GLU A 18 2.62 4.56 -9.24
N GLY A 19 3.47 4.06 -10.12
CA GLY A 19 3.11 3.01 -11.04
C GLY A 19 4.36 2.34 -11.54
N THR A 20 5.37 2.34 -10.68
CA THR A 20 6.72 1.90 -11.01
C THR A 20 6.74 0.51 -11.63
N ASN A 21 6.09 -0.42 -10.95
CA ASN A 21 6.03 -1.81 -11.40
C ASN A 21 4.94 -2.54 -10.61
N TYR A 22 3.71 -2.07 -10.74
CA TYR A 22 2.60 -2.56 -9.94
C TYR A 22 2.13 -3.93 -10.41
N ARG A 23 2.87 -4.51 -11.34
CA ARG A 23 2.60 -5.85 -11.82
C ARG A 23 3.04 -6.89 -10.79
N ILE A 24 3.99 -6.50 -9.94
CA ILE A 24 4.51 -7.42 -8.92
C ILE A 24 3.57 -7.52 -7.72
N ILE A 25 3.09 -6.37 -7.25
CA ILE A 25 2.25 -6.31 -6.06
C ILE A 25 1.03 -5.46 -6.33
N GLY A 26 -0.12 -5.91 -5.86
CA GLY A 26 -1.34 -5.17 -6.06
C GLY A 26 -1.91 -4.64 -4.76
N ALA A 27 -2.50 -5.53 -3.99
CA ALA A 27 -3.06 -5.16 -2.70
C ALA A 27 -2.98 -6.33 -1.72
N LEU A 28 -2.01 -6.28 -0.83
CA LEU A 28 -1.89 -7.27 0.23
C LEU A 28 -1.48 -6.58 1.52
N PRO A 29 -2.43 -5.89 2.17
CA PRO A 29 -2.19 -5.18 3.41
C PRO A 29 -2.19 -6.12 4.61
N GLN A 30 -1.04 -6.21 5.29
CA GLN A 30 -0.82 -7.14 6.38
C GLN A 30 -0.61 -8.56 5.83
N GLY A 31 0.60 -9.06 5.99
CA GLY A 31 0.95 -10.36 5.47
C GLY A 31 2.33 -10.79 5.92
N GLN A 32 3.31 -9.91 5.74
CA GLN A 32 4.65 -10.14 6.24
C GLN A 32 5.19 -8.88 6.91
N LYS A 33 5.77 -8.00 6.11
CA LYS A 33 6.27 -6.73 6.60
C LYS A 33 5.69 -5.59 5.75
N VAL A 34 4.73 -5.94 4.92
CA VAL A 34 4.07 -4.97 4.07
C VAL A 34 2.93 -4.28 4.81
N GLN A 35 3.30 -3.27 5.59
CA GLN A 35 2.34 -2.50 6.37
C GLN A 35 2.97 -1.17 6.79
N VAL A 36 3.64 -0.53 5.82
CA VAL A 36 4.31 0.77 5.99
C VAL A 36 5.10 0.87 7.32
N ILE A 37 6.34 0.42 7.27
CA ILE A 37 7.19 0.44 8.46
C ILE A 37 7.67 1.86 8.76
N SER A 38 8.30 2.45 7.77
CA SER A 38 8.81 3.81 7.87
C SER A 38 8.60 4.53 6.54
N GLU A 39 8.86 5.82 6.51
CA GLU A 39 8.68 6.58 5.29
C GLU A 39 9.90 7.46 5.03
N ASN A 40 10.33 7.50 3.77
CA ASN A 40 11.53 8.25 3.39
C ASN A 40 11.43 8.63 1.92
N SER A 41 11.74 9.89 1.63
CA SER A 41 11.82 10.40 0.26
C SER A 41 10.43 10.49 -0.38
N GLY A 42 9.40 10.30 0.43
CA GLY A 42 8.04 10.41 -0.06
C GLY A 42 7.35 9.06 -0.13
N TRP A 43 8.12 8.02 -0.40
CA TRP A 43 7.59 6.67 -0.47
C TRP A 43 7.71 5.98 0.88
N SER A 44 6.90 4.96 1.09
CA SER A 44 6.88 4.23 2.35
C SER A 44 7.67 2.93 2.23
N LYS A 45 8.36 2.59 3.31
CA LYS A 45 9.20 1.41 3.38
C LYS A 45 8.36 0.17 3.69
N ILE A 46 8.42 -0.81 2.80
CA ILE A 46 7.70 -2.07 2.99
C ILE A 46 8.57 -3.24 2.55
N ASN A 47 8.28 -4.41 3.08
CA ASN A 47 8.98 -5.62 2.67
C ASN A 47 7.97 -6.65 2.18
N TYR A 48 8.11 -7.03 0.92
CA TYR A 48 7.16 -7.93 0.28
C TYR A 48 7.90 -9.16 -0.24
N ASN A 49 7.63 -10.31 0.36
CA ASN A 49 8.26 -11.57 -0.04
C ASN A 49 9.77 -11.50 0.08
N GLY A 50 10.24 -10.74 1.06
CA GLY A 50 11.65 -10.66 1.34
C GLY A 50 12.34 -9.50 0.63
N GLN A 51 11.73 -8.94 -0.40
CA GLN A 51 12.34 -7.85 -1.13
C GLN A 51 11.91 -6.50 -0.58
N THR A 52 12.86 -5.59 -0.51
CA THR A 52 12.60 -4.25 -0.02
C THR A 52 11.94 -3.42 -1.12
N GLY A 53 10.79 -2.86 -0.82
CA GLY A 53 10.08 -2.06 -1.79
C GLY A 53 9.55 -0.78 -1.19
N TYR A 54 9.03 0.09 -2.04
CA TYR A 54 8.45 1.35 -1.63
C TYR A 54 7.09 1.53 -2.27
N ILE A 55 6.18 2.19 -1.58
CA ILE A 55 4.88 2.53 -2.14
C ILE A 55 4.52 3.97 -1.82
N GLY A 56 3.58 4.53 -2.58
CA GLY A 56 3.22 5.92 -2.38
C GLY A 56 2.20 6.10 -1.27
N THR A 57 2.46 7.06 -0.39
CA THR A 57 1.60 7.32 0.76
C THR A 57 0.20 7.77 0.33
N ARG A 58 0.07 8.19 -0.92
CA ARG A 58 -1.20 8.70 -1.43
C ARG A 58 -2.30 7.65 -1.33
N TYR A 59 -2.03 6.44 -1.79
CA TYR A 59 -3.01 5.38 -1.72
C TYR A 59 -2.56 4.24 -0.83
N LEU A 60 -3.31 4.05 0.24
CA LEU A 60 -3.08 2.96 1.19
C LEU A 60 -4.44 2.44 1.63
N SER A 61 -4.44 1.39 2.43
CA SER A 61 -5.68 0.82 2.91
C SER A 61 -6.16 1.59 4.13
N LYS A 62 -7.34 2.18 4.02
CA LYS A 62 -7.93 2.92 5.12
C LYS A 62 -8.92 2.01 5.83
N LEU A 63 -8.98 2.08 7.15
CA LEU A 63 -9.84 1.17 7.92
C LEU A 63 -11.30 1.47 7.68
N GLU A 64 -11.60 2.68 7.22
CA GLU A 64 -12.97 3.04 6.90
C GLU A 64 -13.37 2.43 5.55
N HIS A 65 -13.97 1.24 5.61
CA HIS A 65 -14.45 0.58 4.41
C HIS A 65 -15.96 0.54 4.38
N HIS A 66 -16.53 -0.31 5.23
CA HIS A 66 -17.97 -0.56 5.29
C HIS A 66 -18.47 -1.20 4.00
N HIS A 67 -19.72 -1.61 4.01
CA HIS A 67 -20.38 -2.01 2.77
C HIS A 67 -21.56 -1.08 2.50
N HIS A 68 -21.28 -0.04 1.73
CA HIS A 68 -22.28 0.98 1.43
C HIS A 68 -22.99 0.60 0.14
N HIS A 69 -22.60 -0.57 -0.40
CA HIS A 69 -23.10 -1.13 -1.67
C HIS A 69 -22.89 -0.18 -2.85
N HIS A 70 -22.35 -0.71 -3.93
CA HIS A 70 -22.10 0.09 -5.12
C HIS A 70 -23.17 -0.20 -6.16
N MET A 1 -9.17 -9.05 -0.97
CA MET A 1 -10.50 -8.48 -1.29
C MET A 1 -10.35 -7.29 -2.21
N ILE A 2 -11.45 -6.85 -2.80
CA ILE A 2 -11.40 -5.82 -3.84
C ILE A 2 -12.17 -4.57 -3.42
N GLY A 3 -12.15 -3.58 -4.31
CA GLY A 3 -12.82 -2.32 -4.07
C GLY A 3 -12.52 -1.35 -5.18
N ASP A 4 -12.91 -1.73 -6.40
CA ASP A 4 -12.57 -1.00 -7.63
C ASP A 4 -11.06 -1.09 -7.91
N TYR A 5 -10.70 -1.72 -9.01
CA TYR A 5 -9.29 -1.90 -9.35
C TYR A 5 -8.68 -0.62 -9.93
N TYR A 6 -8.49 0.35 -9.05
CA TYR A 6 -7.82 1.59 -9.39
C TYR A 6 -6.93 1.97 -8.22
N ILE A 7 -6.24 3.09 -8.34
CA ILE A 7 -5.51 3.63 -7.20
C ILE A 7 -6.53 4.25 -6.24
N ASN A 8 -7.02 3.43 -5.33
CA ASN A 8 -8.15 3.78 -4.48
C ASN A 8 -7.92 3.31 -3.06
N ALA A 9 -8.22 4.17 -2.09
CA ALA A 9 -8.06 3.83 -0.68
C ALA A 9 -9.08 2.80 -0.25
N SER A 10 -8.67 1.53 -0.31
CA SER A 10 -9.56 0.42 0.01
C SER A 10 -8.74 -0.84 0.21
N ALA A 11 -7.76 -1.05 -0.68
CA ALA A 11 -6.85 -2.19 -0.60
C ALA A 11 -5.85 -2.15 -1.75
N LEU A 12 -6.29 -1.64 -2.89
CA LEU A 12 -5.54 -1.72 -4.15
C LEU A 12 -4.33 -0.77 -4.16
N ASN A 13 -3.99 -0.19 -3.01
CA ASN A 13 -2.91 0.78 -2.97
C ASN A 13 -1.58 0.16 -2.57
N VAL A 14 -1.59 -1.15 -2.35
CA VAL A 14 -0.37 -1.89 -2.10
C VAL A 14 0.17 -2.41 -3.44
N ARG A 15 -0.07 -1.62 -4.48
CA ARG A 15 0.29 -1.99 -5.84
C ARG A 15 1.79 -1.78 -6.09
N SER A 16 2.49 -1.40 -5.03
CA SER A 16 3.94 -1.20 -5.07
C SER A 16 4.33 0.04 -5.87
N GLY A 17 3.35 0.91 -6.10
CA GLY A 17 3.62 2.14 -6.80
C GLY A 17 2.45 2.65 -7.60
N GLU A 18 2.64 2.80 -8.90
CA GLU A 18 1.63 3.38 -9.77
C GLU A 18 1.93 3.02 -11.23
N GLY A 19 3.01 3.60 -11.75
CA GLY A 19 3.48 3.24 -13.09
C GLY A 19 4.97 2.97 -13.09
N THR A 20 5.68 3.68 -12.21
CA THR A 20 7.09 3.44 -11.97
C THR A 20 7.36 2.00 -11.57
N ASN A 21 6.38 1.40 -10.89
CA ASN A 21 6.46 0.02 -10.43
C ASN A 21 5.11 -0.40 -9.88
N TYR A 22 4.46 -1.34 -10.54
CA TYR A 22 3.19 -1.86 -10.07
C TYR A 22 3.19 -3.38 -10.09
N ARG A 23 4.36 -3.96 -10.37
CA ARG A 23 4.45 -5.39 -10.64
C ARG A 23 4.65 -6.24 -9.38
N ILE A 24 5.19 -5.64 -8.33
CA ILE A 24 5.59 -6.41 -7.15
C ILE A 24 4.38 -6.95 -6.39
N ILE A 25 3.47 -6.07 -5.98
CA ILE A 25 2.28 -6.48 -5.24
C ILE A 25 1.04 -5.83 -5.86
N GLY A 26 -0.10 -5.92 -5.18
CA GLY A 26 -1.33 -5.40 -5.73
C GLY A 26 -2.26 -4.84 -4.66
N ALA A 27 -2.76 -5.71 -3.79
CA ALA A 27 -3.66 -5.30 -2.73
C ALA A 27 -3.55 -6.23 -1.52
N LEU A 28 -2.73 -5.85 -0.55
CA LEU A 28 -2.54 -6.63 0.65
C LEU A 28 -1.82 -5.78 1.70
N PRO A 29 -2.56 -4.99 2.48
CA PRO A 29 -2.00 -4.07 3.44
C PRO A 29 -1.67 -4.72 4.78
N GLN A 30 -0.55 -5.46 4.81
CA GLN A 30 -0.03 -6.04 6.05
C GLN A 30 -1.06 -6.98 6.69
N GLY A 31 -0.97 -7.16 8.00
CA GLY A 31 -1.92 -7.99 8.71
C GLY A 31 -1.47 -9.43 8.80
N GLN A 32 -1.75 -10.19 7.74
CA GLN A 32 -1.42 -11.60 7.70
C GLN A 32 0.09 -11.82 7.72
N LYS A 33 0.80 -11.08 6.89
CA LYS A 33 2.23 -11.24 6.70
C LYS A 33 2.79 -9.90 6.24
N VAL A 34 4.12 -9.77 6.24
CA VAL A 34 4.79 -8.55 5.75
C VAL A 34 4.69 -7.42 6.77
N GLN A 35 5.74 -6.62 6.86
CA GLN A 35 5.80 -5.52 7.81
C GLN A 35 6.37 -4.27 7.15
N VAL A 36 5.91 -3.11 7.60
CA VAL A 36 6.38 -1.84 7.09
C VAL A 36 7.55 -1.33 7.94
N ILE A 37 8.52 -0.70 7.30
CA ILE A 37 9.69 -0.17 8.01
C ILE A 37 9.45 1.29 8.37
N SER A 38 9.19 2.10 7.36
CA SER A 38 8.91 3.53 7.56
C SER A 38 8.48 4.16 6.25
N GLU A 39 7.68 5.19 6.35
CA GLU A 39 7.14 5.85 5.19
C GLU A 39 7.73 7.24 5.01
N ASN A 40 8.05 7.57 3.77
CA ASN A 40 8.49 8.90 3.40
C ASN A 40 7.29 9.68 2.90
N SER A 41 7.46 10.96 2.62
CA SER A 41 6.37 11.77 2.08
C SER A 41 6.08 11.37 0.63
N GLY A 42 6.97 10.57 0.06
CA GLY A 42 6.76 10.06 -1.29
C GLY A 42 6.34 8.61 -1.28
N TRP A 43 7.30 7.72 -1.01
CA TRP A 43 7.03 6.30 -0.95
C TRP A 43 7.32 5.75 0.45
N SER A 44 6.75 4.61 0.76
CA SER A 44 6.99 3.95 2.04
C SER A 44 7.82 2.67 1.82
N LYS A 45 8.72 2.40 2.75
CA LYS A 45 9.58 1.23 2.67
C LYS A 45 8.94 0.02 3.35
N ILE A 46 8.66 -1.00 2.55
CA ILE A 46 8.13 -2.25 3.05
C ILE A 46 8.92 -3.42 2.48
N ASN A 47 8.89 -4.56 3.17
CA ASN A 47 9.49 -5.77 2.65
C ASN A 47 8.40 -6.81 2.42
N TYR A 48 8.18 -7.16 1.16
CA TYR A 48 7.13 -8.10 0.82
C TYR A 48 7.71 -9.49 0.63
N ASN A 49 7.87 -10.20 1.75
CA ASN A 49 8.39 -11.57 1.77
C ASN A 49 9.73 -11.67 1.05
N GLY A 50 10.68 -10.86 1.49
CA GLY A 50 12.02 -10.90 0.93
C GLY A 50 12.22 -9.91 -0.19
N GLN A 51 11.14 -9.40 -0.75
CA GLN A 51 11.23 -8.41 -1.81
C GLN A 51 11.24 -7.01 -1.23
N THR A 52 11.86 -6.10 -1.95
CA THR A 52 11.91 -4.71 -1.54
C THR A 52 10.77 -3.95 -2.20
N GLY A 53 9.84 -3.48 -1.38
CA GLY A 53 8.67 -2.82 -1.92
C GLY A 53 8.56 -1.39 -1.48
N TYR A 54 7.98 -0.58 -2.36
CA TYR A 54 7.65 0.79 -2.05
C TYR A 54 6.20 1.02 -2.40
N ILE A 55 5.51 1.84 -1.64
CA ILE A 55 4.15 2.20 -1.97
C ILE A 55 3.95 3.71 -1.84
N GLY A 56 2.94 4.24 -2.50
CA GLY A 56 2.71 5.67 -2.48
C GLY A 56 2.08 6.12 -1.19
N THR A 57 2.69 7.11 -0.54
CA THR A 57 2.15 7.66 0.69
C THR A 57 0.95 8.57 0.38
N ARG A 58 0.70 8.79 -0.90
CA ARG A 58 -0.44 9.57 -1.34
C ARG A 58 -1.72 8.75 -1.20
N TYR A 59 -1.69 7.52 -1.70
CA TYR A 59 -2.82 6.62 -1.61
C TYR A 59 -2.42 5.36 -0.88
N LEU A 60 -3.10 5.09 0.22
CA LEU A 60 -2.80 3.93 1.05
C LEU A 60 -4.07 3.20 1.45
N SER A 61 -3.88 2.07 2.11
CA SER A 61 -4.98 1.29 2.62
C SER A 61 -4.51 0.57 3.88
N LYS A 62 -5.41 0.40 4.83
CA LYS A 62 -5.06 -0.22 6.10
C LYS A 62 -5.83 -1.51 6.29
N LEU A 63 -7.14 -1.39 6.45
CA LEU A 63 -8.01 -2.53 6.56
C LEU A 63 -9.27 -2.30 5.74
N GLU A 64 -9.98 -1.22 6.07
CA GLU A 64 -11.15 -0.77 5.32
C GLU A 64 -12.27 -1.81 5.31
N HIS A 65 -13.37 -1.46 4.63
CA HIS A 65 -14.52 -2.35 4.50
C HIS A 65 -15.08 -2.73 5.87
N HIS A 66 -15.04 -1.77 6.78
CA HIS A 66 -15.54 -1.96 8.13
C HIS A 66 -16.97 -1.45 8.22
N HIS A 67 -17.86 -2.29 8.77
CA HIS A 67 -19.29 -1.98 8.86
C HIS A 67 -19.90 -1.79 7.48
N HIS A 68 -20.47 -2.87 6.94
CA HIS A 68 -21.21 -2.79 5.69
C HIS A 68 -22.56 -2.14 5.96
N HIS A 69 -23.01 -2.32 7.20
CA HIS A 69 -24.22 -1.71 7.71
C HIS A 69 -24.37 -2.13 9.17
N HIS A 70 -23.94 -3.35 9.45
CA HIS A 70 -23.85 -3.87 10.80
C HIS A 70 -22.55 -4.66 10.93
N MET A 1 -2.65 10.87 12.36
CA MET A 1 -3.10 10.48 11.01
C MET A 1 -4.47 11.09 10.72
N ILE A 2 -4.86 11.08 9.46
CA ILE A 2 -6.15 11.62 9.05
C ILE A 2 -6.94 10.55 8.31
N GLY A 3 -6.43 10.12 7.16
CA GLY A 3 -7.08 9.06 6.41
C GLY A 3 -7.94 9.59 5.28
N ASP A 4 -8.24 10.89 5.33
CA ASP A 4 -9.10 11.51 4.32
C ASP A 4 -8.31 11.84 3.06
N TYR A 5 -7.03 11.51 3.06
CA TYR A 5 -6.17 11.77 1.92
C TYR A 5 -5.76 10.47 1.24
N TYR A 6 -6.57 9.44 1.45
CA TYR A 6 -6.38 8.17 0.77
C TYR A 6 -7.50 7.95 -0.24
N ILE A 7 -7.15 8.01 -1.51
CA ILE A 7 -8.13 7.91 -2.58
C ILE A 7 -8.65 6.48 -2.71
N ASN A 8 -7.72 5.53 -2.83
CA ASN A 8 -8.04 4.11 -2.93
C ASN A 8 -8.87 3.82 -4.18
N ALA A 9 -8.58 4.53 -5.26
CA ALA A 9 -9.31 4.35 -6.51
C ALA A 9 -8.78 3.13 -7.26
N SER A 10 -9.56 2.68 -8.25
CA SER A 10 -9.20 1.52 -9.07
C SER A 10 -9.19 0.24 -8.24
N ALA A 11 -9.77 0.32 -7.05
CA ALA A 11 -9.87 -0.82 -6.13
C ALA A 11 -8.51 -1.36 -5.73
N LEU A 12 -7.49 -0.51 -5.78
CA LEU A 12 -6.14 -0.92 -5.44
C LEU A 12 -5.67 -0.23 -4.16
N ASN A 13 -4.98 -0.99 -3.32
CA ASN A 13 -4.44 -0.45 -2.07
C ASN A 13 -2.92 -0.54 -2.06
N VAL A 14 -2.39 -1.75 -2.19
CA VAL A 14 -0.95 -1.95 -2.31
C VAL A 14 -0.67 -2.62 -3.66
N ARG A 15 -1.69 -2.61 -4.50
CA ARG A 15 -1.64 -3.28 -5.79
C ARG A 15 -0.56 -2.64 -6.65
N SER A 16 0.51 -3.40 -6.88
CA SER A 16 1.67 -2.94 -7.66
C SER A 16 2.28 -1.66 -7.10
N GLY A 17 1.91 -1.30 -5.87
CA GLY A 17 2.36 -0.04 -5.30
C GLY A 17 2.03 1.12 -6.20
N GLU A 18 3.06 1.71 -6.80
CA GLU A 18 2.86 2.68 -7.86
C GLU A 18 3.49 2.14 -9.13
N GLY A 19 3.09 2.69 -10.28
CA GLY A 19 3.47 2.13 -11.56
C GLY A 19 4.92 2.37 -11.95
N THR A 20 5.85 1.91 -11.12
CA THR A 20 7.26 2.03 -11.44
C THR A 20 7.82 0.68 -11.92
N ASN A 21 7.76 -0.36 -11.08
CA ASN A 21 8.22 -1.71 -11.47
C ASN A 21 7.61 -2.76 -10.53
N TYR A 22 6.90 -2.29 -9.52
CA TYR A 22 6.41 -3.14 -8.43
C TYR A 22 5.12 -3.84 -8.78
N ARG A 23 4.79 -3.85 -10.07
CA ARG A 23 3.56 -4.44 -10.61
C ARG A 23 3.22 -5.82 -10.01
N ILE A 24 4.23 -6.52 -9.50
CA ILE A 24 4.03 -7.88 -8.97
C ILE A 24 3.40 -7.89 -7.58
N ILE A 25 3.21 -6.71 -6.99
CA ILE A 25 2.56 -6.60 -5.68
C ILE A 25 1.04 -6.43 -5.88
N GLY A 26 0.26 -6.57 -4.82
CA GLY A 26 -1.18 -6.58 -4.96
C GLY A 26 -1.86 -6.04 -3.71
N ALA A 27 -3.18 -5.94 -3.75
CA ALA A 27 -3.91 -5.37 -2.64
C ALA A 27 -4.41 -6.46 -1.70
N LEU A 28 -3.61 -6.75 -0.68
CA LEU A 28 -4.01 -7.70 0.36
C LEU A 28 -3.01 -7.68 1.52
N PRO A 29 -2.87 -6.54 2.21
CA PRO A 29 -2.06 -6.48 3.43
C PRO A 29 -2.84 -6.95 4.65
N GLN A 30 -4.12 -6.54 4.71
CA GLN A 30 -5.07 -6.90 5.79
C GLN A 30 -4.45 -6.77 7.19
N GLY A 31 -3.45 -5.92 7.33
CA GLY A 31 -2.78 -5.74 8.60
C GLY A 31 -2.12 -7.01 9.11
N GLN A 32 -1.88 -7.94 8.20
CA GLN A 32 -1.34 -9.24 8.55
C GLN A 32 0.17 -9.17 8.68
N LYS A 33 0.84 -8.74 7.61
CA LYS A 33 2.30 -8.69 7.63
C LYS A 33 2.83 -7.48 6.86
N VAL A 34 2.69 -7.52 5.54
CA VAL A 34 3.24 -6.46 4.69
C VAL A 34 2.55 -5.12 4.94
N GLN A 35 3.22 -4.27 5.70
CA GLN A 35 2.73 -2.92 5.98
C GLN A 35 3.91 -1.94 5.96
N VAL A 36 3.62 -0.67 6.20
CA VAL A 36 4.63 0.37 6.11
C VAL A 36 5.57 0.36 7.31
N ILE A 37 6.85 0.56 7.03
CA ILE A 37 7.85 0.68 8.08
C ILE A 37 8.13 2.16 8.36
N SER A 38 8.50 2.89 7.32
CA SER A 38 8.74 4.31 7.43
C SER A 38 8.66 4.97 6.07
N GLU A 39 8.36 6.25 6.06
CA GLU A 39 8.12 6.98 4.82
C GLU A 39 9.29 7.90 4.50
N ASN A 40 9.48 8.18 3.21
CA ASN A 40 10.50 9.11 2.76
C ASN A 40 10.33 9.41 1.27
N SER A 41 10.34 10.69 0.93
CA SER A 41 10.29 11.14 -0.46
C SER A 41 8.92 10.87 -1.08
N GLY A 42 7.91 10.64 -0.24
CA GLY A 42 6.58 10.38 -0.73
C GLY A 42 6.26 8.90 -0.74
N TRP A 43 7.30 8.08 -0.70
CA TRP A 43 7.13 6.63 -0.68
C TRP A 43 7.40 6.08 0.70
N SER A 44 6.86 4.91 0.97
CA SER A 44 7.03 4.27 2.27
C SER A 44 7.67 2.91 2.08
N LYS A 45 8.48 2.52 3.07
CA LYS A 45 9.22 1.27 3.01
C LYS A 45 8.34 0.10 3.40
N ILE A 46 8.25 -0.87 2.50
CA ILE A 46 7.52 -2.11 2.78
C ILE A 46 8.35 -3.31 2.34
N ASN A 47 8.08 -4.46 2.92
CA ASN A 47 8.73 -5.70 2.51
C ASN A 47 7.69 -6.65 1.92
N TYR A 48 7.81 -6.94 0.64
CA TYR A 48 6.84 -7.78 -0.05
C TYR A 48 7.48 -9.10 -0.45
N ASN A 49 7.13 -10.16 0.26
CA ASN A 49 7.60 -11.51 -0.03
C ASN A 49 9.12 -11.59 0.05
N GLY A 50 9.70 -10.84 0.98
CA GLY A 50 11.13 -10.88 1.18
C GLY A 50 11.89 -9.90 0.31
N GLN A 51 11.16 -9.18 -0.54
CA GLN A 51 11.78 -8.20 -1.41
C GLN A 51 11.49 -6.79 -0.94
N THR A 52 12.33 -5.86 -1.33
CA THR A 52 12.17 -4.46 -0.99
C THR A 52 11.09 -3.84 -1.88
N GLY A 53 10.12 -3.19 -1.26
CA GLY A 53 9.07 -2.57 -2.02
C GLY A 53 8.82 -1.14 -1.60
N TYR A 54 8.26 -0.34 -2.49
CA TYR A 54 7.89 1.02 -2.19
C TYR A 54 6.44 1.27 -2.56
N ILE A 55 5.75 2.03 -1.73
CA ILE A 55 4.39 2.47 -2.03
C ILE A 55 4.24 3.93 -1.67
N GLY A 56 3.35 4.63 -2.36
CA GLY A 56 3.14 6.03 -2.08
C GLY A 56 2.33 6.23 -0.82
N THR A 57 2.70 7.23 -0.02
CA THR A 57 1.98 7.52 1.22
C THR A 57 0.57 8.00 0.92
N ARG A 58 0.31 8.29 -0.36
CA ARG A 58 -1.00 8.70 -0.81
C ARG A 58 -1.92 7.50 -1.02
N TYR A 59 -1.35 6.29 -0.98
CA TYR A 59 -2.14 5.08 -1.17
C TYR A 59 -1.78 4.01 -0.15
N LEU A 60 -2.77 3.64 0.64
CA LEU A 60 -2.66 2.57 1.64
C LEU A 60 -4.05 2.06 1.96
N SER A 61 -4.13 1.00 2.74
CA SER A 61 -5.41 0.44 3.12
C SER A 61 -5.97 1.21 4.30
N LYS A 62 -7.13 1.82 4.10
CA LYS A 62 -7.71 2.72 5.09
C LYS A 62 -8.75 1.98 5.93
N LEU A 63 -9.68 1.32 5.26
CA LEU A 63 -10.78 0.64 5.94
C LEU A 63 -10.30 -0.70 6.51
N GLU A 64 -9.23 -1.23 5.92
CA GLU A 64 -8.74 -2.56 6.24
C GLU A 64 -7.94 -2.58 7.54
N HIS A 65 -8.55 -2.09 8.60
CA HIS A 65 -7.97 -2.10 9.95
C HIS A 65 -9.09 -2.20 10.98
N HIS A 66 -8.76 -2.05 12.26
CA HIS A 66 -9.77 -2.01 13.34
C HIS A 66 -10.42 -3.39 13.54
N HIS A 67 -11.07 -3.56 14.70
CA HIS A 67 -11.91 -4.74 14.98
C HIS A 67 -11.06 -5.99 15.26
N HIS A 68 -9.76 -5.81 15.37
CA HIS A 68 -8.86 -6.92 15.62
C HIS A 68 -8.26 -6.79 17.01
N HIS A 69 -8.09 -7.92 17.69
CA HIS A 69 -7.62 -7.92 19.07
C HIS A 69 -6.31 -8.70 19.20
N HIS A 70 -5.51 -8.33 20.18
CA HIS A 70 -4.32 -9.09 20.52
C HIS A 70 -4.46 -9.65 21.93
N MET A 1 5.30 6.34 -18.92
CA MET A 1 4.44 5.14 -18.75
C MET A 1 4.73 4.51 -17.41
N ILE A 2 3.85 3.60 -16.98
CA ILE A 2 4.02 2.85 -15.74
C ILE A 2 3.99 3.78 -14.51
N GLY A 3 2.86 3.80 -13.83
CA GLY A 3 2.72 4.64 -12.66
C GLY A 3 1.28 4.97 -12.36
N ASP A 4 0.39 4.62 -13.29
CA ASP A 4 -1.04 4.81 -13.09
C ASP A 4 -1.79 3.52 -13.42
N TYR A 5 -2.57 3.04 -12.45
CA TYR A 5 -3.29 1.80 -12.58
C TYR A 5 -4.75 2.00 -12.18
N TYR A 6 -5.27 3.19 -12.51
CA TYR A 6 -6.59 3.65 -12.07
C TYR A 6 -6.52 4.07 -10.61
N ILE A 7 -7.25 5.12 -10.26
CA ILE A 7 -7.24 5.62 -8.90
C ILE A 7 -8.24 4.88 -8.03
N ASN A 8 -7.73 4.30 -6.94
CA ASN A 8 -8.53 3.51 -6.00
C ASN A 8 -8.93 2.18 -6.64
N ALA A 9 -9.60 1.32 -5.87
CA ALA A 9 -10.00 0.00 -6.32
C ALA A 9 -8.79 -0.83 -6.73
N SER A 10 -8.06 -1.31 -5.72
CA SER A 10 -6.80 -2.03 -5.93
C SER A 10 -5.76 -1.13 -6.59
N ALA A 11 -5.60 0.06 -6.02
CA ALA A 11 -4.61 1.03 -6.48
C ALA A 11 -3.21 0.66 -6.02
N LEU A 12 -2.35 1.65 -5.85
CA LEU A 12 -0.98 1.43 -5.39
C LEU A 12 -0.93 1.13 -3.89
N ASN A 13 -1.90 0.34 -3.42
CA ASN A 13 -2.04 0.04 -1.99
C ASN A 13 -0.90 -0.82 -1.46
N VAL A 14 -0.68 -1.97 -2.10
CA VAL A 14 0.31 -2.94 -1.64
C VAL A 14 1.22 -3.32 -2.80
N ARG A 15 1.27 -2.44 -3.80
CA ARG A 15 1.93 -2.73 -5.07
C ARG A 15 3.39 -3.16 -4.89
N SER A 16 4.08 -2.53 -3.94
CA SER A 16 5.47 -2.89 -3.62
C SER A 16 6.41 -2.59 -4.79
N GLY A 17 6.05 -1.60 -5.61
CA GLY A 17 6.87 -1.26 -6.76
C GLY A 17 8.19 -0.64 -6.34
N GLU A 18 9.27 -1.10 -6.94
CA GLU A 18 10.59 -0.58 -6.61
C GLU A 18 10.74 0.85 -7.09
N GLY A 19 10.06 1.17 -8.18
CA GLY A 19 9.98 2.53 -8.66
C GLY A 19 8.56 2.91 -8.95
N THR A 20 8.24 3.05 -10.22
CA THR A 20 6.87 3.30 -10.63
C THR A 20 6.24 1.99 -11.11
N ASN A 21 7.06 0.95 -11.16
CA ASN A 21 6.62 -0.36 -11.60
C ASN A 21 5.84 -1.06 -10.49
N TYR A 22 4.55 -0.80 -10.46
CA TYR A 22 3.71 -1.30 -9.38
C TYR A 22 3.04 -2.61 -9.74
N ARG A 23 3.41 -3.15 -10.90
CA ARG A 23 2.89 -4.44 -11.33
C ARG A 23 3.81 -5.55 -10.82
N ILE A 24 4.87 -5.15 -10.13
CA ILE A 24 5.83 -6.07 -9.53
C ILE A 24 5.09 -7.10 -8.66
N ILE A 25 4.10 -6.65 -7.89
CA ILE A 25 3.28 -7.56 -7.10
C ILE A 25 1.80 -7.24 -7.28
N GLY A 26 1.31 -6.22 -6.58
CA GLY A 26 -0.08 -5.82 -6.73
C GLY A 26 -0.72 -5.44 -5.41
N ALA A 27 -1.91 -4.88 -5.48
CA ALA A 27 -2.63 -4.46 -4.29
C ALA A 27 -3.55 -5.57 -3.82
N LEU A 28 -3.07 -6.39 -2.90
CA LEU A 28 -3.88 -7.44 -2.31
C LEU A 28 -3.94 -7.26 -0.80
N PRO A 29 -4.86 -6.43 -0.33
CA PRO A 29 -4.95 -6.04 1.07
C PRO A 29 -5.73 -7.03 1.93
N GLN A 30 -5.01 -7.96 2.54
CA GLN A 30 -5.60 -8.84 3.54
C GLN A 30 -5.58 -8.17 4.90
N GLY A 31 -6.43 -8.65 5.81
CA GLY A 31 -6.50 -8.09 7.15
C GLY A 31 -5.20 -8.22 7.91
N GLN A 32 -4.47 -9.30 7.64
CA GLN A 32 -3.17 -9.52 8.26
C GLN A 32 -2.19 -8.45 7.80
N LYS A 33 -1.72 -8.58 6.55
CA LYS A 33 -0.88 -7.58 5.90
C LYS A 33 0.53 -7.55 6.50
N VAL A 34 1.52 -7.32 5.63
CA VAL A 34 2.92 -7.28 6.05
C VAL A 34 3.25 -5.95 6.74
N GLN A 35 2.41 -4.95 6.50
CA GLN A 35 2.57 -3.61 7.07
C GLN A 35 3.77 -2.89 6.44
N VAL A 36 3.94 -1.62 6.81
CA VAL A 36 5.01 -0.79 6.27
C VAL A 36 6.15 -0.66 7.27
N ILE A 37 7.38 -0.62 6.77
CA ILE A 37 8.54 -0.43 7.64
C ILE A 37 8.64 1.02 8.04
N SER A 38 8.70 1.90 7.05
CA SER A 38 8.78 3.33 7.28
C SER A 38 8.64 4.06 5.96
N GLU A 39 8.32 5.33 6.05
CA GLU A 39 8.11 6.15 4.87
C GLU A 39 9.14 7.27 4.82
N ASN A 40 9.63 7.55 3.61
CA ASN A 40 10.64 8.59 3.42
C ASN A 40 10.89 8.78 1.94
N SER A 41 11.39 9.96 1.58
CA SER A 41 11.80 10.25 0.21
C SER A 41 10.62 10.23 -0.76
N GLY A 42 9.40 10.34 -0.22
CA GLY A 42 8.22 10.43 -1.04
C GLY A 42 7.39 9.17 -1.02
N TRP A 43 8.02 8.04 -0.70
CA TRP A 43 7.34 6.74 -0.73
C TRP A 43 7.45 6.02 0.59
N SER A 44 6.58 5.04 0.78
CA SER A 44 6.61 4.22 1.97
C SER A 44 7.28 2.89 1.65
N LYS A 45 8.33 2.57 2.39
CA LYS A 45 9.09 1.37 2.17
C LYS A 45 8.42 0.19 2.86
N ILE A 46 8.15 -0.84 2.08
CA ILE A 46 7.45 -2.01 2.58
C ILE A 46 8.22 -3.27 2.28
N ASN A 47 8.10 -4.25 3.16
CA ASN A 47 8.75 -5.52 2.97
C ASN A 47 7.71 -6.58 2.66
N TYR A 48 7.76 -7.10 1.44
CA TYR A 48 6.80 -8.10 1.02
C TYR A 48 7.46 -9.47 1.03
N ASN A 49 7.44 -10.11 2.19
CA ASN A 49 8.00 -11.44 2.36
C ASN A 49 9.49 -11.47 2.03
N GLY A 50 10.24 -10.54 2.62
CA GLY A 50 11.68 -10.53 2.46
C GLY A 50 12.18 -9.61 1.36
N GLN A 51 11.31 -9.20 0.44
CA GLN A 51 11.73 -8.29 -0.63
C GLN A 51 11.25 -6.88 -0.36
N THR A 52 12.03 -5.91 -0.78
CA THR A 52 11.74 -4.51 -0.50
C THR A 52 10.95 -3.87 -1.65
N GLY A 53 9.86 -3.21 -1.30
CA GLY A 53 9.08 -2.51 -2.30
C GLY A 53 8.69 -1.12 -1.81
N TYR A 54 8.14 -0.31 -2.69
CA TYR A 54 7.71 1.04 -2.34
C TYR A 54 6.30 1.30 -2.85
N ILE A 55 5.60 2.16 -2.15
CA ILE A 55 4.29 2.63 -2.60
C ILE A 55 4.11 4.09 -2.24
N GLY A 56 3.30 4.80 -2.99
CA GLY A 56 3.02 6.18 -2.70
C GLY A 56 2.11 6.33 -1.51
N THR A 57 2.51 7.13 -0.54
CA THR A 57 1.77 7.29 0.71
C THR A 57 0.37 7.89 0.50
N ARG A 58 0.06 8.27 -0.73
CA ARG A 58 -1.25 8.79 -1.06
C ARG A 58 -2.29 7.68 -0.96
N TYR A 59 -1.89 6.47 -1.31
CA TYR A 59 -2.76 5.31 -1.21
C TYR A 59 -2.07 4.18 -0.48
N LEU A 60 -2.63 3.78 0.63
CA LEU A 60 -2.06 2.74 1.46
C LEU A 60 -3.17 2.09 2.28
N SER A 61 -3.23 0.77 2.24
CA SER A 61 -4.25 0.05 2.98
C SER A 61 -3.77 -0.21 4.40
N LYS A 62 -4.52 0.30 5.37
CA LYS A 62 -4.16 0.15 6.78
C LYS A 62 -4.50 -1.27 7.26
N LEU A 63 -4.55 -1.47 8.57
CA LEU A 63 -4.87 -2.78 9.14
C LEU A 63 -6.31 -3.16 8.83
N GLU A 64 -7.18 -2.15 8.75
CA GLU A 64 -8.56 -2.29 8.28
C GLU A 64 -9.30 -3.47 8.91
N HIS A 65 -9.51 -3.38 10.22
CA HIS A 65 -10.31 -4.34 10.97
C HIS A 65 -9.86 -5.79 10.75
N HIS A 66 -8.98 -6.26 11.61
CA HIS A 66 -8.50 -7.63 11.54
C HIS A 66 -8.89 -8.39 12.79
N HIS A 67 -8.81 -9.70 12.74
CA HIS A 67 -9.15 -10.55 13.88
C HIS A 67 -8.02 -10.53 14.90
N HIS A 68 -8.38 -10.39 16.17
CA HIS A 68 -7.40 -10.42 17.25
C HIS A 68 -7.34 -11.80 17.86
N HIS A 69 -6.26 -12.52 17.57
CA HIS A 69 -6.11 -13.88 18.06
C HIS A 69 -5.49 -13.88 19.46
N HIS A 70 -6.27 -14.32 20.44
CA HIS A 70 -5.82 -14.40 21.81
C HIS A 70 -5.99 -15.83 22.32
N MET A 1 -3.49 13.56 3.87
CA MET A 1 -4.86 14.07 4.13
C MET A 1 -5.87 12.94 4.02
N ILE A 2 -6.71 12.79 5.02
CA ILE A 2 -7.82 11.85 4.97
C ILE A 2 -9.03 12.56 4.35
N GLY A 3 -9.09 12.59 3.04
CA GLY A 3 -10.10 13.38 2.36
C GLY A 3 -11.17 12.54 1.69
N ASP A 4 -11.05 11.22 1.80
CA ASP A 4 -12.02 10.28 1.21
C ASP A 4 -11.91 10.22 -0.31
N TYR A 5 -11.94 11.37 -0.96
CA TYR A 5 -11.86 11.44 -2.42
C TYR A 5 -10.41 11.28 -2.88
N TYR A 6 -9.49 11.84 -2.11
CA TYR A 6 -8.08 11.84 -2.48
C TYR A 6 -7.37 10.65 -1.84
N ILE A 7 -7.61 9.47 -2.40
CA ILE A 7 -6.97 8.25 -1.94
C ILE A 7 -7.38 7.10 -2.87
N ASN A 8 -6.54 6.08 -2.97
CA ASN A 8 -6.82 4.96 -3.85
C ASN A 8 -7.54 3.85 -3.09
N ALA A 9 -8.86 3.88 -3.09
CA ALA A 9 -9.66 2.90 -2.38
C ALA A 9 -10.67 2.24 -3.30
N SER A 10 -10.33 1.06 -3.79
CA SER A 10 -11.23 0.29 -4.64
C SER A 10 -10.96 -1.21 -4.49
N ALA A 11 -9.82 -1.63 -5.04
CA ALA A 11 -9.41 -3.03 -4.99
C ALA A 11 -7.89 -3.12 -5.14
N LEU A 12 -7.38 -2.58 -6.24
CA LEU A 12 -5.95 -2.45 -6.44
C LEU A 12 -5.46 -1.20 -5.72
N ASN A 13 -5.38 -1.30 -4.40
CA ASN A 13 -5.17 -0.11 -3.56
C ASN A 13 -3.69 0.25 -3.43
N VAL A 14 -2.82 -0.75 -3.32
CA VAL A 14 -1.41 -0.48 -3.07
C VAL A 14 -0.70 -0.01 -4.33
N ARG A 15 -0.60 -0.89 -5.32
CA ARG A 15 0.08 -0.58 -6.59
C ARG A 15 1.51 -0.05 -6.39
N SER A 16 2.09 -0.34 -5.23
CA SER A 16 3.44 0.10 -4.88
C SER A 16 3.55 1.63 -4.87
N GLY A 17 2.43 2.30 -4.62
CA GLY A 17 2.45 3.74 -4.49
C GLY A 17 1.76 4.43 -5.65
N GLU A 18 2.52 5.16 -6.44
CA GLU A 18 1.97 5.95 -7.54
C GLU A 18 1.52 5.06 -8.70
N GLY A 19 1.80 3.76 -8.59
CA GLY A 19 1.44 2.83 -9.64
C GLY A 19 2.59 2.60 -10.60
N THR A 20 3.81 2.73 -10.11
CA THR A 20 4.99 2.54 -10.94
C THR A 20 5.24 1.06 -11.20
N ASN A 21 5.47 0.30 -10.13
CA ASN A 21 5.70 -1.12 -10.25
C ASN A 21 4.47 -1.89 -9.81
N TYR A 22 3.62 -2.23 -10.77
CA TYR A 22 2.39 -2.93 -10.48
C TYR A 22 2.58 -4.44 -10.60
N ARG A 23 3.79 -4.84 -10.96
CA ARG A 23 4.11 -6.27 -11.10
C ARG A 23 4.46 -6.88 -9.75
N ILE A 24 4.90 -6.06 -8.81
CA ILE A 24 5.32 -6.56 -7.50
C ILE A 24 4.16 -6.50 -6.50
N ILE A 25 3.57 -5.32 -6.32
CA ILE A 25 2.44 -5.16 -5.42
C ILE A 25 1.31 -4.44 -6.15
N GLY A 26 0.08 -4.87 -5.94
CA GLY A 26 -1.04 -4.26 -6.65
C GLY A 26 -2.29 -4.15 -5.81
N ALA A 27 -2.93 -5.29 -5.55
CA ALA A 27 -4.23 -5.33 -4.88
C ALA A 27 -4.12 -5.06 -3.38
N LEU A 28 -5.17 -5.45 -2.66
CA LEU A 28 -5.21 -5.33 -1.20
C LEU A 28 -4.72 -6.63 -0.58
N PRO A 29 -3.39 -6.74 -0.31
CA PRO A 29 -2.75 -7.99 0.07
C PRO A 29 -2.91 -8.31 1.57
N GLN A 30 -3.71 -7.50 2.26
CA GLN A 30 -3.92 -7.61 3.71
C GLN A 30 -2.67 -7.19 4.48
N GLY A 31 -1.61 -7.97 4.36
CA GLY A 31 -0.36 -7.65 5.03
C GLY A 31 0.18 -8.80 5.84
N GLN A 32 0.79 -9.76 5.15
CA GLN A 32 1.38 -10.92 5.79
C GLN A 32 2.54 -10.50 6.72
N LYS A 33 3.45 -9.72 6.18
CA LYS A 33 4.54 -9.13 6.96
C LYS A 33 4.75 -7.70 6.48
N VAL A 34 3.73 -7.17 5.83
CA VAL A 34 3.83 -5.91 5.13
C VAL A 34 2.69 -4.97 5.50
N GLN A 35 3.03 -3.85 6.11
CA GLN A 35 2.05 -2.79 6.31
C GLN A 35 2.71 -1.42 6.20
N VAL A 36 3.27 -0.91 7.30
CA VAL A 36 3.96 0.38 7.29
C VAL A 36 5.14 0.33 8.24
N ILE A 37 6.35 0.44 7.70
CA ILE A 37 7.54 0.50 8.55
C ILE A 37 8.01 1.93 8.70
N SER A 38 8.28 2.59 7.58
CA SER A 38 8.65 4.00 7.59
C SER A 38 8.60 4.58 6.20
N GLU A 39 8.38 5.87 6.12
CA GLU A 39 8.28 6.56 4.85
C GLU A 39 9.40 7.59 4.72
N ASN A 40 9.82 7.83 3.50
CA ASN A 40 10.87 8.81 3.23
C ASN A 40 10.82 9.22 1.77
N SER A 41 10.84 10.53 1.52
CA SER A 41 10.88 11.08 0.16
C SER A 41 9.54 10.87 -0.56
N GLY A 42 8.47 10.73 0.21
CA GLY A 42 7.14 10.64 -0.38
C GLY A 42 6.62 9.21 -0.41
N TRP A 43 7.52 8.25 -0.34
CA TRP A 43 7.14 6.85 -0.37
C TRP A 43 7.56 6.14 0.91
N SER A 44 6.83 5.10 1.24
CA SER A 44 7.15 4.29 2.41
C SER A 44 7.95 3.06 1.98
N LYS A 45 8.98 2.74 2.73
CA LYS A 45 9.84 1.64 2.40
C LYS A 45 9.44 0.41 3.21
N ILE A 46 9.30 -0.72 2.52
CA ILE A 46 8.81 -1.95 3.13
C ILE A 46 9.49 -3.17 2.52
N ASN A 47 9.25 -4.33 3.13
CA ASN A 47 9.70 -5.59 2.57
C ASN A 47 8.48 -6.40 2.16
N TYR A 48 8.32 -6.63 0.86
CA TYR A 48 7.15 -7.29 0.33
C TYR A 48 7.51 -8.67 -0.20
N ASN A 49 7.11 -9.70 0.54
CA ASN A 49 7.30 -11.10 0.12
C ASN A 49 8.79 -11.43 0.00
N GLY A 50 9.60 -10.84 0.87
CA GLY A 50 11.00 -11.15 0.92
C GLY A 50 11.86 -10.22 0.09
N GLN A 51 11.24 -9.31 -0.64
CA GLN A 51 11.99 -8.38 -1.49
C GLN A 51 11.72 -6.94 -1.08
N THR A 52 12.64 -6.06 -1.42
CA THR A 52 12.53 -4.65 -1.07
C THR A 52 11.45 -3.96 -1.92
N GLY A 53 10.49 -3.32 -1.26
CA GLY A 53 9.43 -2.67 -1.98
C GLY A 53 9.14 -1.28 -1.44
N TYR A 54 8.38 -0.52 -2.21
CA TYR A 54 8.00 0.82 -1.80
C TYR A 54 6.51 1.01 -2.03
N ILE A 55 5.88 1.81 -1.19
CA ILE A 55 4.47 2.14 -1.33
C ILE A 55 4.25 3.62 -1.09
N GLY A 56 3.07 4.10 -1.42
CA GLY A 56 2.79 5.52 -1.27
C GLY A 56 2.02 5.81 0.00
N THR A 57 2.15 7.03 0.50
CA THR A 57 1.40 7.46 1.66
C THR A 57 0.03 7.97 1.22
N ARG A 58 -0.07 8.36 -0.04
CA ARG A 58 -1.31 8.87 -0.60
C ARG A 58 -2.15 7.71 -1.12
N TYR A 59 -1.52 6.76 -1.79
CA TYR A 59 -2.22 5.59 -2.24
C TYR A 59 -2.06 4.49 -1.21
N LEU A 60 -3.15 4.13 -0.56
CA LEU A 60 -3.12 3.16 0.52
C LEU A 60 -4.48 2.55 0.74
N SER A 61 -4.54 1.57 1.62
CA SER A 61 -5.81 1.05 2.09
C SER A 61 -5.86 1.22 3.60
N LYS A 62 -6.81 2.00 4.07
CA LYS A 62 -6.99 2.24 5.48
C LYS A 62 -8.34 1.63 5.89
N LEU A 63 -8.95 2.15 6.95
CA LEU A 63 -10.26 1.68 7.35
C LEU A 63 -11.32 2.28 6.44
N GLU A 64 -11.43 3.61 6.48
CA GLU A 64 -12.44 4.35 5.71
C GLU A 64 -13.85 3.87 6.01
N HIS A 65 -14.80 4.41 5.29
CA HIS A 65 -16.17 3.94 5.33
C HIS A 65 -16.66 3.70 3.93
N HIS A 66 -16.52 2.46 3.47
CA HIS A 66 -16.80 2.12 2.08
C HIS A 66 -17.49 0.76 2.00
N HIS A 67 -18.61 0.74 1.30
CA HIS A 67 -19.43 -0.46 1.20
C HIS A 67 -19.00 -1.34 0.03
N HIS A 68 -18.66 -2.59 0.31
CA HIS A 68 -18.32 -3.55 -0.74
C HIS A 68 -19.51 -3.78 -1.66
N HIS A 69 -19.27 -3.78 -2.96
CA HIS A 69 -20.33 -3.94 -3.94
C HIS A 69 -20.55 -5.43 -4.23
N HIS A 70 -21.81 -5.80 -4.41
CA HIS A 70 -22.21 -7.20 -4.63
C HIS A 70 -22.03 -8.01 -3.34
N MET A 1 12.52 2.81 -16.81
CA MET A 1 12.57 4.14 -16.15
C MET A 1 11.20 4.81 -16.23
N ILE A 2 10.39 4.59 -15.20
CA ILE A 2 9.06 5.20 -15.13
C ILE A 2 8.70 5.57 -13.69
N GLY A 3 9.70 5.57 -12.81
CA GLY A 3 9.46 5.90 -11.41
C GLY A 3 9.41 7.40 -11.17
N ASP A 4 9.45 8.17 -12.24
CA ASP A 4 9.48 9.62 -12.16
C ASP A 4 8.07 10.18 -11.98
N TYR A 5 7.07 9.31 -12.03
CA TYR A 5 5.68 9.73 -11.85
C TYR A 5 5.30 9.74 -10.37
N TYR A 6 5.77 8.74 -9.62
CA TYR A 6 5.51 8.63 -8.19
C TYR A 6 4.01 8.55 -7.87
N ILE A 7 3.22 8.03 -8.80
CA ILE A 7 1.78 8.02 -8.65
C ILE A 7 1.24 6.65 -8.24
N ASN A 8 0.69 6.58 -7.04
CA ASN A 8 -0.01 5.40 -6.58
C ASN A 8 -1.50 5.54 -6.86
N ALA A 9 -1.93 5.06 -8.02
CA ALA A 9 -3.34 5.15 -8.40
C ALA A 9 -3.68 4.13 -9.47
N SER A 10 -3.97 2.91 -9.02
CA SER A 10 -4.35 1.83 -9.93
C SER A 10 -5.16 0.78 -9.17
N ALA A 11 -5.80 1.22 -8.08
CA ALA A 11 -6.54 0.34 -7.17
C ALA A 11 -5.60 -0.56 -6.36
N LEU A 12 -4.31 -0.51 -6.70
CA LEU A 12 -3.30 -1.26 -5.98
C LEU A 12 -2.62 -0.37 -4.96
N ASN A 13 -2.58 -0.82 -3.71
CA ASN A 13 -2.07 0.02 -2.63
C ASN A 13 -0.67 -0.43 -2.20
N VAL A 14 -0.48 -1.74 -2.10
CA VAL A 14 0.80 -2.31 -1.68
C VAL A 14 1.72 -2.45 -2.89
N ARG A 15 1.84 -1.36 -3.63
CA ARG A 15 2.57 -1.30 -4.90
C ARG A 15 3.91 -2.03 -4.85
N SER A 16 4.89 -1.44 -4.17
CA SER A 16 6.23 -2.02 -4.07
C SER A 16 6.82 -2.21 -5.46
N GLY A 17 6.55 -1.27 -6.35
CA GLY A 17 6.91 -1.42 -7.74
C GLY A 17 8.34 -1.03 -8.04
N GLU A 18 8.79 -1.37 -9.24
CA GLU A 18 10.13 -1.02 -9.70
C GLU A 18 10.19 0.47 -9.96
N GLY A 19 9.15 1.00 -10.58
CA GLY A 19 9.05 2.42 -10.83
C GLY A 19 7.76 2.99 -10.29
N THR A 20 6.64 2.57 -10.84
CA THR A 20 5.34 3.02 -10.37
C THR A 20 4.45 1.85 -9.98
N ASN A 21 4.93 0.63 -10.26
CA ASN A 21 4.19 -0.61 -9.98
C ASN A 21 3.06 -0.82 -10.98
N TYR A 22 3.11 -1.97 -11.65
CA TYR A 22 2.04 -2.35 -12.56
C TYR A 22 1.56 -3.77 -12.27
N ARG A 23 2.46 -4.74 -12.38
CA ARG A 23 2.06 -6.14 -12.22
C ARG A 23 2.78 -6.84 -11.06
N ILE A 24 3.83 -6.23 -10.54
CA ILE A 24 4.68 -6.91 -9.55
C ILE A 24 3.88 -7.28 -8.28
N ILE A 25 3.27 -6.30 -7.64
CA ILE A 25 2.46 -6.54 -6.44
C ILE A 25 1.18 -5.70 -6.52
N GLY A 26 0.13 -6.13 -5.83
CA GLY A 26 -1.13 -5.44 -5.91
C GLY A 26 -1.59 -4.92 -4.57
N ALA A 27 -2.68 -5.48 -4.06
CA ALA A 27 -3.19 -5.10 -2.76
C ALA A 27 -3.28 -6.30 -1.84
N LEU A 28 -2.24 -6.49 -1.04
CA LEU A 28 -2.21 -7.55 -0.04
C LEU A 28 -1.40 -7.10 1.16
N PRO A 29 -2.04 -6.38 2.09
CA PRO A 29 -1.37 -5.82 3.25
C PRO A 29 -1.41 -6.72 4.48
N GLN A 30 -2.21 -7.78 4.41
CA GLN A 30 -2.34 -8.68 5.53
C GLN A 30 -1.39 -9.87 5.38
N GLY A 31 -0.25 -9.78 6.03
CA GLY A 31 0.72 -10.84 6.00
C GLY A 31 1.63 -10.81 7.20
N GLN A 32 2.10 -11.97 7.62
CA GLN A 32 2.98 -12.06 8.77
C GLN A 32 4.34 -11.44 8.46
N LYS A 33 4.67 -11.40 7.18
CA LYS A 33 5.94 -10.85 6.74
C LYS A 33 5.69 -9.70 5.76
N VAL A 34 4.50 -9.12 5.85
CA VAL A 34 4.10 -8.04 4.95
C VAL A 34 3.45 -6.90 5.73
N GLN A 35 4.15 -5.79 5.87
CA GLN A 35 3.60 -4.60 6.49
C GLN A 35 4.50 -3.39 6.20
N VAL A 36 3.93 -2.20 6.28
CA VAL A 36 4.68 -0.97 6.11
C VAL A 36 5.54 -0.70 7.34
N ILE A 37 6.85 -0.54 7.12
CA ILE A 37 7.75 -0.30 8.23
C ILE A 37 7.84 1.19 8.55
N SER A 38 8.19 1.98 7.56
CA SER A 38 8.34 3.41 7.74
C SER A 38 7.88 4.15 6.49
N GLU A 39 7.57 5.42 6.65
CA GLU A 39 7.11 6.23 5.53
C GLU A 39 7.90 7.52 5.45
N ASN A 40 8.17 7.94 4.23
CA ASN A 40 8.82 9.22 3.99
C ASN A 40 7.83 10.14 3.31
N SER A 41 8.20 11.40 3.13
CA SER A 41 7.36 12.35 2.44
C SER A 41 7.40 12.07 0.93
N GLY A 42 6.82 10.95 0.55
CA GLY A 42 6.81 10.54 -0.84
C GLY A 42 6.62 9.04 -0.97
N TRP A 43 7.66 8.28 -0.69
CA TRP A 43 7.60 6.83 -0.74
C TRP A 43 7.88 6.22 0.62
N SER A 44 7.22 5.12 0.92
CA SER A 44 7.37 4.43 2.18
C SER A 44 8.26 3.20 2.02
N LYS A 45 9.12 2.99 2.99
CA LYS A 45 10.03 1.86 3.02
C LYS A 45 9.30 0.62 3.54
N ILE A 46 9.14 -0.39 2.69
CA ILE A 46 8.45 -1.61 3.08
C ILE A 46 9.22 -2.84 2.69
N ASN A 47 8.79 -3.97 3.21
CA ASN A 47 9.36 -5.26 2.86
C ASN A 47 8.23 -6.22 2.55
N TYR A 48 8.15 -6.66 1.30
CA TYR A 48 7.06 -7.51 0.87
C TYR A 48 7.49 -8.96 0.86
N ASN A 49 7.34 -9.63 1.99
CA ASN A 49 7.67 -11.05 2.12
C ASN A 49 9.15 -11.30 1.77
N GLY A 50 10.02 -10.47 2.34
CA GLY A 50 11.45 -10.70 2.20
C GLY A 50 12.08 -9.97 1.03
N GLN A 51 11.27 -9.31 0.20
CA GLN A 51 11.81 -8.60 -0.94
C GLN A 51 11.63 -7.09 -0.79
N THR A 52 12.38 -6.34 -1.59
CA THR A 52 12.39 -4.89 -1.52
C THR A 52 11.12 -4.28 -2.12
N GLY A 53 10.64 -3.20 -1.52
CA GLY A 53 9.49 -2.51 -2.05
C GLY A 53 9.36 -1.10 -1.51
N TYR A 54 8.68 -0.25 -2.27
CA TYR A 54 8.34 1.09 -1.84
C TYR A 54 6.94 1.45 -2.34
N ILE A 55 6.19 2.20 -1.56
CA ILE A 55 4.87 2.65 -1.98
C ILE A 55 4.71 4.14 -1.75
N GLY A 56 3.98 4.80 -2.64
CA GLY A 56 3.67 6.20 -2.44
C GLY A 56 2.74 6.38 -1.27
N THR A 57 3.12 7.24 -0.33
CA THR A 57 2.36 7.47 0.89
C THR A 57 0.93 7.93 0.59
N ARG A 58 0.72 8.47 -0.62
CA ARG A 58 -0.59 8.90 -1.09
C ARG A 58 -1.60 7.75 -1.02
N TYR A 59 -1.12 6.54 -1.29
CA TYR A 59 -2.01 5.39 -1.34
C TYR A 59 -1.52 4.27 -0.45
N LEU A 60 -2.35 3.90 0.52
CA LEU A 60 -2.03 2.85 1.45
C LEU A 60 -3.31 2.09 1.79
N SER A 61 -3.16 0.85 2.21
CA SER A 61 -4.31 0.02 2.51
C SER A 61 -4.57 0.00 4.01
N LYS A 62 -5.84 0.02 4.36
CA LYS A 62 -6.26 -0.07 5.75
C LYS A 62 -5.94 -1.43 6.32
N LEU A 63 -5.45 -1.45 7.54
CA LEU A 63 -5.23 -2.69 8.26
C LEU A 63 -6.35 -2.87 9.28
N GLU A 64 -6.59 -1.81 10.04
CA GLU A 64 -7.66 -1.76 11.03
C GLU A 64 -7.73 -3.03 11.87
N HIS A 65 -6.91 -3.10 12.91
CA HIS A 65 -6.90 -4.26 13.79
C HIS A 65 -8.24 -4.36 14.50
N HIS A 66 -8.86 -5.52 14.39
CA HIS A 66 -10.23 -5.71 14.87
C HIS A 66 -10.38 -7.07 15.53
N HIS A 67 -11.23 -7.14 16.54
CA HIS A 67 -11.51 -8.40 17.20
C HIS A 67 -12.90 -8.91 16.85
N HIS A 68 -12.97 -10.15 16.39
CA HIS A 68 -14.24 -10.78 16.08
C HIS A 68 -14.55 -11.83 17.14
N HIS A 69 -15.80 -11.88 17.61
CA HIS A 69 -16.18 -12.85 18.62
C HIS A 69 -16.12 -14.27 18.07
N HIS A 70 -15.91 -15.23 18.96
CA HIS A 70 -15.90 -16.64 18.58
C HIS A 70 -17.33 -17.12 18.32
N MET A 1 6.27 25.01 -3.77
CA MET A 1 5.51 24.76 -2.51
C MET A 1 4.11 24.27 -2.83
N ILE A 2 3.92 22.96 -2.83
CA ILE A 2 2.61 22.38 -3.10
C ILE A 2 2.43 21.08 -2.32
N GLY A 3 1.51 21.12 -1.36
CA GLY A 3 1.15 19.95 -0.61
C GLY A 3 -0.34 19.70 -0.66
N ASP A 4 -0.97 20.33 -1.63
CA ASP A 4 -2.43 20.29 -1.80
C ASP A 4 -2.87 18.98 -2.46
N TYR A 5 -2.25 17.89 -2.06
CA TYR A 5 -2.53 16.59 -2.65
C TYR A 5 -3.78 15.95 -2.06
N TYR A 6 -3.82 15.86 -0.72
CA TYR A 6 -4.88 15.15 0.00
C TYR A 6 -4.87 13.67 -0.40
N ILE A 7 -4.31 12.85 0.47
CA ILE A 7 -4.03 11.47 0.14
C ILE A 7 -4.99 10.51 0.83
N ASN A 8 -4.63 9.21 0.81
CA ASN A 8 -5.38 8.10 1.42
C ASN A 8 -6.80 7.95 0.85
N ALA A 9 -7.12 6.71 0.49
CA ALA A 9 -8.44 6.35 -0.02
C ALA A 9 -8.59 4.84 -0.01
N SER A 10 -8.13 4.21 -1.09
CA SER A 10 -8.09 2.76 -1.19
C SER A 10 -7.39 2.37 -2.48
N ALA A 11 -6.92 1.11 -2.53
CA ALA A 11 -6.25 0.56 -3.71
C ALA A 11 -4.92 1.26 -4.01
N LEU A 12 -4.14 0.65 -4.92
CA LEU A 12 -2.93 1.26 -5.47
C LEU A 12 -1.92 1.68 -4.41
N ASN A 13 -1.90 0.95 -3.29
CA ASN A 13 -1.02 1.33 -2.18
C ASN A 13 0.11 0.33 -2.00
N VAL A 14 -0.25 -0.92 -1.76
CA VAL A 14 0.72 -1.96 -1.46
C VAL A 14 1.26 -2.60 -2.74
N ARG A 15 1.68 -1.75 -3.67
CA ARG A 15 2.17 -2.20 -4.98
C ARG A 15 3.60 -2.74 -4.91
N SER A 16 4.19 -2.71 -3.71
CA SER A 16 5.63 -2.94 -3.56
C SER A 16 6.37 -1.78 -4.25
N GLY A 17 5.66 -0.65 -4.25
CA GLY A 17 6.09 0.55 -4.92
C GLY A 17 4.88 1.43 -5.14
N GLU A 18 5.01 2.50 -5.90
CA GLU A 18 3.84 3.30 -6.25
C GLU A 18 3.52 3.12 -7.73
N GLY A 19 4.33 3.73 -8.57
CA GLY A 19 4.19 3.54 -10.00
C GLY A 19 5.40 2.84 -10.58
N THR A 20 6.41 2.67 -9.73
CA THR A 20 7.66 2.06 -10.14
C THR A 20 7.50 0.56 -10.34
N ASN A 21 6.73 -0.08 -9.46
CA ASN A 21 6.45 -1.50 -9.57
C ASN A 21 5.00 -1.74 -9.18
N TYR A 22 4.30 -2.49 -10.00
CA TYR A 22 2.89 -2.78 -9.78
C TYR A 22 2.62 -4.28 -9.89
N ARG A 23 3.69 -5.06 -10.00
CA ARG A 23 3.58 -6.46 -10.39
C ARG A 23 3.13 -7.37 -9.25
N ILE A 24 3.78 -7.25 -8.10
CA ILE A 24 3.62 -8.27 -7.05
C ILE A 24 2.30 -8.11 -6.30
N ILE A 25 2.07 -6.94 -5.73
CA ILE A 25 0.88 -6.72 -4.92
C ILE A 25 0.18 -5.43 -5.38
N GLY A 26 -1.09 -5.26 -4.99
CA GLY A 26 -1.81 -4.05 -5.33
C GLY A 26 -2.30 -3.32 -4.09
N ALA A 27 -3.23 -3.92 -3.39
CA ALA A 27 -3.73 -3.35 -2.14
C ALA A 27 -4.19 -4.45 -1.20
N LEU A 28 -3.29 -4.87 -0.30
CA LEU A 28 -3.62 -5.90 0.69
C LEU A 28 -2.67 -5.79 1.87
N PRO A 29 -3.01 -4.94 2.84
CA PRO A 29 -2.23 -4.74 4.04
C PRO A 29 -2.88 -5.36 5.29
N GLN A 30 -2.38 -4.95 6.46
CA GLN A 30 -2.99 -5.27 7.76
C GLN A 30 -2.74 -6.71 8.20
N GLY A 31 -1.91 -6.85 9.23
CA GLY A 31 -1.73 -8.14 9.86
C GLY A 31 -0.79 -9.06 9.12
N GLN A 32 -1.37 -10.03 8.42
CA GLN A 32 -0.60 -11.03 7.68
C GLN A 32 0.14 -10.38 6.52
N LYS A 33 -0.22 -9.14 6.22
CA LYS A 33 0.44 -8.37 5.20
C LYS A 33 0.89 -7.03 5.78
N VAL A 34 2.11 -6.61 5.46
CA VAL A 34 2.62 -5.36 5.99
C VAL A 34 2.06 -4.17 5.23
N GLN A 35 1.90 -3.06 5.93
CA GLN A 35 1.28 -1.87 5.34
C GLN A 35 2.18 -0.65 5.45
N VAL A 36 2.95 -0.57 6.53
CA VAL A 36 3.80 0.58 6.78
C VAL A 36 4.82 0.30 7.87
N ILE A 37 6.09 0.52 7.56
CA ILE A 37 7.14 0.39 8.57
C ILE A 37 7.79 1.75 8.85
N SER A 38 8.29 2.40 7.81
CA SER A 38 8.90 3.72 7.95
C SER A 38 8.84 4.47 6.64
N GLU A 39 8.74 5.78 6.74
CA GLU A 39 8.54 6.63 5.58
C GLU A 39 9.83 7.35 5.21
N ASN A 40 10.04 7.56 3.92
CA ASN A 40 11.22 8.30 3.46
C ASN A 40 10.98 8.84 2.06
N SER A 41 11.05 10.16 1.94
CA SER A 41 11.02 10.84 0.65
C SER A 41 9.67 10.66 -0.05
N GLY A 42 8.61 10.42 0.72
CA GLY A 42 7.28 10.31 0.16
C GLY A 42 6.69 8.92 0.32
N TRP A 43 7.47 7.90 0.03
CA TRP A 43 7.01 6.53 0.16
C TRP A 43 7.31 5.98 1.54
N SER A 44 6.62 4.92 1.90
CA SER A 44 6.92 4.19 3.12
C SER A 44 7.49 2.83 2.73
N LYS A 45 8.57 2.45 3.38
CA LYS A 45 9.33 1.28 3.03
C LYS A 45 8.71 0.01 3.60
N ILE A 46 8.54 -0.99 2.75
CA ILE A 46 8.03 -2.29 3.14
C ILE A 46 8.88 -3.38 2.49
N ASN A 47 8.66 -4.63 2.87
CA ASN A 47 9.41 -5.74 2.28
C ASN A 47 8.48 -6.88 1.92
N TYR A 48 8.41 -7.20 0.64
CA TYR A 48 7.55 -8.27 0.17
C TYR A 48 8.34 -9.33 -0.58
N ASN A 49 8.40 -10.51 0.01
CA ASN A 49 9.07 -11.67 -0.57
C ASN A 49 10.57 -11.41 -0.71
N GLY A 50 11.12 -10.67 0.24
CA GLY A 50 12.55 -10.46 0.30
C GLY A 50 13.03 -9.27 -0.51
N GLN A 51 12.21 -8.80 -1.43
CA GLN A 51 12.60 -7.68 -2.28
C GLN A 51 12.14 -6.36 -1.68
N THR A 52 12.84 -5.29 -2.00
CA THR A 52 12.56 -4.00 -1.40
C THR A 52 11.30 -3.38 -2.01
N GLY A 53 10.31 -3.17 -1.16
CA GLY A 53 9.06 -2.61 -1.61
C GLY A 53 8.76 -1.28 -0.96
N TYR A 54 7.78 -0.58 -1.48
CA TYR A 54 7.36 0.70 -0.94
C TYR A 54 5.86 0.84 -1.05
N ILE A 55 5.31 1.81 -0.36
CA ILE A 55 3.95 2.23 -0.61
C ILE A 55 3.94 3.72 -0.93
N GLY A 56 3.08 4.11 -1.84
CA GLY A 56 3.04 5.51 -2.23
C GLY A 56 1.96 6.25 -1.47
N THR A 57 2.37 6.98 -0.43
CA THR A 57 1.44 7.63 0.50
C THR A 57 0.37 8.48 -0.20
N ARG A 58 0.60 8.86 -1.45
CA ARG A 58 -0.40 9.54 -2.25
C ARG A 58 -1.69 8.73 -2.29
N TYR A 59 -1.57 7.41 -2.33
CA TYR A 59 -2.70 6.54 -2.20
C TYR A 59 -2.48 5.59 -1.04
N LEU A 60 -3.55 5.20 -0.39
CA LEU A 60 -3.45 4.38 0.79
C LEU A 60 -4.70 3.55 0.96
N SER A 61 -4.52 2.29 1.28
CA SER A 61 -5.62 1.38 1.53
C SER A 61 -5.41 0.66 2.85
N LYS A 62 -6.47 0.56 3.64
CA LYS A 62 -6.40 -0.06 4.95
C LYS A 62 -7.65 -0.90 5.19
N LEU A 63 -7.47 -2.20 5.29
CA LEU A 63 -8.59 -3.10 5.50
C LEU A 63 -9.01 -3.11 6.97
N GLU A 64 -8.01 -3.13 7.86
CA GLU A 64 -8.20 -3.18 9.32
C GLU A 64 -9.24 -4.24 9.71
N HIS A 65 -9.75 -4.14 10.93
CA HIS A 65 -10.81 -5.03 11.38
C HIS A 65 -12.11 -4.68 10.65
N HIS A 66 -12.90 -5.70 10.37
CA HIS A 66 -14.17 -5.51 9.69
C HIS A 66 -15.21 -4.94 10.66
N HIS A 67 -15.84 -3.84 10.29
CA HIS A 67 -16.80 -3.20 11.18
C HIS A 67 -18.13 -3.96 11.18
N HIS A 68 -18.78 -3.99 12.34
CA HIS A 68 -20.02 -4.72 12.51
C HIS A 68 -21.21 -3.79 12.31
N HIS A 69 -22.19 -4.26 11.56
CA HIS A 69 -23.40 -3.50 11.30
C HIS A 69 -24.49 -3.94 12.27
N HIS A 70 -24.48 -5.22 12.58
CA HIS A 70 -25.38 -5.78 13.59
C HIS A 70 -24.64 -6.83 14.39
N MET A 1 6.03 13.00 -14.99
CA MET A 1 5.92 13.56 -13.63
C MET A 1 4.48 13.51 -13.14
N ILE A 2 4.26 12.78 -12.05
CA ILE A 2 2.96 12.67 -11.39
C ILE A 2 1.84 12.31 -12.38
N GLY A 3 1.65 11.02 -12.61
CA GLY A 3 0.57 10.60 -13.48
C GLY A 3 -0.77 10.66 -12.77
N ASP A 4 -0.71 10.68 -11.45
CA ASP A 4 -1.90 10.77 -10.60
C ASP A 4 -2.79 9.53 -10.79
N TYR A 5 -2.14 8.38 -10.87
CA TYR A 5 -2.84 7.12 -11.01
C TYR A 5 -3.36 6.63 -9.67
N TYR A 6 -4.61 6.94 -9.39
CA TYR A 6 -5.26 6.49 -8.17
C TYR A 6 -5.46 4.98 -8.22
N ILE A 7 -4.95 4.28 -7.21
CA ILE A 7 -5.11 2.85 -7.14
C ILE A 7 -6.52 2.51 -6.64
N ASN A 8 -6.74 2.75 -5.34
CA ASN A 8 -8.02 2.49 -4.69
C ASN A 8 -8.29 0.99 -4.57
N ALA A 9 -8.35 0.30 -5.71
CA ALA A 9 -8.54 -1.16 -5.75
C ALA A 9 -9.73 -1.59 -4.90
N SER A 10 -10.81 -0.82 -4.99
CA SER A 10 -12.03 -1.04 -4.21
C SER A 10 -11.84 -0.66 -2.74
N ALA A 11 -10.68 -1.00 -2.18
CA ALA A 11 -10.37 -0.69 -0.79
C ALA A 11 -8.89 -0.90 -0.49
N LEU A 12 -8.44 -2.14 -0.63
CA LEU A 12 -7.09 -2.52 -0.24
C LEU A 12 -6.06 -2.15 -1.31
N ASN A 13 -5.01 -1.47 -0.89
CA ASN A 13 -3.92 -1.08 -1.79
C ASN A 13 -2.93 -2.22 -1.96
N VAL A 14 -3.28 -3.37 -1.40
CA VAL A 14 -2.39 -4.54 -1.39
C VAL A 14 -2.03 -5.08 -2.78
N ARG A 15 -2.60 -4.50 -3.83
CA ARG A 15 -2.31 -4.96 -5.19
C ARG A 15 -1.73 -3.83 -6.03
N SER A 16 -2.36 -2.65 -5.97
CA SER A 16 -1.82 -1.45 -6.61
C SER A 16 -1.78 -1.53 -8.14
N GLY A 17 -2.29 -2.63 -8.71
CA GLY A 17 -2.23 -2.82 -10.15
C GLY A 17 -0.81 -2.76 -10.69
N GLU A 18 -0.49 -1.70 -11.41
CA GLU A 18 0.87 -1.46 -11.89
C GLU A 18 1.04 0.03 -12.19
N GLY A 19 2.28 0.50 -12.13
CA GLY A 19 2.55 1.90 -12.39
C GLY A 19 4.03 2.20 -12.47
N THR A 20 4.44 3.28 -11.82
CA THR A 20 5.83 3.69 -11.83
C THR A 20 6.70 2.79 -10.96
N ASN A 21 6.05 1.90 -10.22
CA ASN A 21 6.75 0.86 -9.48
C ASN A 21 6.03 -0.47 -9.67
N TYR A 22 6.78 -1.53 -9.84
CA TYR A 22 6.19 -2.84 -10.10
C TYR A 22 6.13 -3.66 -8.81
N ARG A 23 6.90 -3.20 -7.83
CA ARG A 23 6.87 -3.74 -6.47
C ARG A 23 5.84 -2.99 -5.64
N ILE A 24 5.09 -2.12 -6.32
CA ILE A 24 4.09 -1.24 -5.71
C ILE A 24 3.02 -1.97 -4.88
N ILE A 25 2.99 -3.31 -4.95
CA ILE A 25 2.03 -4.09 -4.16
C ILE A 25 2.21 -3.88 -2.66
N GLY A 26 1.11 -3.69 -1.96
CA GLY A 26 1.16 -3.57 -0.50
C GLY A 26 0.24 -2.51 0.05
N ALA A 27 -0.25 -2.75 1.27
CA ALA A 27 -1.12 -1.80 1.97
C ALA A 27 -0.85 -1.90 3.47
N LEU A 28 -1.59 -1.11 4.26
CA LEU A 28 -1.46 -1.17 5.71
C LEU A 28 -2.82 -1.34 6.40
N PRO A 29 -3.49 -2.49 6.19
CA PRO A 29 -4.75 -2.78 6.86
C PRO A 29 -4.49 -3.42 8.23
N GLN A 30 -3.75 -4.52 8.22
CA GLN A 30 -3.36 -5.25 9.42
C GLN A 30 -2.53 -6.45 9.03
N GLY A 31 -1.40 -6.64 9.70
CA GLY A 31 -0.59 -7.81 9.47
C GLY A 31 0.89 -7.52 9.43
N GLN A 32 1.68 -8.58 9.46
CA GLN A 32 3.13 -8.48 9.41
C GLN A 32 3.68 -9.25 8.20
N LYS A 33 2.77 -9.60 7.28
CA LYS A 33 3.16 -10.30 6.07
C LYS A 33 3.93 -9.37 5.13
N VAL A 34 3.68 -8.08 5.28
CA VAL A 34 4.39 -7.07 4.50
C VAL A 34 4.81 -5.91 5.40
N GLN A 35 3.87 -4.99 5.67
CA GLN A 35 4.09 -3.87 6.60
C GLN A 35 5.14 -2.88 6.08
N VAL A 36 5.02 -1.64 6.51
CA VAL A 36 5.95 -0.59 6.12
C VAL A 36 7.10 -0.50 7.12
N ILE A 37 8.31 -0.34 6.62
CA ILE A 37 9.46 -0.14 7.49
C ILE A 37 9.61 1.34 7.79
N SER A 38 9.70 2.13 6.73
CA SER A 38 9.77 3.59 6.83
C SER A 38 9.36 4.19 5.50
N GLU A 39 8.90 5.43 5.53
CA GLU A 39 8.48 6.09 4.31
C GLU A 39 9.20 7.42 4.14
N ASN A 40 9.54 7.73 2.90
CA ASN A 40 10.27 8.95 2.59
C ASN A 40 10.31 9.15 1.10
N SER A 41 10.55 10.38 0.68
CA SER A 41 11.05 10.64 -0.64
C SER A 41 10.09 10.19 -1.75
N GLY A 42 8.80 10.16 -1.44
CA GLY A 42 7.80 9.86 -2.45
C GLY A 42 6.96 8.65 -2.11
N TRP A 43 7.59 7.55 -1.76
CA TRP A 43 6.89 6.29 -1.53
C TRP A 43 7.16 5.76 -0.13
N SER A 44 6.32 4.86 0.30
CA SER A 44 6.47 4.22 1.59
C SER A 44 7.01 2.81 1.38
N LYS A 45 8.15 2.53 1.96
CA LYS A 45 8.85 1.29 1.69
C LYS A 45 8.33 0.13 2.52
N ILE A 46 8.17 -1.01 1.85
CA ILE A 46 7.59 -2.20 2.45
C ILE A 46 8.45 -3.43 2.15
N ASN A 47 8.14 -4.54 2.80
CA ASN A 47 8.80 -5.80 2.51
C ASN A 47 7.75 -6.88 2.23
N TYR A 48 7.72 -7.36 1.00
CA TYR A 48 6.65 -8.24 0.56
C TYR A 48 7.22 -9.52 -0.02
N ASN A 49 7.00 -10.64 0.67
CA ASN A 49 7.44 -11.95 0.20
C ASN A 49 8.98 -11.99 0.07
N GLY A 50 9.64 -11.32 1.01
CA GLY A 50 11.09 -11.35 1.05
C GLY A 50 11.76 -10.19 0.32
N GLN A 51 11.03 -9.52 -0.55
CA GLN A 51 11.61 -8.44 -1.35
C GLN A 51 11.28 -7.09 -0.74
N THR A 52 12.11 -6.11 -1.03
CA THR A 52 11.90 -4.76 -0.55
C THR A 52 11.22 -3.93 -1.64
N GLY A 53 10.00 -3.52 -1.37
CA GLY A 53 9.24 -2.77 -2.36
C GLY A 53 8.85 -1.40 -1.85
N TYR A 54 8.10 -0.67 -2.65
CA TYR A 54 7.65 0.67 -2.27
C TYR A 54 6.19 0.82 -2.66
N ILE A 55 5.41 1.44 -1.80
CA ILE A 55 4.01 1.71 -2.10
C ILE A 55 3.75 3.21 -2.07
N GLY A 56 2.73 3.66 -2.77
CA GLY A 56 2.43 5.06 -2.80
C GLY A 56 1.70 5.50 -1.55
N THR A 57 2.33 6.37 -0.78
CA THR A 57 1.82 6.80 0.51
C THR A 57 0.49 7.55 0.37
N ARG A 58 0.13 7.91 -0.86
CA ARG A 58 -1.12 8.57 -1.14
C ARG A 58 -2.31 7.64 -0.93
N TYR A 59 -2.13 6.36 -1.26
CA TYR A 59 -3.22 5.41 -1.20
C TYR A 59 -2.87 4.18 -0.38
N LEU A 60 -3.65 3.97 0.68
CA LEU A 60 -3.57 2.78 1.52
C LEU A 60 -4.91 2.56 2.20
N SER A 61 -5.22 1.32 2.52
CA SER A 61 -6.44 1.01 3.22
C SER A 61 -6.17 1.00 4.72
N LYS A 62 -6.86 1.85 5.46
CA LYS A 62 -6.69 1.93 6.90
C LYS A 62 -7.62 0.95 7.60
N LEU A 63 -7.28 0.61 8.83
CA LEU A 63 -8.12 -0.26 9.65
C LEU A 63 -9.24 0.54 10.31
N GLU A 64 -9.20 1.84 10.12
CA GLU A 64 -10.19 2.74 10.68
C GLU A 64 -11.36 2.89 9.70
N HIS A 65 -12.55 3.17 10.23
CA HIS A 65 -13.79 3.17 9.45
C HIS A 65 -14.18 1.74 9.09
N HIS A 66 -13.79 0.82 9.96
CA HIS A 66 -14.00 -0.61 9.75
C HIS A 66 -15.45 -0.97 10.05
N HIS A 67 -16.03 -1.86 9.24
CA HIS A 67 -17.39 -2.33 9.46
C HIS A 67 -17.38 -3.83 9.79
N HIS A 68 -18.20 -4.22 10.75
CA HIS A 68 -18.36 -5.62 11.10
C HIS A 68 -19.79 -6.06 10.83
N HIS A 69 -20.74 -5.17 11.13
CA HIS A 69 -22.14 -5.41 10.83
C HIS A 69 -22.37 -5.30 9.33
N HIS A 70 -23.05 -6.29 8.77
CA HIS A 70 -23.34 -6.29 7.33
C HIS A 70 -24.57 -5.45 7.07
N MET A 1 -10.22 18.67 13.27
CA MET A 1 -10.53 17.27 13.65
C MET A 1 -9.73 16.33 12.77
N ILE A 2 -9.55 15.08 13.20
CA ILE A 2 -8.69 14.15 12.48
C ILE A 2 -9.47 13.32 11.47
N GLY A 3 -9.11 13.46 10.20
CA GLY A 3 -9.69 12.63 9.16
C GLY A 3 -9.02 11.27 9.12
N ASP A 4 -7.73 11.29 8.79
CA ASP A 4 -6.85 10.11 8.82
C ASP A 4 -7.18 9.10 7.72
N TYR A 5 -8.41 8.66 7.65
CA TYR A 5 -8.80 7.61 6.72
C TYR A 5 -9.01 8.17 5.31
N TYR A 6 -8.27 7.60 4.36
CA TYR A 6 -8.46 7.92 2.95
C TYR A 6 -9.06 6.71 2.22
N ILE A 7 -9.57 6.94 1.03
CA ILE A 7 -10.13 5.87 0.21
C ILE A 7 -9.57 5.92 -1.20
N ASN A 8 -8.95 4.83 -1.62
CA ASN A 8 -8.29 4.76 -2.92
C ASN A 8 -9.28 4.39 -4.02
N ALA A 9 -8.86 4.65 -5.25
CA ALA A 9 -9.60 4.26 -6.43
C ALA A 9 -8.61 4.06 -7.58
N SER A 10 -9.08 3.43 -8.66
CA SER A 10 -8.24 3.17 -9.83
C SER A 10 -7.12 2.20 -9.47
N ALA A 11 -7.41 1.28 -8.55
CA ALA A 11 -6.43 0.31 -8.05
C ALA A 11 -5.29 1.03 -7.33
N LEU A 12 -4.12 0.40 -7.28
CA LEU A 12 -2.94 0.98 -6.65
C LEU A 12 -3.21 1.31 -5.18
N ASN A 13 -4.13 0.55 -4.58
CA ASN A 13 -4.52 0.74 -3.18
C ASN A 13 -3.32 0.61 -2.26
N VAL A 14 -2.50 -0.38 -2.54
CA VAL A 14 -1.21 -0.53 -1.89
C VAL A 14 -0.14 -0.40 -2.97
N ARG A 15 -0.15 -1.37 -3.87
CA ARG A 15 0.66 -1.32 -5.07
C ARG A 15 -0.18 -1.83 -6.24
N SER A 16 0.47 -2.15 -7.36
CA SER A 16 -0.22 -2.69 -8.53
C SER A 16 -1.16 -1.64 -9.12
N GLY A 17 -0.56 -0.67 -9.80
CA GLY A 17 -1.33 0.38 -10.43
C GLY A 17 -0.44 1.31 -11.21
N GLU A 18 -1.00 2.39 -11.72
CA GLU A 18 -0.25 3.35 -12.50
C GLU A 18 0.65 4.19 -11.60
N GLY A 19 1.82 3.65 -11.30
CA GLY A 19 2.77 4.34 -10.47
C GLY A 19 4.19 4.03 -10.88
N THR A 20 4.73 2.95 -10.34
CA THR A 20 6.09 2.56 -10.69
C THR A 20 6.11 1.14 -11.22
N ASN A 21 5.77 0.18 -10.37
CA ASN A 21 5.68 -1.22 -10.74
C ASN A 21 4.35 -1.77 -10.25
N TYR A 22 3.65 -2.47 -11.13
CA TYR A 22 2.30 -2.89 -10.85
C TYR A 22 2.20 -4.39 -10.59
N ARG A 23 3.34 -5.06 -10.50
CA ARG A 23 3.35 -6.49 -10.22
C ARG A 23 4.00 -6.80 -8.86
N ILE A 24 4.49 -5.77 -8.19
CA ILE A 24 5.27 -5.96 -6.96
C ILE A 24 4.47 -6.72 -5.89
N ILE A 25 3.31 -6.20 -5.52
CA ILE A 25 2.48 -6.84 -4.51
C ILE A 25 1.06 -6.99 -5.03
N GLY A 26 0.31 -5.91 -4.99
CA GLY A 26 -1.07 -5.93 -5.43
C GLY A 26 -1.91 -4.93 -4.66
N ALA A 27 -3.21 -4.99 -4.84
CA ALA A 27 -4.11 -4.12 -4.12
C ALA A 27 -5.11 -4.94 -3.30
N LEU A 28 -4.79 -5.17 -2.05
CA LEU A 28 -5.66 -5.90 -1.14
C LEU A 28 -6.05 -5.04 0.05
N PRO A 29 -7.09 -4.22 -0.11
CA PRO A 29 -7.55 -3.28 0.93
C PRO A 29 -8.46 -3.93 1.96
N GLN A 30 -8.63 -5.24 1.86
CA GLN A 30 -9.59 -5.95 2.70
C GLN A 30 -9.01 -6.25 4.09
N GLY A 31 -8.63 -5.19 4.80
CA GLY A 31 -8.17 -5.34 6.16
C GLY A 31 -6.66 -5.43 6.27
N GLN A 32 -6.02 -6.05 5.30
CA GLN A 32 -4.58 -6.25 5.34
C GLN A 32 -3.90 -5.43 4.24
N LYS A 33 -2.64 -5.76 3.96
CA LYS A 33 -1.88 -5.16 2.87
C LYS A 33 -0.51 -5.81 2.74
N VAL A 34 0.46 -5.34 3.52
CA VAL A 34 1.79 -5.95 3.56
C VAL A 34 2.31 -5.92 4.99
N GLN A 35 2.94 -4.80 5.36
CA GLN A 35 3.48 -4.60 6.70
C GLN A 35 3.62 -3.11 6.99
N VAL A 36 4.05 -2.36 5.96
CA VAL A 36 4.26 -0.90 6.02
C VAL A 36 4.98 -0.45 7.29
N ILE A 37 6.30 -0.36 7.19
CA ILE A 37 7.13 -0.04 8.35
C ILE A 37 7.19 1.47 8.58
N SER A 38 7.63 2.20 7.57
CA SER A 38 7.79 3.65 7.67
C SER A 38 7.99 4.25 6.30
N GLU A 39 7.93 5.57 6.21
CA GLU A 39 8.02 6.25 4.94
C GLU A 39 9.16 7.27 4.94
N ASN A 40 9.55 7.66 3.74
CA ASN A 40 10.57 8.67 3.56
C ASN A 40 10.36 9.37 2.22
N SER A 41 10.04 10.66 2.29
CA SER A 41 9.93 11.50 1.11
C SER A 41 8.71 11.11 0.27
N GLY A 42 7.71 10.53 0.90
CA GLY A 42 6.46 10.23 0.19
C GLY A 42 6.25 8.75 -0.04
N TRP A 43 7.32 7.98 -0.02
CA TRP A 43 7.21 6.53 -0.21
C TRP A 43 7.51 5.80 1.08
N SER A 44 6.81 4.69 1.30
CA SER A 44 7.02 3.87 2.48
C SER A 44 7.68 2.56 2.09
N LYS A 45 8.72 2.19 2.82
CA LYS A 45 9.47 1.00 2.52
C LYS A 45 8.82 -0.23 3.13
N ILE A 46 8.67 -1.28 2.33
CA ILE A 46 8.20 -2.56 2.83
C ILE A 46 8.99 -3.69 2.19
N ASN A 47 9.24 -4.75 2.95
CA ASN A 47 9.86 -5.93 2.38
C ASN A 47 8.78 -6.95 2.07
N TYR A 48 8.60 -7.24 0.79
CA TYR A 48 7.57 -8.16 0.35
C TYR A 48 8.21 -9.43 -0.18
N ASN A 49 8.08 -10.50 0.60
CA ASN A 49 8.63 -11.80 0.24
C ASN A 49 10.15 -11.72 0.12
N GLY A 50 10.76 -10.90 0.96
CA GLY A 50 12.20 -10.81 1.03
C GLY A 50 12.79 -9.70 0.18
N GLN A 51 12.04 -9.18 -0.79
CA GLN A 51 12.56 -8.11 -1.62
C GLN A 51 12.12 -6.76 -1.10
N THR A 52 12.89 -5.74 -1.42
CA THR A 52 12.60 -4.39 -0.98
C THR A 52 11.66 -3.68 -1.96
N GLY A 53 10.54 -3.21 -1.45
CA GLY A 53 9.59 -2.47 -2.27
C GLY A 53 9.18 -1.18 -1.61
N TYR A 54 8.48 -0.32 -2.35
CA TYR A 54 8.02 0.95 -1.81
C TYR A 54 6.59 1.22 -2.24
N ILE A 55 5.83 1.83 -1.33
CA ILE A 55 4.46 2.24 -1.62
C ILE A 55 4.33 3.75 -1.45
N GLY A 56 3.24 4.32 -1.94
CA GLY A 56 3.08 5.76 -1.88
C GLY A 56 2.03 6.19 -0.88
N THR A 57 2.37 7.17 -0.05
CA THR A 57 1.45 7.68 0.96
C THR A 57 0.26 8.41 0.32
N ARG A 58 0.42 8.78 -0.96
CA ARG A 58 -0.65 9.42 -1.72
C ARG A 58 -1.94 8.59 -1.68
N TYR A 59 -1.81 7.30 -1.99
CA TYR A 59 -2.94 6.40 -1.92
C TYR A 59 -2.64 5.26 -0.96
N LEU A 60 -3.45 5.15 0.09
CA LEU A 60 -3.31 4.09 1.07
C LEU A 60 -4.63 3.82 1.77
N SER A 61 -4.84 2.57 2.17
CA SER A 61 -6.06 2.19 2.85
C SER A 61 -5.77 1.89 4.32
N LYS A 62 -6.44 2.62 5.22
CA LYS A 62 -6.37 2.31 6.64
C LYS A 62 -7.04 0.96 6.88
N LEU A 63 -6.56 0.21 7.85
CA LEU A 63 -6.91 -1.19 7.99
C LEU A 63 -8.30 -1.41 8.60
N GLU A 64 -9.04 -0.34 8.81
CA GLU A 64 -10.41 -0.47 9.31
C GLU A 64 -11.34 -0.84 8.15
N HIS A 65 -11.33 -2.12 7.79
CA HIS A 65 -12.17 -2.63 6.71
C HIS A 65 -12.83 -3.93 7.13
N HIS A 66 -13.77 -4.41 6.33
CA HIS A 66 -14.47 -5.67 6.61
C HIS A 66 -13.58 -6.86 6.28
N HIS A 67 -13.83 -7.97 6.97
CA HIS A 67 -13.16 -9.22 6.69
C HIS A 67 -14.17 -10.28 6.29
N HIS A 68 -13.66 -11.41 5.79
CA HIS A 68 -14.51 -12.50 5.28
C HIS A 68 -15.19 -12.09 3.98
N HIS A 69 -14.50 -12.32 2.88
CA HIS A 69 -15.01 -12.01 1.56
C HIS A 69 -15.09 -13.29 0.73
N HIS A 70 -16.22 -13.54 0.12
CA HIS A 70 -16.36 -14.70 -0.76
C HIS A 70 -16.78 -14.26 -2.15
N MET A 1 7.20 2.66 13.92
CA MET A 1 7.63 4.06 13.76
C MET A 1 6.57 5.02 14.28
N ILE A 2 5.33 4.84 13.82
CA ILE A 2 4.22 5.75 14.15
C ILE A 2 4.40 7.10 13.46
N GLY A 3 3.34 7.60 12.86
CA GLY A 3 3.44 8.81 12.07
C GLY A 3 3.57 8.47 10.61
N ASP A 4 2.54 7.83 10.07
CA ASP A 4 2.55 7.31 8.71
C ASP A 4 2.66 8.42 7.67
N TYR A 5 1.54 8.99 7.26
CA TYR A 5 1.55 9.98 6.20
C TYR A 5 0.18 10.65 6.08
N TYR A 6 -0.81 9.87 5.66
CA TYR A 6 -2.15 10.40 5.46
C TYR A 6 -3.15 9.25 5.50
N ILE A 7 -3.12 8.39 4.47
CA ILE A 7 -3.95 7.18 4.41
C ILE A 7 -5.43 7.48 4.18
N ASN A 8 -6.09 6.63 3.41
CA ASN A 8 -7.50 6.80 3.07
C ASN A 8 -8.33 5.66 3.70
N ALA A 9 -8.72 5.86 4.96
CA ALA A 9 -9.63 4.98 5.67
C ALA A 9 -9.03 3.60 5.95
N SER A 10 -9.09 2.71 4.96
CA SER A 10 -8.74 1.30 5.16
C SER A 10 -7.24 1.07 5.12
N ALA A 11 -6.62 1.36 3.97
CA ALA A 11 -5.19 1.13 3.76
C ALA A 11 -4.81 -0.36 3.84
N LEU A 12 -3.51 -0.63 3.67
CA LEU A 12 -2.94 -1.98 3.85
C LEU A 12 -3.46 -3.00 2.84
N ASN A 13 -4.32 -2.56 1.92
CA ASN A 13 -4.96 -3.46 0.95
C ASN A 13 -4.60 -3.09 -0.49
N VAL A 14 -3.65 -2.18 -0.66
CA VAL A 14 -3.37 -1.60 -1.96
C VAL A 14 -2.83 -2.63 -2.94
N ARG A 15 -1.69 -3.23 -2.59
CA ARG A 15 -0.98 -4.17 -3.44
C ARG A 15 -0.44 -3.47 -4.70
N SER A 16 0.63 -2.69 -4.51
CA SER A 16 1.37 -2.06 -5.61
C SER A 16 0.47 -1.32 -6.61
N GLY A 17 -0.64 -0.78 -6.11
CA GLY A 17 -1.55 -0.04 -6.96
C GLY A 17 -1.08 1.38 -7.20
N GLU A 18 -0.03 1.76 -6.49
CA GLU A 18 0.56 3.09 -6.64
C GLU A 18 2.04 3.03 -6.33
N GLY A 19 2.86 3.14 -7.37
CA GLY A 19 4.29 3.09 -7.21
C GLY A 19 4.99 2.99 -8.55
N THR A 20 6.30 2.80 -8.52
CA THR A 20 7.09 2.69 -9.74
C THR A 20 7.04 1.27 -10.30
N ASN A 21 6.78 0.31 -9.42
CA ASN A 21 6.72 -1.09 -9.80
C ASN A 21 5.37 -1.65 -9.38
N TYR A 22 4.72 -2.36 -10.27
CA TYR A 22 3.37 -2.83 -10.03
C TYR A 22 3.36 -4.30 -9.61
N ARG A 23 4.54 -4.85 -9.39
CA ARG A 23 4.68 -6.24 -8.99
C ARG A 23 5.26 -6.37 -7.58
N ILE A 24 5.58 -5.23 -6.95
CA ILE A 24 6.28 -5.24 -5.67
C ILE A 24 5.32 -5.30 -4.48
N ILE A 25 4.01 -5.35 -4.77
CA ILE A 25 2.97 -5.53 -3.74
C ILE A 25 2.87 -4.31 -2.82
N GLY A 26 1.86 -4.30 -1.95
CA GLY A 26 1.71 -3.24 -0.98
C GLY A 26 0.45 -3.45 -0.18
N ALA A 27 0.29 -4.67 0.31
CA ALA A 27 -0.95 -5.06 0.97
C ALA A 27 -0.76 -6.34 1.78
N LEU A 28 -1.51 -6.43 2.85
CA LEU A 28 -1.58 -7.66 3.64
C LEU A 28 -3.04 -8.02 3.84
N PRO A 29 -3.72 -8.41 2.76
CA PRO A 29 -5.16 -8.55 2.71
C PRO A 29 -5.63 -9.91 3.24
N GLN A 30 -5.43 -10.11 4.55
CA GLN A 30 -5.89 -11.29 5.27
C GLN A 30 -5.13 -12.55 4.88
N GLY A 31 -4.45 -13.14 5.84
CA GLY A 31 -3.64 -14.32 5.58
C GLY A 31 -2.18 -14.00 5.62
N GLN A 32 -1.90 -12.71 5.75
CA GLN A 32 -0.53 -12.22 5.83
C GLN A 32 -0.51 -10.98 6.72
N LYS A 33 0.45 -10.90 7.63
CA LYS A 33 0.57 -9.74 8.50
C LYS A 33 1.97 -9.17 8.46
N VAL A 34 2.18 -8.20 7.58
CA VAL A 34 3.43 -7.46 7.55
C VAL A 34 3.24 -6.11 8.24
N GLN A 35 4.29 -5.34 8.35
CA GLN A 35 4.19 -4.05 9.04
C GLN A 35 4.96 -2.98 8.28
N VAL A 36 4.45 -1.76 8.33
CA VAL A 36 5.11 -0.63 7.69
C VAL A 36 6.28 -0.15 8.53
N ILE A 37 7.49 -0.33 8.01
CA ILE A 37 8.69 0.03 8.74
C ILE A 37 8.83 1.54 8.81
N SER A 38 8.84 2.18 7.65
CA SER A 38 9.01 3.61 7.56
C SER A 38 8.75 4.11 6.14
N GLU A 39 8.59 5.41 6.03
CA GLU A 39 8.36 6.04 4.74
C GLU A 39 9.49 7.01 4.43
N ASN A 40 9.53 7.50 3.20
CA ASN A 40 10.52 8.50 2.80
C ASN A 40 10.24 9.01 1.40
N SER A 41 10.07 10.32 1.28
CA SER A 41 9.95 10.98 -0.01
C SER A 41 8.60 10.65 -0.65
N GLY A 42 7.58 10.46 0.18
CA GLY A 42 6.25 10.21 -0.32
C GLY A 42 5.89 8.74 -0.32
N TRP A 43 6.87 7.90 -0.60
CA TRP A 43 6.63 6.47 -0.67
C TRP A 43 7.09 5.79 0.61
N SER A 44 6.51 4.64 0.89
CA SER A 44 6.85 3.89 2.08
C SER A 44 7.60 2.62 1.70
N LYS A 45 8.61 2.29 2.48
CA LYS A 45 9.43 1.14 2.22
C LYS A 45 8.87 -0.11 2.90
N ILE A 46 8.73 -1.16 2.12
CA ILE A 46 8.22 -2.43 2.64
C ILE A 46 9.06 -3.59 2.13
N ASN A 47 9.25 -4.58 2.98
CA ASN A 47 9.92 -5.80 2.57
C ASN A 47 8.90 -6.93 2.52
N TYR A 48 8.66 -7.44 1.33
CA TYR A 48 7.63 -8.44 1.14
C TYR A 48 8.22 -9.70 0.52
N ASN A 49 8.27 -10.76 1.32
CA ASN A 49 8.73 -12.08 0.84
C ASN A 49 10.16 -11.99 0.32
N GLY A 50 10.96 -11.14 0.95
CA GLY A 50 12.38 -11.07 0.63
C GLY A 50 12.71 -10.01 -0.41
N GLN A 51 11.69 -9.36 -0.96
CA GLN A 51 11.92 -8.30 -1.94
C GLN A 51 11.38 -6.98 -1.43
N THR A 52 11.91 -5.89 -1.95
CA THR A 52 11.57 -4.56 -1.45
C THR A 52 10.52 -3.90 -2.35
N GLY A 53 9.45 -3.43 -1.74
CA GLY A 53 8.41 -2.75 -2.48
C GLY A 53 8.28 -1.30 -2.05
N TYR A 54 7.62 -0.49 -2.89
CA TYR A 54 7.36 0.89 -2.56
C TYR A 54 5.94 1.27 -2.99
N ILE A 55 5.26 2.02 -2.15
CA ILE A 55 3.90 2.45 -2.45
C ILE A 55 3.69 3.91 -2.09
N GLY A 56 2.74 4.55 -2.74
CA GLY A 56 2.40 5.92 -2.41
C GLY A 56 1.66 6.00 -1.09
N THR A 57 2.31 6.55 -0.08
CA THR A 57 1.75 6.60 1.26
C THR A 57 0.74 7.74 1.41
N ARG A 58 0.60 8.55 0.35
CA ARG A 58 -0.33 9.68 0.38
C ARG A 58 -1.75 9.18 0.58
N TYR A 59 -2.17 8.25 -0.28
CA TYR A 59 -3.46 7.63 -0.16
C TYR A 59 -3.33 6.12 -0.24
N LEU A 60 -3.73 5.46 0.83
CA LEU A 60 -3.74 4.01 0.87
C LEU A 60 -5.18 3.52 0.97
N SER A 61 -5.56 2.63 0.07
CA SER A 61 -6.94 2.20 -0.05
C SER A 61 -7.01 0.76 -0.52
N LYS A 62 -8.14 0.11 -0.30
CA LYS A 62 -8.32 -1.27 -0.74
C LYS A 62 -8.57 -1.32 -2.24
N LEU A 63 -7.63 -1.91 -2.98
CA LEU A 63 -7.81 -2.07 -4.42
C LEU A 63 -8.32 -3.47 -4.74
N GLU A 64 -7.52 -4.48 -4.47
CA GLU A 64 -7.88 -5.85 -4.78
C GLU A 64 -7.07 -6.84 -3.96
N HIS A 65 -7.49 -8.10 -3.97
CA HIS A 65 -6.80 -9.14 -3.21
C HIS A 65 -6.40 -10.30 -4.13
N HIS A 66 -6.52 -10.09 -5.44
CA HIS A 66 -6.09 -11.06 -6.41
C HIS A 66 -5.91 -10.39 -7.77
N HIS A 67 -4.83 -10.72 -8.47
CA HIS A 67 -4.55 -10.10 -9.76
C HIS A 67 -4.18 -11.13 -10.81
N HIS A 68 -2.98 -11.70 -10.68
CA HIS A 68 -2.38 -12.59 -11.68
C HIS A 68 -1.98 -11.79 -12.92
N HIS A 69 -0.70 -11.84 -13.26
CA HIS A 69 -0.20 -11.16 -14.44
C HIS A 69 -0.62 -11.90 -15.70
N HIS A 70 -1.34 -11.22 -16.57
CA HIS A 70 -1.80 -11.81 -17.83
C HIS A 70 -0.61 -12.03 -18.76
N MET A 1 -6.91 20.01 1.84
CA MET A 1 -8.08 20.92 1.87
C MET A 1 -9.08 20.54 0.78
N ILE A 2 -8.67 20.65 -0.48
CA ILE A 2 -9.55 20.37 -1.61
C ILE A 2 -8.86 19.57 -2.69
N GLY A 3 -7.72 18.96 -2.36
CA GLY A 3 -6.97 18.20 -3.34
C GLY A 3 -7.17 16.70 -3.20
N ASP A 4 -7.72 16.29 -2.06
CA ASP A 4 -7.93 14.87 -1.79
C ASP A 4 -9.19 14.37 -2.49
N TYR A 5 -9.01 13.63 -3.58
CA TYR A 5 -10.14 13.05 -4.31
C TYR A 5 -10.02 11.54 -4.38
N TYR A 6 -11.12 10.85 -4.08
CA TYR A 6 -11.16 9.38 -4.10
C TYR A 6 -10.12 8.80 -3.16
N ILE A 7 -10.49 8.66 -1.90
CA ILE A 7 -9.54 8.27 -0.87
C ILE A 7 -9.33 6.76 -0.84
N ASN A 8 -8.35 6.30 -1.62
CA ASN A 8 -7.82 4.94 -1.53
C ASN A 8 -8.77 3.88 -2.10
N ALA A 9 -9.93 3.72 -1.46
CA ALA A 9 -10.86 2.64 -1.77
C ALA A 9 -10.20 1.28 -1.52
N SER A 10 -10.78 0.22 -2.05
CA SER A 10 -10.19 -1.11 -1.89
C SER A 10 -9.37 -1.49 -3.13
N ALA A 11 -9.00 -0.49 -3.92
CA ALA A 11 -8.26 -0.73 -5.15
C ALA A 11 -6.77 -0.44 -4.98
N LEU A 12 -6.40 0.84 -5.10
CA LEU A 12 -4.99 1.22 -5.07
C LEU A 12 -4.46 1.19 -3.64
N ASN A 13 -3.88 0.06 -3.25
CA ASN A 13 -3.37 -0.09 -1.89
C ASN A 13 -1.86 -0.32 -1.88
N VAL A 14 -1.41 -1.37 -2.55
CA VAL A 14 -0.02 -1.76 -2.52
C VAL A 14 0.58 -1.76 -3.93
N ARG A 15 0.14 -0.79 -4.74
CA ARG A 15 0.55 -0.72 -6.14
C ARG A 15 1.98 -0.20 -6.29
N SER A 16 2.83 -0.52 -5.32
CA SER A 16 4.22 -0.05 -5.30
C SER A 16 4.25 1.48 -5.25
N GLY A 17 3.30 2.03 -4.50
CA GLY A 17 3.18 3.47 -4.41
C GLY A 17 2.25 4.01 -5.46
N GLU A 18 2.58 3.74 -6.72
CA GLU A 18 1.79 4.16 -7.85
C GLU A 18 2.18 3.33 -9.05
N GLY A 19 1.41 3.41 -10.13
CA GLY A 19 1.67 2.62 -11.31
C GLY A 19 2.87 3.10 -12.11
N THR A 20 3.90 3.57 -11.41
CA THR A 20 5.14 3.96 -12.05
C THR A 20 6.08 2.75 -12.12
N ASN A 21 6.00 1.91 -11.10
CA ASN A 21 6.80 0.69 -11.04
C ASN A 21 5.95 -0.42 -10.42
N TYR A 22 4.78 -0.60 -11.00
CA TYR A 22 3.73 -1.50 -10.47
C TYR A 22 4.16 -2.97 -10.43
N ARG A 23 5.33 -3.27 -10.97
CA ARG A 23 5.79 -4.65 -11.10
C ARG A 23 6.19 -5.25 -9.76
N ILE A 24 6.30 -4.43 -8.74
CA ILE A 24 6.77 -4.88 -7.43
C ILE A 24 5.72 -5.75 -6.72
N ILE A 25 4.51 -5.25 -6.54
CA ILE A 25 3.48 -5.99 -5.82
C ILE A 25 2.14 -5.90 -6.54
N GLY A 26 1.39 -4.83 -6.29
CA GLY A 26 0.10 -4.66 -6.94
C GLY A 26 -1.03 -4.45 -5.95
N ALA A 27 -2.27 -4.51 -6.43
CA ALA A 27 -3.42 -4.28 -5.56
C ALA A 27 -3.81 -5.56 -4.83
N LEU A 28 -3.27 -5.73 -3.63
CA LEU A 28 -3.60 -6.86 -2.78
C LEU A 28 -3.26 -6.52 -1.32
N PRO A 29 -4.20 -5.90 -0.60
CA PRO A 29 -4.00 -5.49 0.78
C PRO A 29 -4.01 -6.67 1.75
N GLN A 30 -2.95 -7.45 1.72
CA GLN A 30 -2.76 -8.55 2.66
C GLN A 30 -1.35 -9.09 2.58
N GLY A 31 -0.52 -8.65 3.51
CA GLY A 31 0.84 -9.14 3.57
C GLY A 31 1.08 -9.90 4.86
N GLN A 32 2.19 -10.62 4.94
CA GLN A 32 2.51 -11.38 6.13
C GLN A 32 3.09 -10.47 7.22
N LYS A 33 2.19 -9.78 7.92
CA LYS A 33 2.54 -8.84 8.98
C LYS A 33 3.45 -7.73 8.45
N VAL A 34 2.90 -6.95 7.52
CA VAL A 34 3.62 -5.83 6.94
C VAL A 34 2.63 -4.74 6.49
N GLN A 35 2.84 -3.52 6.97
CA GLN A 35 2.03 -2.38 6.56
C GLN A 35 2.92 -1.20 6.23
N VAL A 36 3.57 -0.65 7.25
CA VAL A 36 4.45 0.51 7.08
C VAL A 36 5.68 0.36 7.98
N ILE A 37 6.86 0.47 7.40
CA ILE A 37 8.09 0.42 8.19
C ILE A 37 8.83 1.75 8.15
N SER A 38 9.17 2.22 6.95
CA SER A 38 9.88 3.48 6.81
C SER A 38 9.37 4.25 5.62
N GLU A 39 9.54 5.55 5.66
CA GLU A 39 9.01 6.43 4.64
C GLU A 39 10.14 7.10 3.87
N ASN A 40 10.01 7.14 2.55
CA ASN A 40 10.98 7.83 1.70
C ASN A 40 10.36 9.11 1.18
N SER A 41 11.17 9.89 0.49
CA SER A 41 10.69 11.08 -0.19
C SER A 41 9.83 10.70 -1.40
N GLY A 42 8.62 10.26 -1.12
CA GLY A 42 7.68 9.94 -2.17
C GLY A 42 6.80 8.78 -1.80
N TRP A 43 7.40 7.63 -1.56
CA TRP A 43 6.68 6.44 -1.15
C TRP A 43 7.26 5.87 0.12
N SER A 44 6.50 5.02 0.78
CA SER A 44 6.95 4.35 1.98
C SER A 44 7.47 2.97 1.61
N LYS A 45 8.66 2.66 2.08
CA LYS A 45 9.29 1.40 1.77
C LYS A 45 8.95 0.34 2.81
N ILE A 46 8.53 -0.82 2.34
CA ILE A 46 8.22 -1.93 3.23
C ILE A 46 8.73 -3.24 2.65
N ASN A 47 9.12 -4.16 3.52
CA ASN A 47 9.51 -5.48 3.06
C ASN A 47 8.27 -6.33 2.86
N TYR A 48 7.99 -6.66 1.62
CA TYR A 48 6.75 -7.32 1.27
C TYR A 48 7.01 -8.76 0.88
N ASN A 49 6.78 -9.67 1.82
CA ASN A 49 6.93 -11.11 1.59
C ASN A 49 8.35 -11.44 1.13
N GLY A 50 9.33 -10.80 1.74
CA GLY A 50 10.72 -11.10 1.47
C GLY A 50 11.36 -10.19 0.43
N GLN A 51 10.56 -9.48 -0.36
CA GLN A 51 11.12 -8.55 -1.34
C GLN A 51 10.80 -7.11 -0.96
N THR A 52 11.63 -6.18 -1.41
CA THR A 52 11.45 -4.77 -1.10
C THR A 52 10.32 -4.17 -1.94
N GLY A 53 9.29 -3.68 -1.27
CA GLY A 53 8.16 -3.09 -1.95
C GLY A 53 7.93 -1.66 -1.52
N TYR A 54 6.97 -1.00 -2.16
CA TYR A 54 6.66 0.39 -1.84
C TYR A 54 5.16 0.61 -1.76
N ILE A 55 4.78 1.58 -0.95
CA ILE A 55 3.40 2.01 -0.83
C ILE A 55 3.32 3.52 -0.78
N GLY A 56 2.26 4.09 -1.32
CA GLY A 56 2.15 5.53 -1.42
C GLY A 56 1.59 6.13 -0.16
N THR A 57 1.83 7.42 0.04
CA THR A 57 1.31 8.12 1.19
C THR A 57 -0.19 8.33 1.05
N ARG A 58 -0.62 8.69 -0.15
CA ARG A 58 -2.01 8.93 -0.44
C ARG A 58 -2.76 7.61 -0.59
N TYR A 59 -2.23 6.74 -1.43
CA TYR A 59 -2.83 5.45 -1.66
C TYR A 59 -1.95 4.38 -1.01
N LEU A 60 -2.55 3.68 -0.08
CA LEU A 60 -1.82 2.82 0.84
C LEU A 60 -2.77 1.73 1.31
N SER A 61 -2.24 0.60 1.76
CA SER A 61 -3.10 -0.48 2.18
C SER A 61 -3.61 -0.26 3.59
N LYS A 62 -4.93 -0.14 3.71
CA LYS A 62 -5.59 0.01 4.99
C LYS A 62 -6.69 -1.02 5.13
N LEU A 63 -6.50 -1.93 6.06
CA LEU A 63 -7.44 -3.04 6.27
C LEU A 63 -8.78 -2.52 6.78
N GLU A 64 -8.73 -1.49 7.61
CA GLU A 64 -9.95 -0.96 8.19
C GLU A 64 -10.24 0.42 7.60
N HIS A 65 -10.67 0.43 6.35
CA HIS A 65 -11.16 1.63 5.70
C HIS A 65 -12.52 1.32 5.09
N HIS A 66 -12.97 0.10 5.36
CA HIS A 66 -14.22 -0.41 4.82
C HIS A 66 -14.91 -1.29 5.85
N HIS A 67 -15.93 -0.74 6.49
CA HIS A 67 -16.75 -1.51 7.41
C HIS A 67 -17.49 -2.61 6.67
N HIS A 68 -17.91 -3.64 7.38
CA HIS A 68 -18.60 -4.76 6.75
C HIS A 68 -20.00 -4.94 7.32
N HIS A 69 -20.99 -4.51 6.56
CA HIS A 69 -22.37 -4.76 6.92
C HIS A 69 -22.72 -6.17 6.48
N HIS A 70 -23.62 -6.83 7.22
CA HIS A 70 -23.92 -8.25 7.02
C HIS A 70 -22.80 -9.10 7.60
N MET A 1 -6.81 14.89 -20.96
CA MET A 1 -7.31 14.16 -19.77
C MET A 1 -7.55 12.69 -20.12
N ILE A 2 -6.88 11.81 -19.39
CA ILE A 2 -7.01 10.37 -19.61
C ILE A 2 -7.18 9.64 -18.28
N GLY A 3 -6.78 10.31 -17.21
CA GLY A 3 -6.82 9.72 -15.88
C GLY A 3 -5.99 10.56 -14.95
N ASP A 4 -6.25 11.85 -15.00
CA ASP A 4 -5.39 12.85 -14.38
C ASP A 4 -5.69 13.00 -12.90
N TYR A 5 -4.71 13.49 -12.16
CA TYR A 5 -4.83 13.72 -10.72
C TYR A 5 -5.08 12.43 -9.97
N TYR A 6 -4.05 11.62 -9.84
CA TYR A 6 -4.13 10.42 -9.05
C TYR A 6 -3.57 10.69 -7.66
N ILE A 7 -4.48 10.95 -6.72
CA ILE A 7 -4.09 11.38 -5.39
C ILE A 7 -5.07 10.86 -4.33
N ASN A 8 -4.66 9.78 -3.65
CA ASN A 8 -5.42 9.18 -2.56
C ASN A 8 -6.74 8.59 -3.04
N ALA A 9 -7.78 9.42 -3.11
CA ALA A 9 -9.11 8.97 -3.47
C ALA A 9 -9.55 7.83 -2.56
N SER A 10 -10.44 6.99 -3.05
CA SER A 10 -10.81 5.78 -2.34
C SER A 10 -10.59 4.57 -3.23
N ALA A 11 -9.34 4.13 -3.30
CA ALA A 11 -8.97 3.01 -4.16
C ALA A 11 -7.87 2.18 -3.50
N LEU A 12 -7.61 1.02 -4.07
CA LEU A 12 -6.62 0.11 -3.52
C LEU A 12 -5.44 -0.06 -4.48
N ASN A 13 -4.26 0.32 -4.01
CA ASN A 13 -3.05 0.21 -4.81
C ASN A 13 -2.46 -1.20 -4.71
N VAL A 14 -2.92 -1.93 -3.70
CA VAL A 14 -2.34 -3.23 -3.34
C VAL A 14 -2.59 -4.31 -4.38
N ARG A 15 -3.47 -4.07 -5.33
CA ARG A 15 -3.70 -5.04 -6.38
C ARG A 15 -2.99 -4.62 -7.65
N SER A 16 -1.65 -4.63 -7.58
CA SER A 16 -0.78 -4.27 -8.70
C SER A 16 -1.22 -2.96 -9.35
N GLY A 17 -1.48 -1.95 -8.51
CA GLY A 17 -1.99 -0.68 -9.00
C GLY A 17 -0.93 0.14 -9.70
N GLU A 18 -0.25 0.99 -8.93
CA GLU A 18 0.72 1.92 -9.51
C GLU A 18 1.67 2.44 -8.43
N GLY A 19 2.92 2.03 -8.52
CA GLY A 19 3.93 2.46 -7.58
C GLY A 19 5.31 2.11 -8.08
N THR A 20 6.31 2.19 -7.21
CA THR A 20 7.66 1.82 -7.60
C THR A 20 7.76 0.31 -7.79
N ASN A 21 7.17 -0.44 -6.86
CA ASN A 21 7.06 -1.88 -6.98
C ASN A 21 5.60 -2.28 -6.96
N TYR A 22 5.00 -2.33 -8.14
CA TYR A 22 3.57 -2.58 -8.27
C TYR A 22 3.32 -3.96 -8.87
N ARG A 23 4.38 -4.77 -8.94
CA ARG A 23 4.34 -6.07 -9.61
C ARG A 23 3.10 -6.88 -9.25
N ILE A 24 2.91 -7.17 -7.98
CA ILE A 24 1.77 -7.95 -7.53
C ILE A 24 0.92 -7.16 -6.52
N ILE A 25 1.53 -6.17 -5.89
CA ILE A 25 0.91 -5.47 -4.76
C ILE A 25 1.12 -3.97 -4.84
N GLY A 26 0.89 -3.27 -3.73
CA GLY A 26 1.07 -1.84 -3.70
C GLY A 26 0.68 -1.22 -2.36
N ALA A 27 -0.62 -1.03 -2.16
CA ALA A 27 -1.12 -0.35 -0.97
C ALA A 27 -1.03 -1.23 0.27
N LEU A 28 -1.30 -0.63 1.42
CA LEU A 28 -1.33 -1.35 2.68
C LEU A 28 -2.78 -1.44 3.19
N PRO A 29 -3.52 -2.49 2.79
CA PRO A 29 -4.93 -2.66 3.18
C PRO A 29 -5.09 -2.97 4.68
N GLN A 30 -4.43 -4.03 5.13
CA GLN A 30 -4.39 -4.37 6.54
C GLN A 30 -2.95 -4.33 7.03
N GLY A 31 -2.05 -4.81 6.19
CA GLY A 31 -0.64 -4.78 6.51
C GLY A 31 -0.15 -6.11 7.07
N GLN A 32 -1.06 -7.08 7.13
CA GLN A 32 -0.77 -8.37 7.74
C GLN A 32 0.05 -9.24 6.79
N LYS A 33 1.28 -8.83 6.53
CA LYS A 33 2.22 -9.55 5.68
C LYS A 33 3.53 -8.79 5.59
N VAL A 34 3.43 -7.50 5.29
CA VAL A 34 4.60 -6.64 5.18
C VAL A 34 4.82 -5.86 6.47
N GLN A 35 3.73 -5.40 7.07
CA GLN A 35 3.75 -4.63 8.32
C GLN A 35 4.47 -3.28 8.13
N VAL A 36 4.45 -2.45 9.17
CA VAL A 36 5.05 -1.12 9.07
C VAL A 36 6.54 -1.17 9.41
N ILE A 37 7.35 -0.73 8.46
CA ILE A 37 8.79 -0.66 8.67
C ILE A 37 9.23 0.78 8.83
N SER A 38 8.87 1.63 7.87
CA SER A 38 9.16 3.06 7.95
C SER A 38 8.33 3.84 6.95
N GLU A 39 8.02 5.07 7.30
CA GLU A 39 7.21 5.95 6.45
C GLU A 39 8.00 7.18 6.06
N ASN A 40 7.80 7.64 4.85
CA ASN A 40 8.44 8.85 4.38
C ASN A 40 7.40 9.81 3.87
N SER A 41 7.84 10.99 3.53
CA SER A 41 7.01 11.97 2.91
C SER A 41 6.97 11.74 1.40
N GLY A 42 6.16 10.79 0.99
CA GLY A 42 6.00 10.50 -0.41
C GLY A 42 5.92 9.01 -0.68
N TRP A 43 6.90 8.27 -0.20
CA TRP A 43 6.94 6.83 -0.39
C TRP A 43 6.94 6.11 0.95
N SER A 44 6.44 4.90 0.96
CA SER A 44 6.49 4.07 2.15
C SER A 44 7.43 2.91 1.90
N LYS A 45 8.46 2.84 2.72
CA LYS A 45 9.49 1.85 2.56
C LYS A 45 9.09 0.53 3.18
N ILE A 46 9.06 -0.51 2.37
CA ILE A 46 8.57 -1.81 2.80
C ILE A 46 9.39 -2.94 2.19
N ASN A 47 9.42 -4.07 2.89
CA ASN A 47 10.01 -5.28 2.37
C ASN A 47 8.93 -6.34 2.27
N TYR A 48 8.61 -6.73 1.05
CA TYR A 48 7.46 -7.59 0.82
C TYR A 48 7.89 -8.92 0.19
N ASN A 49 7.71 -10.00 0.94
CA ASN A 49 7.99 -11.35 0.43
C ASN A 49 9.45 -11.48 0.00
N GLY A 50 10.34 -10.79 0.71
CA GLY A 50 11.76 -10.92 0.44
C GLY A 50 12.30 -9.88 -0.53
N GLN A 51 11.42 -9.16 -1.20
CA GLN A 51 11.88 -8.13 -2.12
C GLN A 51 11.71 -6.74 -1.53
N THR A 52 12.59 -5.85 -1.90
CA THR A 52 12.55 -4.47 -1.44
C THR A 52 11.63 -3.66 -2.34
N GLY A 53 10.55 -3.14 -1.78
CA GLY A 53 9.59 -2.41 -2.58
C GLY A 53 9.28 -1.05 -2.02
N TYR A 54 8.96 -0.12 -2.89
CA TYR A 54 8.53 1.19 -2.47
C TYR A 54 7.21 1.53 -3.15
N ILE A 55 6.31 2.15 -2.41
CA ILE A 55 5.04 2.57 -2.96
C ILE A 55 4.71 3.98 -2.50
N GLY A 56 3.83 4.64 -3.22
CA GLY A 56 3.49 6.00 -2.88
C GLY A 56 2.52 6.07 -1.72
N THR A 57 2.89 6.79 -0.68
CA THR A 57 2.04 7.00 0.50
C THR A 57 0.74 7.70 0.09
N ARG A 58 0.79 8.34 -1.08
CA ARG A 58 -0.37 9.02 -1.64
C ARG A 58 -1.44 8.02 -2.09
N TYR A 59 -1.10 6.73 -2.07
CA TYR A 59 -2.09 5.69 -2.30
C TYR A 59 -1.96 4.61 -1.24
N LEU A 60 -2.99 4.49 -0.42
CA LEU A 60 -3.03 3.51 0.66
C LEU A 60 -4.47 3.21 1.04
N SER A 61 -4.65 2.26 1.93
CA SER A 61 -5.96 2.01 2.49
C SER A 61 -5.96 2.47 3.94
N LYS A 62 -6.82 3.43 4.25
CA LYS A 62 -6.86 3.99 5.59
C LYS A 62 -8.24 3.76 6.21
N LEU A 63 -8.44 2.56 6.69
CA LEU A 63 -9.74 2.16 7.20
C LEU A 63 -9.59 1.36 8.50
N GLU A 64 -8.69 0.37 8.47
CA GLU A 64 -8.63 -0.67 9.49
C GLU A 64 -9.98 -1.33 9.63
N HIS A 65 -10.30 -2.21 8.69
CA HIS A 65 -11.61 -2.85 8.65
C HIS A 65 -11.60 -4.14 9.46
N HIS A 66 -12.78 -4.48 10.00
CA HIS A 66 -12.94 -5.60 10.92
C HIS A 66 -12.24 -5.33 12.26
N HIS A 67 -13.02 -4.91 13.23
CA HIS A 67 -12.52 -4.76 14.58
C HIS A 67 -12.59 -6.12 15.26
N HIS A 68 -13.64 -6.87 14.96
CA HIS A 68 -13.75 -8.26 15.34
C HIS A 68 -13.16 -9.14 14.25
N HIS A 69 -12.49 -10.21 14.63
CA HIS A 69 -11.96 -11.16 13.66
C HIS A 69 -12.61 -12.52 13.88
N HIS A 70 -13.88 -12.60 13.47
CA HIS A 70 -14.74 -13.75 13.77
C HIS A 70 -15.09 -13.76 15.26
#